data_6X9D
#
_entry.id   6X9D
#
_cell.length_a   101.320
_cell.length_b   102.140
_cell.length_c   126.460
_cell.angle_alpha   90.000
_cell.angle_beta   106.420
_cell.angle_gamma   90.000
#
_symmetry.space_group_name_H-M   'P 1 21 1'
#
loop_
_entity.id
_entity.type
_entity.pdbx_description
1 polymer 'Bifunctional protein PutA'
2 non-polymer 'FLAVIN-ADENINE DINUCLEOTIDE'
3 non-polymer 4-HYDROXYPROLINE
4 non-polymer 'TRIETHYLENE GLYCOL'
5 non-polymer 'FORMIC ACID'
6 non-polymer NICOTINAMIDE-ADENINE-DINUCLEOTIDE
7 non-polymer 'SULFATE ION'
8 non-polymer 'MAGNESIUM ION'
9 non-polymer DI(HYDROXYETHYL)ETHER
10 water water
#
_entity_poly.entity_id   1
_entity_poly.type   'polypeptide(L)'
_entity_poly.pdbx_seq_one_letter_code
;SMMSPNPLQKPAIDAAPAPFADFAPPVRPQSTLRRAITAAYRRPETECLPPLVEAATQSKEIRDAAASTARKLIEALRGK
HSGSGVEGLVQEYSLSSQEGVALMCLAEALLRIPDTATRDALIRDKIADGNWKSHLGGSRSLFVNAATWGLVVTGKLTST
VNDRSLAAALTRLISRCGEPVIRRGVDMAMRMMGEQFVTGETIREALKRSKELEEKGFSYSYDMLGEAATTAADAERYYR
DYESAIHAIGKASAGRGIYEGPGISIKLSALHPRYSRAQAARVMGELLPRVKALALLAKNYDIGLNIDAEEADRLELSLD
LLEVLCLDGDLSGWNGMGFVVQAYGKRCPFVLDFIIDLARRSGRRIMVRLVKGAYWDAEIKRAQLDGLADFPVFTRKIHT
DVSYIACAAKLLAATDVVFPQFATHNAQTLAAIYHMAGKDFHVGKYEFQCLHGMGEPLYEEVVGRGKLDRPCRIYAPVGT
HETLLAYLVRRLLENGANSSFVHRINDPKVSIDELIADPVEVVRAMPVVGAKHDRIALPAELFGDARTNSAGLDLSNEET
LASLTEALRESAAMKWTALPQLATGPAAGETRTVLNPGDHRDVVGSVTETSEEDARRAVRLAADAAPDWAAVPPSERAAC
LDRAAELMQARMPTLLGLIIREAGKSALNAIAEVREAIDFLRYYAEQTRRTLGPGHGPLGPIVCISPWNFPLAIFTGQIA
AALVAGNPVLAKPAEETPLIAAEGVRILREAGIPASALQLLPGDGRVGAALVAAAETAGVMFTGSTEVARLIQAQLADRL
SPAGRPIPLIAETGGQNAMIVDSSALAEQVVGDVITSAFDSAGQRCSALRVLCLQEDVADRILTMLKGALHELHIGRTDR
LSVDVGPVITSEAKDNIEKHIERMRGLGRKVEQIGLASETGVGTFVPPTIIELEKLSDLQREVFGPVLHVIRYRRDDLDR
LVDDVNATGYGLTFGLHTRLDETIAHVTSRIKAGNLYINRNIIGAVVGVQPFGGRGLSGTGPKAGGPLYLGRLVTTAPVP
PQHSSVHTDPVLLDFAKWLDGKGARAEAEAARNAGSSSALGLDLELPGPVGERNLYTLHARGRILLVPATESGLYHQLAA
ALATGNSVAIDAASGLQASLKNLPQTVGLRVSWSKDWAADGPFAGALVEGDAERIRAVNKAIAALPGPLLLVQAASSGEI
ARNPDAYCLNWLVEEVSASINTAAAGGNASLMAIG
;
_entity_poly.pdbx_strand_id   A,B
#
loop_
_chem_comp.id
_chem_comp.type
_chem_comp.name
_chem_comp.formula
FAD non-polymer 'FLAVIN-ADENINE DINUCLEOTIDE' 'C27 H33 N9 O15 P2'
FMT non-polymer 'FORMIC ACID' 'C H2 O2'
MG non-polymer 'MAGNESIUM ION' 'Mg 2'
NAD non-polymer NICOTINAMIDE-ADENINE-DINUCLEOTIDE 'C21 H27 N7 O14 P2'
PEG non-polymer DI(HYDROXYETHYL)ETHER 'C4 H10 O3'
PGE non-polymer 'TRIETHYLENE GLYCOL' 'C6 H14 O4'
SO4 non-polymer 'SULFATE ION' 'O4 S -2'
#
# COMPACT_ATOMS: atom_id res chain seq x y z
N ALA A 16 -57.56 -20.22 0.72
CA ALA A 16 -56.14 -19.97 0.51
C ALA A 16 -55.93 -18.87 -0.52
N PRO A 17 -55.18 -17.83 -0.15
CA PRO A 17 -54.93 -16.73 -1.09
C PRO A 17 -54.11 -17.20 -2.30
N ALA A 18 -54.46 -16.68 -3.47
CA ALA A 18 -53.76 -17.06 -4.69
C ALA A 18 -52.31 -16.58 -4.64
N PRO A 19 -51.36 -17.40 -5.08
CA PRO A 19 -49.95 -17.00 -4.97
C PRO A 19 -49.67 -15.71 -5.71
N PHE A 20 -48.97 -14.80 -5.02
CA PHE A 20 -48.51 -13.53 -5.56
C PHE A 20 -49.64 -12.60 -5.96
N ALA A 21 -50.87 -12.88 -5.52
CA ALA A 21 -52.00 -12.02 -5.89
C ALA A 21 -51.90 -10.66 -5.21
N ASP A 22 -51.08 -10.52 -4.18
CA ASP A 22 -50.91 -9.27 -3.46
C ASP A 22 -49.42 -9.01 -3.24
N PHE A 23 -48.61 -9.30 -4.25
CA PHE A 23 -47.15 -9.28 -4.06
C PHE A 23 -46.65 -7.89 -3.72
N ALA A 24 -46.96 -6.91 -4.56
CA ALA A 24 -46.45 -5.56 -4.31
C ALA A 24 -47.29 -4.52 -5.02
N PRO A 25 -48.60 -4.46 -4.74
CA PRO A 25 -49.43 -3.45 -5.40
C PRO A 25 -48.96 -2.05 -5.05
N PRO A 26 -48.94 -1.15 -6.01
CA PRO A 26 -48.52 0.23 -5.72
C PRO A 26 -49.51 0.95 -4.83
N VAL A 27 -49.02 2.00 -4.17
CA VAL A 27 -49.87 2.82 -3.31
C VAL A 27 -51.07 3.36 -4.09
N ARG A 28 -50.85 3.77 -5.34
CA ARG A 28 -51.90 4.32 -6.18
C ARG A 28 -51.56 3.99 -7.62
N PRO A 29 -52.54 4.00 -8.52
CA PRO A 29 -52.22 3.85 -9.94
C PRO A 29 -51.23 4.92 -10.36
N GLN A 30 -50.24 4.52 -11.16
CA GLN A 30 -49.16 5.41 -11.54
C GLN A 30 -49.62 6.29 -12.70
N SER A 31 -49.66 7.60 -12.46
CA SER A 31 -50.05 8.56 -13.49
C SER A 31 -48.99 8.63 -14.60
N THR A 32 -49.35 9.28 -15.70
CA THR A 32 -48.39 9.55 -16.77
C THR A 32 -47.15 10.24 -16.21
N LEU A 33 -47.35 11.23 -15.34
CA LEU A 33 -46.22 11.96 -14.78
C LEU A 33 -45.39 11.08 -13.86
N ARG A 34 -46.05 10.25 -13.05
CA ARG A 34 -45.30 9.34 -12.19
C ARG A 34 -44.52 8.31 -13.01
N ARG A 35 -45.13 7.81 -14.10
CA ARG A 35 -44.43 6.80 -14.91
C ARG A 35 -43.20 7.39 -15.60
N ALA A 36 -43.24 8.68 -15.96
CA ALA A 36 -42.06 9.30 -16.57
C ALA A 36 -40.91 9.38 -15.57
N ILE A 37 -41.22 9.62 -14.30
CA ILE A 37 -40.21 9.54 -13.25
C ILE A 37 -39.58 8.16 -13.23
N THR A 38 -40.41 7.12 -13.09
CA THR A 38 -39.88 5.76 -12.97
C THR A 38 -39.05 5.39 -14.19
N ALA A 39 -39.47 5.82 -15.39
CA ALA A 39 -38.75 5.51 -16.61
C ALA A 39 -37.32 6.06 -16.59
N ALA A 40 -37.07 7.13 -15.86
CA ALA A 40 -35.75 7.75 -15.84
C ALA A 40 -34.83 7.20 -14.75
N TYR A 41 -35.32 6.31 -13.90
CA TYR A 41 -34.61 5.86 -12.70
C TYR A 41 -33.13 5.59 -12.96
N ARG A 42 -32.83 4.72 -13.93
CA ARG A 42 -31.45 4.33 -14.22
C ARG A 42 -31.11 4.57 -15.69
N ARG A 43 -31.65 5.62 -16.26
CA ARG A 43 -31.43 5.92 -17.67
C ARG A 43 -29.94 6.14 -17.91
N PRO A 44 -29.40 5.64 -19.02
CA PRO A 44 -27.97 5.87 -19.31
C PRO A 44 -27.61 7.35 -19.23
N GLU A 45 -26.41 7.61 -18.70
CA GLU A 45 -26.00 9.00 -18.47
C GLU A 45 -25.91 9.80 -19.77
N THR A 46 -25.48 9.16 -20.87
CA THR A 46 -25.43 9.86 -22.16
C THR A 46 -26.82 10.31 -22.62
N GLU A 47 -27.86 9.62 -22.19
CA GLU A 47 -29.22 9.99 -22.59
C GLU A 47 -29.81 11.10 -21.72
N CYS A 48 -29.35 11.22 -20.47
CA CYS A 48 -29.91 12.22 -19.57
C CYS A 48 -29.43 13.62 -19.92
N LEU A 49 -28.16 13.74 -20.33
CA LEU A 49 -27.51 15.05 -20.37
C LEU A 49 -28.00 15.97 -21.48
N PRO A 50 -28.18 15.52 -22.73
CA PRO A 50 -28.53 16.47 -23.81
C PRO A 50 -29.74 17.34 -23.48
N PRO A 51 -30.87 16.77 -23.00
CA PRO A 51 -31.99 17.66 -22.65
C PRO A 51 -31.68 18.61 -21.49
N LEU A 52 -30.80 18.21 -20.57
CA LEU A 52 -30.41 19.12 -19.50
C LEU A 52 -29.55 20.26 -20.04
N VAL A 53 -28.61 19.94 -20.93
CA VAL A 53 -27.83 20.98 -21.60
C VAL A 53 -28.75 21.98 -22.31
N GLU A 54 -29.74 21.47 -23.03
CA GLU A 54 -30.65 22.36 -23.74
C GLU A 54 -31.38 23.28 -22.77
N ALA A 55 -31.93 22.71 -21.68
CA ALA A 55 -32.72 23.48 -20.73
C ALA A 55 -31.87 24.50 -19.98
N ALA A 56 -30.59 24.21 -19.78
CA ALA A 56 -29.71 25.05 -18.99
C ALA A 56 -29.01 26.11 -19.82
N THR A 57 -29.21 26.11 -21.13
CA THR A 57 -28.54 27.07 -22.00
C THR A 57 -29.04 28.49 -21.73
N GLN A 58 -28.09 29.45 -21.72
CA GLN A 58 -28.43 30.86 -21.59
C GLN A 58 -27.65 31.68 -22.61
N SER A 59 -28.06 32.94 -22.79
CA SER A 59 -27.46 33.80 -23.79
C SER A 59 -26.01 34.13 -23.43
N LYS A 60 -25.23 34.47 -24.46
CA LYS A 60 -23.85 34.87 -24.24
C LYS A 60 -23.76 36.06 -23.29
N GLU A 61 -24.65 37.03 -23.45
CA GLU A 61 -24.69 38.17 -22.53
C GLU A 61 -24.87 37.69 -21.10
N ILE A 62 -25.83 36.79 -20.87
CA ILE A 62 -26.07 36.30 -19.52
C ILE A 62 -24.87 35.51 -19.01
N ARG A 63 -24.28 34.66 -19.85
CA ARG A 63 -23.13 33.87 -19.40
C ARG A 63 -21.97 34.76 -19.02
N ASP A 64 -21.73 35.83 -19.78
CA ASP A 64 -20.69 36.78 -19.41
C ASP A 64 -21.03 37.49 -18.10
N ALA A 65 -22.29 37.92 -17.94
CA ALA A 65 -22.69 38.57 -16.70
C ALA A 65 -22.58 37.61 -15.52
N ALA A 66 -22.99 36.35 -15.72
CA ALA A 66 -22.91 35.38 -14.63
C ALA A 66 -21.45 35.12 -14.23
N ALA A 67 -20.57 34.98 -15.21
CA ALA A 67 -19.15 34.78 -14.90
C ALA A 67 -18.59 35.97 -14.12
N SER A 68 -18.97 37.18 -14.51
CA SER A 68 -18.51 38.37 -13.78
C SER A 68 -19.01 38.37 -12.35
N THR A 69 -20.30 38.04 -12.16
CA THR A 69 -20.85 37.96 -10.80
C THR A 69 -20.17 36.87 -9.99
N ALA A 70 -19.95 35.69 -10.60
CA ALA A 70 -19.28 34.61 -9.88
C ALA A 70 -17.86 35.00 -9.48
N ARG A 71 -17.14 35.68 -10.38
CA ARG A 71 -15.78 36.12 -10.06
C ARG A 71 -15.80 37.11 -8.88
N LYS A 72 -16.73 38.06 -8.90
CA LYS A 72 -16.83 39.03 -7.82
C LYS A 72 -17.13 38.35 -6.48
N LEU A 73 -18.07 37.40 -6.46
CA LEU A 73 -18.34 36.64 -5.24
C LEU A 73 -17.10 35.89 -4.75
N ILE A 74 -16.41 35.21 -5.67
CA ILE A 74 -15.25 34.40 -5.30
C ILE A 74 -14.10 35.28 -4.84
N GLU A 75 -13.91 36.44 -5.48
CA GLU A 75 -12.88 37.36 -5.03
C GLU A 75 -13.17 37.85 -3.61
N ALA A 76 -14.45 38.08 -3.31
CA ALA A 76 -14.79 38.46 -1.94
C ALA A 76 -14.54 37.31 -0.96
N LEU A 77 -14.91 36.08 -1.35
CA LEU A 77 -14.73 34.93 -0.47
C LEU A 77 -13.25 34.72 -0.14
N ARG A 78 -12.40 34.74 -1.17
CA ARG A 78 -10.97 34.55 -0.93
C ARG A 78 -10.34 35.74 -0.23
N GLY A 79 -10.96 36.92 -0.32
CA GLY A 79 -10.39 38.11 0.27
C GLY A 79 -10.65 38.26 1.75
N LYS A 80 -11.71 37.63 2.27
CA LYS A 80 -11.98 37.64 3.70
C LYS A 80 -11.60 36.32 4.36
N HIS A 81 -11.14 35.34 3.59
CA HIS A 81 -10.84 34.02 4.13
C HIS A 81 -9.66 34.08 5.09
N SER A 82 -9.89 33.67 6.33
CA SER A 82 -8.84 33.55 7.33
C SER A 82 -8.63 32.09 7.67
N GLY A 83 -7.55 31.84 8.42
CA GLY A 83 -7.30 30.49 8.89
C GLY A 83 -8.36 30.04 9.90
N SER A 84 -8.69 28.76 9.84
CA SER A 84 -9.65 28.21 10.78
C SER A 84 -9.05 28.14 12.17
N GLY A 85 -9.93 27.96 13.17
CA GLY A 85 -9.46 27.83 14.53
C GLY A 85 -8.58 26.61 14.72
N VAL A 86 -8.94 25.49 14.09
CA VAL A 86 -8.15 24.28 14.24
C VAL A 86 -6.77 24.46 13.62
N GLU A 87 -6.70 25.11 12.45
CA GLU A 87 -5.41 25.38 11.84
C GLU A 87 -4.53 26.25 12.72
N GLY A 88 -5.11 27.31 13.31
CA GLY A 88 -4.34 28.16 14.20
C GLY A 88 -3.90 27.44 15.46
N LEU A 89 -4.71 26.48 15.91
CA LEU A 89 -4.34 25.67 17.05
C LEU A 89 -3.16 24.76 16.71
N VAL A 90 -3.27 24.04 15.60
CA VAL A 90 -2.16 23.19 15.13
C VAL A 90 -0.89 24.01 14.96
N GLN A 91 -1.01 25.23 14.42
CA GLN A 91 0.17 26.05 14.20
C GLN A 91 0.80 26.51 15.51
N GLU A 92 -0.02 26.98 16.46
CA GLU A 92 0.52 27.58 17.68
C GLU A 92 1.33 26.55 18.48
N TYR A 93 0.84 25.32 18.55
CA TYR A 93 1.48 24.29 19.35
C TYR A 93 2.28 23.29 18.52
N SER A 94 2.50 23.60 17.23
CA SER A 94 3.32 22.76 16.34
C SER A 94 2.85 21.31 16.37
N LEU A 95 1.55 21.11 16.32
CA LEU A 95 0.97 19.78 16.37
C LEU A 95 1.11 19.07 15.03
N SER A 96 1.41 17.77 15.10
CA SER A 96 1.22 16.92 13.94
C SER A 96 -0.28 16.70 13.70
N SER A 97 -0.61 16.10 12.55
CA SER A 97 -2.01 15.80 12.25
C SER A 97 -2.59 14.87 13.31
N GLN A 98 -1.87 13.80 13.64
CA GLN A 98 -2.38 12.86 14.64
C GLN A 98 -2.54 13.54 16.00
N GLU A 99 -1.61 14.43 16.36
CA GLU A 99 -1.78 15.16 17.62
C GLU A 99 -3.00 16.05 17.59
N GLY A 100 -3.23 16.76 16.48
CA GLY A 100 -4.42 17.58 16.37
C GLY A 100 -5.69 16.76 16.52
N VAL A 101 -5.74 15.60 15.85
CA VAL A 101 -6.90 14.72 15.96
C VAL A 101 -7.05 14.23 17.40
N ALA A 102 -5.95 13.77 18.00
CA ALA A 102 -6.01 13.26 19.37
C ALA A 102 -6.46 14.34 20.33
N LEU A 103 -5.99 15.56 20.13
CA LEU A 103 -6.40 16.66 20.98
C LEU A 103 -7.91 16.88 20.89
N MET A 104 -8.46 16.87 19.68
CA MET A 104 -9.90 17.12 19.56
C MET A 104 -10.71 15.99 20.16
N CYS A 105 -10.22 14.74 20.07
CA CYS A 105 -10.89 13.62 20.71
C CYS A 105 -10.87 13.77 22.23
N LEU A 106 -9.73 14.18 22.78
CA LEU A 106 -9.67 14.48 24.22
C LEU A 106 -10.65 15.59 24.59
N ALA A 107 -10.66 16.67 23.81
CA ALA A 107 -11.59 17.76 24.10
C ALA A 107 -13.03 17.26 24.07
N GLU A 108 -13.39 16.50 23.04
CA GLU A 108 -14.72 15.90 22.97
C GLU A 108 -15.04 15.13 24.25
N ALA A 109 -14.10 14.30 24.72
CA ALA A 109 -14.35 13.48 25.90
C ALA A 109 -14.51 14.34 27.14
N LEU A 110 -13.67 15.38 27.27
CA LEU A 110 -13.76 16.29 28.40
C LEU A 110 -15.11 17.01 28.43
N LEU A 111 -15.67 17.29 27.25
CA LEU A 111 -16.96 17.95 27.18
C LEU A 111 -18.13 17.02 27.49
N ARG A 112 -17.88 15.71 27.60
CA ARG A 112 -18.90 14.81 28.13
C ARG A 112 -19.03 14.93 29.64
N ILE A 113 -18.09 15.60 30.30
CA ILE A 113 -18.24 15.96 31.71
C ILE A 113 -19.09 17.23 31.76
N PRO A 114 -20.32 17.15 32.26
CA PRO A 114 -21.22 18.31 32.12
C PRO A 114 -20.84 19.49 33.01
N ASP A 115 -20.33 19.24 34.21
CA ASP A 115 -20.06 20.31 35.15
C ASP A 115 -18.71 20.97 34.80
N THR A 116 -18.74 22.28 34.58
CA THR A 116 -17.55 22.98 34.11
C THR A 116 -16.43 22.96 35.15
N ALA A 117 -16.76 23.17 36.42
CA ALA A 117 -15.74 23.15 37.46
C ALA A 117 -15.08 21.78 37.58
N THR A 118 -15.89 20.72 37.51
CA THR A 118 -15.35 19.36 37.58
C THR A 118 -14.39 19.11 36.43
N ARG A 119 -14.80 19.47 35.21
CA ARG A 119 -13.95 19.27 34.04
C ARG A 119 -12.64 20.05 34.19
N ASP A 120 -12.73 21.32 34.61
CA ASP A 120 -11.54 22.14 34.75
C ASP A 120 -10.59 21.60 35.82
N ALA A 121 -11.14 21.03 36.89
CA ALA A 121 -10.29 20.42 37.91
C ALA A 121 -9.61 19.17 37.38
N LEU A 122 -10.34 18.35 36.64
CA LEU A 122 -9.74 17.17 36.03
C LEU A 122 -8.61 17.55 35.08
N ILE A 123 -8.82 18.58 34.26
CA ILE A 123 -7.76 19.02 33.35
C ILE A 123 -6.54 19.47 34.14
N ARG A 124 -6.76 20.29 35.17
CA ARG A 124 -5.66 20.95 35.86
C ARG A 124 -4.89 19.96 36.74
N ASP A 125 -5.60 19.06 37.42
CA ASP A 125 -4.98 18.21 38.42
C ASP A 125 -4.66 16.81 37.94
N LYS A 126 -5.24 16.35 36.84
CA LYS A 126 -5.06 14.97 36.40
C LYS A 126 -4.61 14.86 34.96
N ILE A 127 -5.35 15.48 34.03
CA ILE A 127 -5.06 15.32 32.60
C ILE A 127 -3.70 15.95 32.26
N ALA A 128 -3.49 17.20 32.71
CA ALA A 128 -2.27 17.90 32.35
C ALA A 128 -1.05 17.28 33.02
N ASP A 129 -1.24 16.73 34.22
CA ASP A 129 -0.15 16.18 35.02
C ASP A 129 -0.01 14.67 34.79
N GLY A 130 0.16 14.31 33.52
CA GLY A 130 0.53 12.95 33.19
C GLY A 130 -0.55 12.11 32.54
N ASN A 131 -0.93 11.02 33.20
CA ASN A 131 -1.71 9.96 32.59
C ASN A 131 -3.15 10.41 32.41
N TRP A 132 -3.53 10.66 31.15
CA TRP A 132 -4.92 10.88 30.79
C TRP A 132 -5.70 9.57 30.76
N LYS A 133 -5.01 8.46 30.49
CA LYS A 133 -5.68 7.17 30.38
C LYS A 133 -6.38 6.81 31.68
N SER A 134 -5.76 7.14 32.82
CA SER A 134 -6.30 6.77 34.12
C SER A 134 -7.66 7.40 34.39
N HIS A 135 -8.07 8.42 33.62
CA HIS A 135 -9.21 9.24 34.00
C HIS A 135 -10.32 9.34 32.96
N LEU A 136 -10.06 9.05 31.69
CA LEU A 136 -11.10 9.23 30.68
C LEU A 136 -11.32 7.99 29.82
N SER A 139 -13.88 2.39 29.42
CA SER A 139 -15.00 1.68 28.80
C SER A 139 -15.21 2.08 27.34
N ARG A 140 -14.90 3.35 27.03
CA ARG A 140 -15.12 3.91 25.70
C ARG A 140 -13.83 4.62 25.28
N SER A 141 -13.24 4.17 24.18
CA SER A 141 -12.03 4.80 23.65
C SER A 141 -12.24 6.30 23.50
N LEU A 142 -11.20 7.07 23.85
CA LEU A 142 -11.24 8.49 23.58
C LEU A 142 -11.46 8.78 22.10
N PHE A 143 -11.11 7.83 21.25
CA PHE A 143 -10.93 8.07 19.84
C PHE A 143 -12.07 7.48 19.00
N VAL A 144 -13.23 7.25 19.62
CA VAL A 144 -14.37 6.67 18.91
C VAL A 144 -14.74 7.49 17.67
N ASN A 145 -14.65 8.81 17.75
CA ASN A 145 -15.03 9.68 16.63
C ASN A 145 -13.82 10.29 15.93
N ALA A 146 -12.65 9.64 16.03
CA ALA A 146 -11.44 10.20 15.43
C ALA A 146 -11.53 10.32 13.92
N ALA A 147 -12.31 9.45 13.25
CA ALA A 147 -12.47 9.58 11.81
C ALA A 147 -13.11 10.93 11.47
N THR A 148 -14.06 11.36 12.30
CA THR A 148 -14.67 12.67 12.09
C THR A 148 -13.67 13.78 12.36
N TRP A 149 -13.00 13.74 13.51
CA TRP A 149 -12.01 14.76 13.81
C TRP A 149 -10.87 14.74 12.79
N GLY A 150 -10.55 13.56 12.26
CA GLY A 150 -9.57 13.50 11.18
C GLY A 150 -9.98 14.33 9.97
N LEU A 151 -11.26 14.24 9.59
CA LEU A 151 -11.75 15.09 8.51
C LEU A 151 -11.62 16.57 8.86
N VAL A 152 -11.89 16.93 10.12
CA VAL A 152 -11.81 18.33 10.53
C VAL A 152 -10.38 18.83 10.46
N VAL A 153 -9.42 18.03 10.93
CA VAL A 153 -8.03 18.46 11.04
C VAL A 153 -7.33 18.39 9.69
N THR A 154 -7.49 17.27 8.98
CA THR A 154 -6.70 17.00 7.78
C THR A 154 -7.46 17.16 6.48
N GLY A 155 -8.79 17.26 6.52
CA GLY A 155 -9.56 17.24 5.30
C GLY A 155 -9.67 15.90 4.62
N LYS A 156 -9.11 14.84 5.22
CA LYS A 156 -9.11 13.51 4.64
C LYS A 156 -9.84 12.54 5.55
N LEU A 157 -10.59 11.62 4.94
CA LEU A 157 -11.34 10.62 5.68
C LEU A 157 -10.53 9.34 5.78
N THR A 158 -10.27 8.90 7.00
CA THR A 158 -9.68 7.59 7.29
C THR A 158 -10.76 6.76 7.97
N SER A 159 -11.11 5.61 7.36
CA SER A 159 -12.33 4.89 7.73
C SER A 159 -12.26 4.29 9.14
N THR A 160 -11.11 3.76 9.55
CA THR A 160 -10.95 3.26 10.91
C THR A 160 -9.87 4.08 11.62
N VAL A 161 -9.82 3.91 12.94
CA VAL A 161 -9.07 4.79 13.82
C VAL A 161 -7.79 4.08 14.28
N ASN A 162 -6.63 4.70 14.05
CA ASN A 162 -5.41 4.09 14.59
C ASN A 162 -5.29 4.58 16.02
N ASP A 163 -5.93 3.86 16.94
CA ASP A 163 -6.02 4.34 18.31
C ASP A 163 -4.70 4.23 19.06
N ARG A 164 -3.79 3.36 18.63
CA ARG A 164 -2.47 3.34 19.27
CA ARG A 164 -2.47 3.34 19.27
C ARG A 164 -1.64 4.54 18.85
N SER A 165 -1.75 4.95 17.58
CA SER A 165 -1.09 6.16 17.11
C SER A 165 -1.66 7.40 17.80
N LEU A 166 -2.98 7.46 17.98
CA LEU A 166 -3.59 8.61 18.63
C LEU A 166 -3.25 8.66 20.11
N ALA A 167 -3.20 7.50 20.76
CA ALA A 167 -2.81 7.48 22.16
C ALA A 167 -1.38 7.97 22.33
N ALA A 168 -0.49 7.54 21.44
CA ALA A 168 0.90 8.01 21.52
C ALA A 168 0.96 9.52 21.29
N ALA A 169 0.23 10.00 20.29
CA ALA A 169 0.24 11.43 20.00
C ALA A 169 -0.31 12.24 21.16
N LEU A 170 -1.36 11.75 21.81
CA LEU A 170 -1.95 12.50 22.92
C LEU A 170 -1.00 12.57 24.11
N THR A 171 -0.36 11.44 24.44
CA THR A 171 0.66 11.46 25.47
C THR A 171 1.77 12.44 25.12
N ARG A 172 2.24 12.40 23.87
CA ARG A 172 3.33 13.28 23.45
C ARG A 172 2.95 14.75 23.59
N LEU A 173 1.76 15.13 23.09
CA LEU A 173 1.41 16.55 23.08
C LEU A 173 1.15 17.07 24.49
N ILE A 174 0.54 16.24 25.35
CA ILE A 174 0.31 16.69 26.72
C ILE A 174 1.63 16.82 27.46
N SER A 175 2.52 15.84 27.31
CA SER A 175 3.82 15.92 27.99
C SER A 175 4.64 17.07 27.47
N ARG A 176 4.42 17.47 26.21
CA ARG A 176 5.19 18.57 25.63
C ARG A 176 4.60 19.92 25.99
N CYS A 177 3.28 20.05 25.93
CA CYS A 177 2.62 21.34 25.98
C CYS A 177 1.72 21.56 27.19
N GLY A 178 1.30 20.50 27.87
CA GLY A 178 0.65 20.69 29.17
C GLY A 178 -0.76 21.26 29.10
N GLU A 179 -1.17 21.85 30.22
CA GLU A 179 -2.52 22.40 30.34
C GLU A 179 -2.89 23.38 29.25
N PRO A 180 -2.02 24.33 28.84
CA PRO A 180 -2.46 25.32 27.84
C PRO A 180 -3.00 24.70 26.56
N VAL A 181 -2.40 23.61 26.06
CA VAL A 181 -2.92 23.07 24.81
C VAL A 181 -4.25 22.35 25.05
N ILE A 182 -4.42 21.73 26.22
CA ILE A 182 -5.69 21.06 26.53
C ILE A 182 -6.80 22.10 26.61
N ARG A 183 -6.54 23.19 27.32
CA ARG A 183 -7.48 24.30 27.44
C ARG A 183 -7.91 24.79 26.05
N ARG A 184 -6.93 25.02 25.18
CA ARG A 184 -7.25 25.53 23.86
C ARG A 184 -8.06 24.53 23.04
N GLY A 185 -7.72 23.24 23.16
CA GLY A 185 -8.49 22.23 22.47
C GLY A 185 -9.92 22.16 22.96
N VAL A 186 -10.10 22.22 24.29
CA VAL A 186 -11.45 22.16 24.86
C VAL A 186 -12.28 23.34 24.39
N ASP A 187 -11.71 24.54 24.43
CA ASP A 187 -12.48 25.72 24.01
C ASP A 187 -12.82 25.65 22.53
N MET A 188 -11.88 25.15 21.70
CA MET A 188 -12.14 25.01 20.27
C MET A 188 -13.25 24.01 20.01
N ALA A 189 -13.17 22.83 20.63
CA ALA A 189 -14.20 21.83 20.40
C ALA A 189 -15.55 22.31 20.92
N MET A 190 -15.55 23.05 22.04
CA MET A 190 -16.80 23.58 22.58
C MET A 190 -17.45 24.54 21.59
N ARG A 191 -16.66 25.44 21.00
CA ARG A 191 -17.19 26.36 20.00
C ARG A 191 -17.67 25.62 18.75
N MET A 192 -16.87 24.67 18.26
CA MET A 192 -17.25 23.98 17.03
C MET A 192 -18.51 23.15 17.23
N MET A 193 -18.60 22.45 18.36
CA MET A 193 -19.73 21.57 18.54
C MET A 193 -20.96 22.28 19.07
N GLY A 194 -20.80 23.50 19.56
CA GLY A 194 -21.94 24.23 20.09
C GLY A 194 -22.45 25.34 19.19
N GLU A 195 -21.61 25.82 18.26
CA GLU A 195 -21.92 27.01 17.46
C GLU A 195 -21.65 26.87 15.98
N GLN A 196 -20.88 25.86 15.55
CA GLN A 196 -20.51 25.73 14.14
C GLN A 196 -21.21 24.55 13.48
N PHE A 197 -21.02 23.33 14.01
CA PHE A 197 -21.71 22.17 13.45
C PHE A 197 -23.19 22.20 13.75
N VAL A 198 -23.60 22.94 14.78
CA VAL A 198 -25.01 23.20 15.03
C VAL A 198 -25.16 24.71 15.25
N THR A 199 -26.37 25.19 15.03
CA THR A 199 -26.68 26.57 15.42
C THR A 199 -26.85 26.66 16.94
N GLY A 200 -27.38 25.60 17.54
CA GLY A 200 -27.48 25.54 18.99
C GLY A 200 -27.75 24.11 19.41
N GLU A 201 -27.58 23.86 20.71
CA GLU A 201 -27.80 22.52 21.24
C GLU A 201 -29.29 22.18 21.27
N THR A 202 -30.13 23.18 21.55
CA THR A 202 -31.57 23.05 21.64
C THR A 202 -32.21 24.03 20.68
N ILE A 203 -33.49 23.81 20.38
CA ILE A 203 -34.18 24.71 19.46
C ILE A 203 -34.27 26.11 20.06
N ARG A 204 -34.43 26.22 21.38
CA ARG A 204 -34.48 27.54 22.01
C ARG A 204 -33.16 28.28 21.86
N GLU A 205 -32.04 27.58 22.06
CA GLU A 205 -30.73 28.19 21.86
C GLU A 205 -30.53 28.58 20.41
N ALA A 206 -30.93 27.71 19.48
CA ALA A 206 -30.76 28.01 18.06
C ALA A 206 -31.59 29.22 17.67
N LEU A 207 -32.82 29.32 18.19
CA LEU A 207 -33.68 30.47 17.89
C LEU A 207 -33.08 31.77 18.42
N LYS A 208 -32.53 31.75 19.63
CA LYS A 208 -31.88 32.94 20.19
C LYS A 208 -30.75 33.42 19.28
N ARG A 209 -29.94 32.50 18.78
CA ARG A 209 -28.79 32.85 17.97
C ARG A 209 -29.16 33.18 16.52
N SER A 210 -30.42 33.08 16.14
CA SER A 210 -30.84 33.37 14.78
C SER A 210 -31.21 34.83 14.55
N LYS A 211 -31.38 35.61 15.63
CA LYS A 211 -31.86 36.98 15.48
C LYS A 211 -30.89 37.84 14.67
N GLU A 212 -29.59 37.65 14.91
CA GLU A 212 -28.58 38.50 14.29
C GLU A 212 -28.68 38.50 12.77
N LEU A 213 -28.76 37.31 12.17
CA LEU A 213 -28.78 37.22 10.71
C LEU A 213 -30.17 37.44 10.14
N GLU A 214 -31.23 37.15 10.90
CA GLU A 214 -32.56 37.51 10.44
C GLU A 214 -32.70 39.01 10.29
N GLU A 215 -32.05 39.79 11.16
CA GLU A 215 -32.10 41.23 11.05
C GLU A 215 -31.42 41.72 9.77
N LYS A 216 -30.49 40.93 9.23
CA LYS A 216 -29.80 41.24 7.99
C LYS A 216 -30.54 40.78 6.73
N GLY A 217 -31.62 40.02 6.88
CA GLY A 217 -32.39 39.55 5.75
C GLY A 217 -32.32 38.08 5.50
N PHE A 218 -31.60 37.32 6.32
CA PHE A 218 -31.61 35.87 6.23
C PHE A 218 -32.88 35.32 6.89
N SER A 219 -33.19 34.07 6.54
CA SER A 219 -34.21 33.31 7.25
C SER A 219 -33.60 31.96 7.63
N TYR A 220 -34.40 31.13 8.29
CA TYR A 220 -33.90 29.87 8.85
C TYR A 220 -34.88 28.73 8.60
N SER A 221 -34.30 27.54 8.42
CA SER A 221 -35.05 26.29 8.50
C SER A 221 -34.25 25.36 9.41
N TYR A 222 -34.86 24.89 10.48
CA TYR A 222 -34.12 24.15 11.49
C TYR A 222 -34.13 22.65 11.19
N ASP A 223 -32.94 22.06 11.25
CA ASP A 223 -32.72 20.63 11.04
C ASP A 223 -32.49 19.98 12.41
N MET A 224 -33.45 19.20 12.88
CA MET A 224 -33.35 18.57 14.19
C MET A 224 -32.49 17.31 14.19
N LEU A 225 -31.85 16.99 13.06
CA LEU A 225 -30.77 16.00 12.95
C LEU A 225 -31.22 14.57 13.22
N GLY A 226 -32.52 14.31 13.30
CA GLY A 226 -32.98 12.94 13.38
C GLY A 226 -33.06 12.28 12.02
N GLU A 227 -32.78 10.98 12.00
CA GLU A 227 -32.94 10.17 10.80
C GLU A 227 -32.78 8.72 11.19
N ALA A 228 -33.23 7.84 10.30
CA ALA A 228 -32.99 6.40 10.40
C ALA A 228 -33.45 5.84 11.76
N ALA A 229 -34.73 6.03 12.07
CA ALA A 229 -35.28 5.39 13.25
C ALA A 229 -35.14 3.87 13.12
N THR A 230 -34.69 3.25 14.21
CA THR A 230 -34.48 1.80 14.27
C THR A 230 -35.63 1.09 14.96
N THR A 231 -36.36 1.77 15.84
CA THR A 231 -37.42 1.17 16.63
C THR A 231 -38.61 2.11 16.65
N ALA A 232 -39.76 1.57 17.02
CA ALA A 232 -40.93 2.41 17.26
C ALA A 232 -40.63 3.50 18.28
N ALA A 233 -39.90 3.15 19.35
CA ALA A 233 -39.61 4.15 20.37
C ALA A 233 -38.75 5.28 19.82
N ASP A 234 -37.77 4.96 18.95
CA ASP A 234 -36.96 5.99 18.31
C ASP A 234 -37.84 6.90 17.48
N ALA A 235 -38.73 6.31 16.69
CA ALA A 235 -39.58 7.10 15.82
C ALA A 235 -40.48 8.03 16.64
N GLU A 236 -41.01 7.52 17.76
CA GLU A 236 -41.84 8.34 18.63
C GLU A 236 -41.03 9.48 19.24
N ARG A 237 -39.77 9.21 19.59
CA ARG A 237 -38.90 10.25 20.14
C ARG A 237 -38.61 11.34 19.11
N TYR A 238 -38.31 10.95 17.87
CA TYR A 238 -38.10 11.94 16.83
C TYR A 238 -39.37 12.72 16.56
N TYR A 239 -40.52 12.05 16.60
CA TYR A 239 -41.78 12.75 16.40
C TYR A 239 -41.98 13.82 17.46
N ARG A 240 -41.83 13.46 18.74
CA ARG A 240 -42.10 14.47 19.77
C ARG A 240 -41.05 15.57 19.74
N ASP A 241 -39.84 15.28 19.28
CA ASP A 241 -38.83 16.31 19.08
C ASP A 241 -39.24 17.29 17.98
N TYR A 242 -39.72 16.78 16.85
CA TYR A 242 -40.22 17.68 15.79
C TYR A 242 -41.40 18.52 16.30
N GLU A 243 -42.35 17.89 16.98
CA GLU A 243 -43.52 18.59 17.47
C GLU A 243 -43.12 19.73 18.39
N SER A 244 -42.23 19.45 19.35
CA SER A 244 -41.78 20.49 20.26
C SER A 244 -40.99 21.59 19.53
N ALA A 245 -40.21 21.21 18.51
CA ALA A 245 -39.51 22.24 17.74
C ALA A 245 -40.48 23.11 16.95
N ILE A 246 -41.52 22.51 16.37
CA ILE A 246 -42.49 23.33 15.64
C ILE A 246 -43.12 24.36 16.55
N HIS A 247 -43.42 23.99 17.80
CA HIS A 247 -44.01 24.96 18.71
C HIS A 247 -43.05 26.11 18.95
N ALA A 248 -41.78 25.80 19.24
CA ALA A 248 -40.81 26.86 19.53
C ALA A 248 -40.60 27.75 18.32
N ILE A 249 -40.46 27.16 17.13
CA ILE A 249 -40.27 27.94 15.91
C ILE A 249 -41.51 28.78 15.59
N GLY A 250 -42.70 28.20 15.74
CA GLY A 250 -43.92 28.92 15.46
C GLY A 250 -44.15 30.06 16.45
N LYS A 251 -43.87 29.82 17.72
CA LYS A 251 -43.94 30.90 18.70
C LYS A 251 -42.99 32.02 18.33
N ALA A 252 -41.78 31.68 17.89
CA ALA A 252 -40.80 32.69 17.52
C ALA A 252 -41.15 33.35 16.21
N SER A 253 -41.73 32.60 15.27
CA SER A 253 -42.12 33.19 14.00
C SER A 253 -43.05 34.37 14.22
N ALA A 254 -44.00 34.21 15.15
CA ALA A 254 -44.88 35.29 15.58
C ALA A 254 -45.58 35.97 14.40
N GLY A 255 -46.10 35.17 13.47
CA GLY A 255 -46.85 35.72 12.37
C GLY A 255 -46.05 36.23 11.19
N ARG A 256 -44.73 35.98 11.15
CA ARG A 256 -43.94 36.46 10.03
C ARG A 256 -44.25 35.74 8.72
N GLY A 257 -44.86 34.56 8.80
CA GLY A 257 -45.23 33.83 7.59
C GLY A 257 -44.12 32.92 7.10
N ILE A 258 -44.41 32.23 6.00
CA ILE A 258 -43.53 31.14 5.58
C ILE A 258 -42.27 31.59 4.85
N TYR A 259 -42.22 32.83 4.35
CA TYR A 259 -41.06 33.31 3.61
C TYR A 259 -40.10 34.10 4.49
N GLU A 260 -40.61 35.08 5.22
CA GLU A 260 -39.77 35.83 6.14
C GLU A 260 -39.46 35.05 7.39
N GLY A 261 -40.39 34.23 7.86
CA GLY A 261 -40.24 33.58 9.13
C GLY A 261 -39.59 32.21 9.00
N PRO A 262 -39.18 31.68 10.14
CA PRO A 262 -38.46 30.39 10.15
C PRO A 262 -39.40 29.22 9.91
N GLY A 263 -38.78 28.11 9.49
CA GLY A 263 -39.50 26.86 9.31
C GLY A 263 -38.72 25.69 9.87
N ILE A 264 -39.21 24.48 9.64
CA ILE A 264 -38.54 23.27 10.08
C ILE A 264 -38.32 22.35 8.89
N SER A 265 -37.30 21.50 8.99
CA SER A 265 -37.08 20.42 8.04
C SER A 265 -37.18 19.10 8.78
N ILE A 266 -37.73 18.08 8.11
CA ILE A 266 -37.90 16.76 8.71
C ILE A 266 -37.37 15.72 7.74
N LYS A 267 -37.01 14.56 8.28
CA LYS A 267 -36.61 13.43 7.46
C LYS A 267 -37.61 12.31 7.71
N LEU A 268 -38.22 11.79 6.64
CA LEU A 268 -39.24 10.77 6.84
C LEU A 268 -38.66 9.51 7.48
N SER A 269 -37.39 9.20 7.23
CA SER A 269 -36.78 8.03 7.86
C SER A 269 -36.71 8.16 9.37
N ALA A 270 -36.83 9.38 9.92
CA ALA A 270 -36.84 9.56 11.36
C ALA A 270 -38.18 9.17 11.96
N LEU A 271 -39.24 9.12 11.16
CA LEU A 271 -40.60 9.04 11.68
C LEU A 271 -41.19 7.64 11.59
N HIS A 272 -40.45 6.67 11.05
CA HIS A 272 -40.95 5.31 11.05
C HIS A 272 -39.75 4.38 10.92
N PRO A 273 -39.70 3.27 11.66
CA PRO A 273 -38.54 2.37 11.58
C PRO A 273 -38.50 1.51 10.32
N ARG A 274 -39.60 1.43 9.58
CA ARG A 274 -39.61 0.65 8.33
C ARG A 274 -40.03 1.51 7.16
N TYR A 275 -39.34 2.63 6.96
CA TYR A 275 -39.64 3.54 5.86
C TYR A 275 -38.98 2.99 4.60
N SER A 276 -39.75 2.26 3.80
CA SER A 276 -39.23 1.65 2.57
C SER A 276 -40.40 1.25 1.68
N ARG A 277 -40.10 1.11 0.38
CA ARG A 277 -41.13 0.68 -0.58
C ARG A 277 -41.69 -0.69 -0.21
N ALA A 278 -40.86 -1.58 0.33
CA ALA A 278 -41.33 -2.91 0.69
C ALA A 278 -42.38 -2.85 1.77
N GLN A 279 -42.35 -1.80 2.59
CA GLN A 279 -43.32 -1.60 3.66
C GLN A 279 -44.24 -0.42 3.34
N ALA A 280 -44.57 -0.24 2.06
CA ALA A 280 -45.34 0.94 1.65
C ALA A 280 -46.67 1.04 2.40
N ALA A 281 -47.36 -0.09 2.62
CA ALA A 281 -48.64 -0.03 3.30
C ALA A 281 -48.48 0.48 4.73
N ARG A 282 -47.45 0.03 5.44
CA ARG A 282 -47.26 0.55 6.79
C ARG A 282 -46.88 2.02 6.75
N VAL A 283 -46.09 2.42 5.74
CA VAL A 283 -45.71 3.82 5.60
C VAL A 283 -46.95 4.70 5.43
N MET A 284 -47.85 4.33 4.52
CA MET A 284 -49.03 5.17 4.31
C MET A 284 -49.98 5.11 5.50
N GLY A 285 -50.05 3.98 6.20
CA GLY A 285 -50.99 3.86 7.31
C GLY A 285 -50.49 4.43 8.60
N GLU A 286 -49.17 4.43 8.82
CA GLU A 286 -48.57 4.79 10.09
C GLU A 286 -47.67 6.02 10.02
N LEU A 287 -46.90 6.16 8.94
CA LEU A 287 -46.02 7.32 8.85
C LEU A 287 -46.79 8.55 8.39
N LEU A 288 -47.61 8.42 7.34
CA LEU A 288 -48.35 9.56 6.81
C LEU A 288 -49.16 10.32 7.85
N PRO A 289 -49.94 9.67 8.73
CA PRO A 289 -50.66 10.45 9.75
C PRO A 289 -49.76 11.26 10.66
N ARG A 290 -48.54 10.77 10.92
CA ARG A 290 -47.63 11.53 11.75
C ARG A 290 -47.16 12.79 11.05
N VAL A 291 -46.83 12.68 9.76
CA VAL A 291 -46.46 13.87 9.00
C VAL A 291 -47.63 14.82 8.94
N LYS A 292 -48.84 14.30 8.74
CA LYS A 292 -50.01 15.17 8.68
C LYS A 292 -50.20 15.93 9.99
N ALA A 293 -49.97 15.26 11.13
CA ALA A 293 -50.15 15.95 12.40
C ALA A 293 -49.12 17.08 12.57
N LEU A 294 -47.88 16.83 12.16
CA LEU A 294 -46.87 17.89 12.22
C LEU A 294 -47.21 19.02 11.27
N ALA A 295 -47.68 18.68 10.07
CA ALA A 295 -48.05 19.70 9.09
C ALA A 295 -49.22 20.54 9.59
N LEU A 296 -50.21 19.92 10.25
CA LEU A 296 -51.31 20.69 10.81
C LEU A 296 -50.82 21.73 11.81
N LEU A 297 -49.84 21.36 12.63
CA LEU A 297 -49.29 22.30 13.59
C LEU A 297 -48.50 23.40 12.89
N ALA A 298 -47.70 23.04 11.88
CA ALA A 298 -47.01 24.08 11.10
C ALA A 298 -47.99 25.02 10.42
N LYS A 299 -49.11 24.48 9.92
CA LYS A 299 -50.13 25.32 9.32
C LYS A 299 -50.68 26.31 10.33
N ASN A 300 -50.92 25.87 11.57
CA ASN A 300 -51.54 26.79 12.52
C ASN A 300 -50.60 27.95 12.86
N TYR A 301 -49.29 27.68 12.96
CA TYR A 301 -48.34 28.76 13.17
C TYR A 301 -47.93 29.46 11.89
N ASP A 302 -48.30 28.90 10.73
CA ASP A 302 -47.94 29.41 9.41
C ASP A 302 -46.41 29.50 9.24
N ILE A 303 -45.77 28.34 9.40
CA ILE A 303 -44.34 28.18 9.18
C ILE A 303 -44.13 27.14 8.09
N GLY A 304 -42.93 27.15 7.52
CA GLY A 304 -42.58 26.13 6.53
C GLY A 304 -42.30 24.79 7.20
N LEU A 305 -42.68 23.71 6.52
CA LEU A 305 -42.33 22.36 6.93
C LEU A 305 -41.81 21.64 5.69
N ASN A 306 -40.51 21.36 5.67
CA ASN A 306 -39.83 20.82 4.50
C ASN A 306 -39.52 19.34 4.72
N ILE A 307 -39.81 18.53 3.72
CA ILE A 307 -39.42 17.12 3.73
C ILE A 307 -38.07 16.98 3.04
N ASP A 308 -37.04 16.63 3.81
CA ASP A 308 -35.70 16.43 3.27
C ASP A 308 -35.69 15.19 2.36
N ALA A 309 -34.78 15.19 1.38
CA ALA A 309 -34.63 14.05 0.48
C ALA A 309 -33.49 13.15 0.96
N GLU A 310 -33.72 11.84 0.88
CA GLU A 310 -32.75 10.89 1.39
C GLU A 310 -32.28 9.96 0.28
N GLU A 311 -32.27 8.65 0.50
CA GLU A 311 -31.70 7.73 -0.48
C GLU A 311 -32.58 7.61 -1.72
N ALA A 312 -31.97 7.18 -2.83
CA ALA A 312 -32.68 7.14 -4.10
C ALA A 312 -33.88 6.21 -4.06
N ASP A 313 -33.80 5.11 -3.30
CA ASP A 313 -34.92 4.18 -3.28
C ASP A 313 -36.06 4.64 -2.37
N ARG A 314 -35.98 5.87 -1.83
CA ARG A 314 -37.08 6.46 -1.08
C ARG A 314 -37.74 7.62 -1.81
N LEU A 315 -37.16 8.07 -2.94
CA LEU A 315 -37.70 9.22 -3.65
C LEU A 315 -39.16 9.01 -4.03
N GLU A 316 -39.44 7.97 -4.80
CA GLU A 316 -40.79 7.86 -5.35
C GLU A 316 -41.81 7.57 -4.24
N LEU A 317 -41.42 6.77 -3.25
CA LEU A 317 -42.30 6.55 -2.10
C LEU A 317 -42.68 7.86 -1.43
N SER A 318 -41.71 8.77 -1.24
CA SER A 318 -42.04 10.04 -0.59
C SER A 318 -43.03 10.85 -1.41
N LEU A 319 -43.05 10.67 -2.73
CA LEU A 319 -44.02 11.38 -3.57
C LEU A 319 -45.46 11.01 -3.21
N ASP A 320 -45.68 9.76 -2.78
CA ASP A 320 -47.02 9.35 -2.40
C ASP A 320 -47.47 10.06 -1.14
N LEU A 321 -46.55 10.33 -0.22
CA LEU A 321 -46.91 11.12 0.95
C LEU A 321 -47.17 12.57 0.57
N LEU A 322 -46.28 13.16 -0.25
CA LEU A 322 -46.47 14.54 -0.69
C LEU A 322 -47.82 14.71 -1.38
N GLU A 323 -48.19 13.75 -2.23
CA GLU A 323 -49.47 13.84 -2.94
C GLU A 323 -50.65 13.86 -1.97
N VAL A 324 -50.67 12.92 -1.01
CA VAL A 324 -51.82 12.84 -0.10
C VAL A 324 -51.92 14.10 0.75
N LEU A 325 -50.77 14.59 1.25
CA LEU A 325 -50.79 15.78 2.09
C LEU A 325 -51.26 17.00 1.32
N CYS A 326 -50.83 17.16 0.06
CA CYS A 326 -51.25 18.34 -0.69
C CYS A 326 -52.71 18.28 -1.12
N LEU A 327 -53.29 17.09 -1.19
CA LEU A 327 -54.70 16.95 -1.53
C LEU A 327 -55.60 16.93 -0.30
N ASP A 328 -55.02 16.92 0.89
CA ASP A 328 -55.79 16.78 2.13
C ASP A 328 -56.40 18.13 2.51
N GLY A 329 -57.73 18.22 2.47
CA GLY A 329 -58.37 19.49 2.77
C GLY A 329 -58.09 20.03 4.14
N ASP A 330 -57.71 19.18 5.10
CA ASP A 330 -57.41 19.70 6.43
C ASP A 330 -56.20 20.62 6.44
N LEU A 331 -55.34 20.53 5.43
CA LEU A 331 -54.15 21.37 5.35
C LEU A 331 -54.34 22.55 4.41
N SER A 332 -55.55 22.76 3.91
CA SER A 332 -55.80 23.85 2.98
C SER A 332 -55.58 25.21 3.65
N GLY A 333 -55.17 26.18 2.84
CA GLY A 333 -54.94 27.52 3.30
C GLY A 333 -53.51 27.81 3.67
N TRP A 334 -52.66 26.79 3.68
CA TRP A 334 -51.28 26.89 4.12
C TRP A 334 -50.37 26.51 2.96
N ASN A 335 -49.40 27.36 2.65
CA ASN A 335 -48.44 27.13 1.57
C ASN A 335 -47.05 26.74 2.08
N GLY A 336 -46.95 26.33 3.33
CA GLY A 336 -45.65 26.04 3.92
C GLY A 336 -45.09 24.66 3.68
N MET A 337 -45.86 23.74 3.07
CA MET A 337 -45.31 22.41 2.81
CA MET A 337 -45.32 22.41 2.80
C MET A 337 -44.19 22.51 1.78
N GLY A 338 -43.04 21.95 2.14
CA GLY A 338 -41.85 21.97 1.30
C GLY A 338 -41.31 20.58 1.00
N PHE A 339 -40.49 20.47 -0.06
CA PHE A 339 -40.03 19.16 -0.53
C PHE A 339 -38.72 19.34 -1.27
N VAL A 340 -37.73 18.51 -0.93
CA VAL A 340 -36.40 18.58 -1.54
C VAL A 340 -36.36 17.69 -2.77
N VAL A 341 -35.72 18.16 -3.85
CA VAL A 341 -35.39 17.31 -4.98
C VAL A 341 -33.88 17.41 -5.24
N GLN A 342 -33.28 16.27 -5.58
CA GLN A 342 -31.82 16.14 -5.66
C GLN A 342 -31.39 16.18 -7.12
N ALA A 343 -30.66 17.24 -7.50
CA ALA A 343 -30.24 17.40 -8.89
C ALA A 343 -29.19 16.38 -9.33
N TYR A 344 -28.52 15.69 -8.40
CA TYR A 344 -27.64 14.63 -8.87
C TYR A 344 -28.41 13.39 -9.31
N GLY A 345 -29.73 13.39 -9.16
CA GLY A 345 -30.54 12.24 -9.53
C GLY A 345 -31.12 12.38 -10.93
N LYS A 346 -31.10 11.25 -11.65
CA LYS A 346 -31.53 11.21 -13.04
C LYS A 346 -33.02 11.52 -13.19
N ARG A 347 -33.79 11.35 -12.13
CA ARG A 347 -35.23 11.59 -12.18
C ARG A 347 -35.61 13.04 -11.92
N CYS A 348 -34.66 13.88 -11.51
CA CYS A 348 -34.97 15.21 -10.96
C CYS A 348 -35.90 16.06 -11.82
N PRO A 349 -35.64 16.30 -13.12
CA PRO A 349 -36.59 17.12 -13.89
C PRO A 349 -37.97 16.50 -13.98
N PHE A 350 -38.05 15.17 -14.05
CA PHE A 350 -39.35 14.52 -14.12
C PHE A 350 -40.08 14.58 -12.78
N VAL A 351 -39.32 14.51 -11.67
CA VAL A 351 -39.92 14.72 -10.36
C VAL A 351 -40.46 16.14 -10.24
N LEU A 352 -39.71 17.12 -10.76
CA LEU A 352 -40.18 18.50 -10.71
C LEU A 352 -41.45 18.68 -11.55
N ASP A 353 -41.51 18.08 -12.74
CA ASP A 353 -42.74 18.12 -13.53
C ASP A 353 -43.92 17.61 -12.71
N PHE A 354 -43.72 16.51 -11.98
CA PHE A 354 -44.79 15.96 -11.15
C PHE A 354 -45.17 16.94 -10.04
N ILE A 355 -44.17 17.51 -9.36
CA ILE A 355 -44.46 18.40 -8.24
C ILE A 355 -45.17 19.67 -8.71
N ILE A 356 -44.71 20.24 -9.84
CA ILE A 356 -45.33 21.45 -10.36
C ILE A 356 -46.78 21.17 -10.74
N ASP A 357 -47.04 20.01 -11.32
CA ASP A 357 -48.42 19.65 -11.65
C ASP A 357 -49.24 19.44 -10.38
N LEU A 358 -48.66 18.78 -9.37
CA LEU A 358 -49.37 18.60 -8.10
C LEU A 358 -49.70 19.94 -7.47
N ALA A 359 -48.76 20.89 -7.51
CA ALA A 359 -49.01 22.21 -6.97
C ALA A 359 -50.16 22.88 -7.71
N ARG A 360 -50.21 22.72 -9.03
CA ARG A 360 -51.31 23.28 -9.81
C ARG A 360 -52.65 22.63 -9.43
N ARG A 361 -52.69 21.30 -9.40
CA ARG A 361 -53.93 20.59 -9.06
C ARG A 361 -54.42 20.95 -7.67
N SER A 362 -53.53 20.95 -6.69
CA SER A 362 -53.90 21.15 -5.30
C SER A 362 -54.09 22.62 -4.96
N GLY A 363 -53.51 23.52 -5.75
CA GLY A 363 -53.53 24.92 -5.39
C GLY A 363 -52.58 25.30 -4.28
N ARG A 364 -51.69 24.39 -3.88
CA ARG A 364 -50.68 24.65 -2.86
C ARG A 364 -49.40 25.11 -3.55
N ARG A 365 -48.85 26.23 -3.09
CA ARG A 365 -47.61 26.73 -3.67
C ARG A 365 -46.45 26.00 -3.00
N ILE A 366 -46.09 24.83 -3.56
CA ILE A 366 -45.16 23.95 -2.88
C ILE A 366 -43.78 24.60 -2.85
N MET A 367 -43.14 24.57 -1.67
CA MET A 367 -41.79 25.11 -1.51
C MET A 367 -40.83 24.02 -1.95
N VAL A 368 -40.10 24.26 -3.04
CA VAL A 368 -39.27 23.21 -3.63
C VAL A 368 -37.82 23.60 -3.40
N ARG A 369 -37.13 22.85 -2.53
CA ARG A 369 -35.71 23.07 -2.31
C ARG A 369 -34.92 22.21 -3.30
N LEU A 370 -34.23 22.86 -4.23
CA LEU A 370 -33.37 22.18 -5.16
C LEU A 370 -31.98 22.04 -4.54
N VAL A 371 -31.52 20.80 -4.38
CA VAL A 371 -30.18 20.54 -3.87
C VAL A 371 -29.47 19.69 -4.90
N LYS A 372 -28.17 19.49 -4.68
CA LYS A 372 -27.47 18.54 -5.55
C LYS A 372 -27.63 17.11 -5.04
N GLY A 373 -27.28 16.84 -3.77
CA GLY A 373 -27.55 15.54 -3.17
C GLY A 373 -26.44 15.09 -2.21
N ALA A 374 -26.78 14.45 -1.11
CA ALA A 374 -25.82 14.22 -0.04
C ALA A 374 -25.34 12.77 0.08
N TYR A 375 -25.85 11.86 -0.75
CA TYR A 375 -25.62 10.43 -0.56
C TYR A 375 -24.85 9.81 -1.72
N TRP A 376 -24.03 10.59 -2.43
CA TRP A 376 -23.51 10.13 -3.71
C TRP A 376 -22.72 8.82 -3.58
N ASP A 377 -21.71 8.78 -2.72
CA ASP A 377 -20.88 7.57 -2.72
C ASP A 377 -21.68 6.37 -2.25
N ALA A 378 -22.67 6.57 -1.38
CA ALA A 378 -23.53 5.47 -0.96
C ALA A 378 -24.37 4.95 -2.12
N GLU A 379 -24.82 5.84 -3.00
CA GLU A 379 -25.62 5.39 -4.12
C GLU A 379 -24.78 4.59 -5.11
N ILE A 380 -23.50 4.95 -5.27
CA ILE A 380 -22.62 4.18 -6.15
C ILE A 380 -22.46 2.76 -5.60
N LYS A 381 -22.14 2.65 -4.31
CA LYS A 381 -21.94 1.34 -3.71
C LYS A 381 -23.20 0.49 -3.79
N ARG A 382 -24.36 1.09 -3.48
CA ARG A 382 -25.59 0.30 -3.45
C ARG A 382 -25.92 -0.27 -4.82
N ALA A 383 -25.77 0.52 -5.88
CA ALA A 383 -26.10 0.01 -7.21
C ALA A 383 -25.16 -1.12 -7.60
N GLN A 384 -23.88 -1.00 -7.23
CA GLN A 384 -22.92 -2.05 -7.56
C GLN A 384 -23.25 -3.33 -6.79
N LEU A 385 -23.50 -3.22 -5.49
CA LEU A 385 -23.86 -4.39 -4.70
C LEU A 385 -25.08 -5.10 -5.25
N ASP A 386 -26.06 -4.32 -5.74
CA ASP A 386 -27.32 -4.89 -6.17
C ASP A 386 -27.32 -5.33 -7.63
N GLY A 387 -26.21 -5.17 -8.34
CA GLY A 387 -26.13 -5.64 -9.72
C GLY A 387 -27.13 -4.98 -10.64
N LEU A 388 -27.40 -3.69 -10.43
CA LEU A 388 -28.48 -3.05 -11.18
C LEU A 388 -27.95 -2.47 -12.47
N ALA A 389 -28.87 -2.03 -13.33
CA ALA A 389 -28.49 -1.71 -14.70
C ALA A 389 -27.58 -0.50 -14.77
N ASP A 390 -27.76 0.47 -13.88
CA ASP A 390 -27.03 1.73 -13.94
C ASP A 390 -27.25 2.41 -12.59
N PHE A 391 -26.65 3.57 -12.44
CA PHE A 391 -26.80 4.30 -11.19
C PHE A 391 -28.02 5.21 -11.25
N PRO A 392 -28.64 5.49 -10.10
CA PRO A 392 -29.73 6.47 -10.06
C PRO A 392 -29.26 7.91 -9.90
N VAL A 393 -27.95 8.12 -9.94
CA VAL A 393 -27.31 9.42 -9.84
C VAL A 393 -26.28 9.52 -10.96
N PHE A 394 -25.94 10.76 -11.31
CA PHE A 394 -24.83 10.97 -12.22
C PHE A 394 -23.51 10.52 -11.60
N THR A 395 -22.50 10.33 -12.44
CA THR A 395 -21.18 9.89 -11.97
C THR A 395 -20.09 10.91 -12.21
N ARG A 396 -20.35 11.97 -12.97
CA ARG A 396 -19.45 13.11 -13.08
C ARG A 396 -20.09 14.30 -12.40
N LYS A 397 -19.31 15.00 -11.58
CA LYS A 397 -19.85 16.11 -10.80
C LYS A 397 -20.40 17.21 -11.72
N ILE A 398 -19.76 17.43 -12.86
CA ILE A 398 -20.22 18.49 -13.76
C ILE A 398 -21.61 18.16 -14.30
N HIS A 399 -21.98 16.88 -14.36
CA HIS A 399 -23.32 16.52 -14.82
C HIS A 399 -24.37 16.96 -13.81
N THR A 400 -24.06 16.76 -12.52
CA THR A 400 -24.95 17.27 -11.47
C THR A 400 -25.10 18.79 -11.56
N ASP A 401 -24.01 19.50 -11.86
CA ASP A 401 -24.10 20.95 -12.01
C ASP A 401 -25.03 21.33 -13.15
N VAL A 402 -24.87 20.70 -14.32
CA VAL A 402 -25.75 20.99 -15.45
C VAL A 402 -27.18 20.62 -15.10
N SER A 403 -27.37 19.47 -14.45
CA SER A 403 -28.72 19.07 -14.03
C SER A 403 -29.33 20.12 -13.11
N TYR A 404 -28.55 20.62 -12.14
CA TYR A 404 -29.05 21.63 -11.22
C TYR A 404 -29.51 22.87 -11.97
N ILE A 405 -28.69 23.36 -12.90
CA ILE A 405 -29.04 24.58 -13.61
C ILE A 405 -30.25 24.36 -14.51
N ALA A 406 -30.31 23.19 -15.17
CA ALA A 406 -31.47 22.88 -16.01
C ALA A 406 -32.75 22.83 -15.19
N CYS A 407 -32.68 22.22 -14.01
CA CYS A 407 -33.87 22.13 -13.17
C CYS A 407 -34.24 23.50 -12.59
N ALA A 408 -33.25 24.35 -12.36
CA ALA A 408 -33.53 25.72 -11.94
C ALA A 408 -34.29 26.47 -13.02
N ALA A 409 -33.94 26.26 -14.30
CA ALA A 409 -34.71 26.89 -15.37
C ALA A 409 -36.17 26.46 -15.34
N LYS A 410 -36.41 25.17 -15.08
CA LYS A 410 -37.78 24.68 -15.00
C LYS A 410 -38.53 25.32 -13.84
N LEU A 411 -37.88 25.41 -12.68
CA LEU A 411 -38.51 25.99 -11.50
C LEU A 411 -38.79 27.48 -11.70
N LEU A 412 -37.85 28.21 -12.32
CA LEU A 412 -38.05 29.64 -12.48
C LEU A 412 -39.18 29.96 -13.44
N ALA A 413 -39.57 29.01 -14.30
CA ALA A 413 -40.72 29.22 -15.18
C ALA A 413 -42.04 28.95 -14.49
N ALA A 414 -42.02 28.48 -13.24
CA ALA A 414 -43.26 28.09 -12.56
C ALA A 414 -43.40 28.76 -11.20
N THR A 415 -42.83 29.97 -11.03
CA THR A 415 -42.88 30.62 -9.72
C THR A 415 -44.29 31.02 -9.32
N ASP A 416 -45.24 31.06 -10.25
CA ASP A 416 -46.62 31.30 -9.83
C ASP A 416 -47.20 30.12 -9.06
N VAL A 417 -46.70 28.90 -9.29
CA VAL A 417 -47.30 27.73 -8.66
C VAL A 417 -46.41 27.05 -7.64
N VAL A 418 -45.08 27.23 -7.71
CA VAL A 418 -44.16 26.74 -6.69
C VAL A 418 -43.24 27.86 -6.25
N PHE A 419 -42.63 27.66 -5.07
CA PHE A 419 -41.64 28.56 -4.50
C PHE A 419 -40.26 27.91 -4.59
N PRO A 420 -39.44 28.26 -5.58
CA PRO A 420 -38.12 27.61 -5.70
C PRO A 420 -37.15 28.10 -4.64
N GLN A 421 -36.37 27.16 -4.12
CA GLN A 421 -35.40 27.43 -3.06
C GLN A 421 -34.08 26.81 -3.50
N PHE A 422 -33.11 27.63 -3.84
CA PHE A 422 -31.90 27.14 -4.50
C PHE A 422 -30.81 26.98 -3.45
N ALA A 423 -30.65 25.77 -2.95
CA ALA A 423 -29.65 25.46 -1.93
C ALA A 423 -28.34 25.12 -2.61
N THR A 424 -27.34 25.98 -2.44
CA THR A 424 -26.03 25.69 -3.00
C THR A 424 -25.00 26.61 -2.36
N HIS A 425 -23.78 26.08 -2.20
CA HIS A 425 -22.64 26.87 -1.79
C HIS A 425 -21.73 27.24 -2.96
N ASN A 426 -22.12 26.89 -4.17
CA ASN A 426 -21.27 27.05 -5.35
C ASN A 426 -21.57 28.41 -5.98
N ALA A 427 -20.59 29.31 -5.97
CA ALA A 427 -20.81 30.67 -6.45
C ALA A 427 -21.11 30.71 -7.95
N GLN A 428 -20.59 29.74 -8.71
CA GLN A 428 -20.90 29.70 -10.14
C GLN A 428 -22.36 29.32 -10.34
N THR A 429 -22.81 28.26 -9.65
CA THR A 429 -24.21 27.87 -9.70
C THR A 429 -25.11 29.03 -9.29
N LEU A 430 -24.78 29.68 -8.18
CA LEU A 430 -25.57 30.80 -7.69
C LEU A 430 -25.68 31.89 -8.74
N ALA A 431 -24.53 32.33 -9.28
CA ALA A 431 -24.52 33.43 -10.25
C ALA A 431 -25.36 33.09 -11.47
N ALA A 432 -25.23 31.86 -11.98
CA ALA A 432 -25.97 31.44 -13.16
C ALA A 432 -27.47 31.60 -12.93
N ILE A 433 -27.94 31.23 -11.74
CA ILE A 433 -29.37 31.27 -11.44
C ILE A 433 -29.81 32.70 -11.14
N TYR A 434 -28.98 33.47 -10.44
CA TYR A 434 -29.27 34.88 -10.19
C TYR A 434 -29.56 35.63 -11.49
N HIS A 435 -28.73 35.43 -12.51
CA HIS A 435 -28.98 36.10 -13.78
C HIS A 435 -30.09 35.43 -14.57
N MET A 436 -30.23 34.11 -14.44
CA MET A 436 -31.35 33.42 -15.07
C MET A 436 -32.68 33.98 -14.58
N ALA A 437 -32.77 34.30 -13.29
CA ALA A 437 -34.03 34.78 -12.73
C ALA A 437 -34.37 36.19 -13.19
N GLY A 438 -33.39 36.95 -13.64
CA GLY A 438 -33.66 38.24 -14.24
C GLY A 438 -34.00 39.31 -13.22
N LYS A 439 -34.57 40.40 -13.74
CA LYS A 439 -34.62 41.67 -13.01
C LYS A 439 -35.79 41.75 -12.02
N ASP A 440 -36.91 41.12 -12.30
CA ASP A 440 -38.08 41.27 -11.44
C ASP A 440 -37.94 40.34 -10.24
N PHE A 441 -37.97 40.91 -9.05
CA PHE A 441 -37.92 40.11 -7.84
C PHE A 441 -38.83 40.70 -6.78
N HIS A 442 -39.40 39.81 -5.96
CA HIS A 442 -40.10 40.17 -4.75
C HIS A 442 -39.92 39.03 -3.77
N VAL A 443 -39.89 39.34 -2.47
CA VAL A 443 -39.78 38.29 -1.48
C VAL A 443 -40.98 37.38 -1.61
N GLY A 444 -40.74 36.08 -1.68
CA GLY A 444 -41.76 35.12 -2.00
C GLY A 444 -41.69 34.58 -3.42
N LYS A 445 -40.90 35.20 -4.29
CA LYS A 445 -40.80 34.67 -5.65
C LYS A 445 -39.92 33.44 -5.68
N TYR A 446 -38.71 33.54 -5.12
CA TYR A 446 -37.82 32.42 -4.90
C TYR A 446 -36.80 32.85 -3.85
N GLU A 447 -35.99 31.90 -3.38
CA GLU A 447 -34.91 32.28 -2.47
C GLU A 447 -33.71 31.39 -2.72
N PHE A 448 -32.56 31.77 -2.17
CA PHE A 448 -31.42 30.87 -2.05
C PHE A 448 -31.42 30.23 -0.67
N GLN A 449 -30.63 29.17 -0.52
CA GLN A 449 -30.43 28.54 0.79
C GLN A 449 -28.99 28.11 0.96
N CYS A 450 -28.58 28.01 2.23
CA CYS A 450 -27.22 27.58 2.54
C CYS A 450 -27.23 26.90 3.90
N LEU A 451 -26.10 26.28 4.21
CA LEU A 451 -25.94 25.56 5.47
C LEU A 451 -25.34 26.49 6.51
N HIS A 452 -25.86 26.43 7.74
CA HIS A 452 -25.27 27.15 8.84
C HIS A 452 -23.79 26.81 8.99
N GLY A 453 -22.99 27.81 9.33
CA GLY A 453 -21.58 27.59 9.60
C GLY A 453 -20.79 27.18 8.38
N MET A 454 -21.25 27.56 7.19
CA MET A 454 -20.64 27.08 5.96
C MET A 454 -20.94 28.05 4.83
N GLY A 455 -22.22 28.39 4.67
CA GLY A 455 -22.63 29.24 3.55
C GLY A 455 -22.67 30.73 3.81
N GLU A 456 -22.55 31.19 5.06
CA GLU A 456 -22.69 32.60 5.34
C GLU A 456 -21.65 33.49 4.66
N PRO A 457 -20.38 33.12 4.58
CA PRO A 457 -19.44 33.98 3.85
C PRO A 457 -19.90 34.27 2.43
N LEU A 458 -20.41 33.26 1.72
CA LEU A 458 -20.91 33.50 0.37
C LEU A 458 -22.15 34.38 0.39
N TYR A 459 -23.13 34.04 1.23
CA TYR A 459 -24.41 34.72 1.14
C TYR A 459 -24.43 36.08 1.82
N GLU A 460 -23.44 36.39 2.65
CA GLU A 460 -23.29 37.79 3.05
C GLU A 460 -22.85 38.68 1.89
N GLU A 461 -22.48 38.10 0.76
CA GLU A 461 -22.28 38.86 -0.49
C GLU A 461 -23.51 38.82 -1.39
N VAL A 462 -24.59 38.20 -0.94
CA VAL A 462 -25.81 38.07 -1.72
C VAL A 462 -26.96 38.83 -1.07
N VAL A 463 -27.19 38.58 0.22
CA VAL A 463 -28.33 39.16 0.93
C VAL A 463 -28.10 40.65 1.16
N GLY A 464 -29.16 41.42 0.99
CA GLY A 464 -29.06 42.81 1.37
C GLY A 464 -29.08 43.73 0.17
N ARG A 465 -29.63 44.94 0.38
CA ARG A 465 -29.77 45.91 -0.69
C ARG A 465 -28.41 46.35 -1.24
N GLY A 466 -27.35 46.25 -0.44
CA GLY A 466 -26.02 46.58 -0.91
C GLY A 466 -25.32 45.48 -1.69
N LYS A 467 -25.90 44.29 -1.73
CA LYS A 467 -25.28 43.19 -2.47
C LYS A 467 -26.14 42.84 -3.67
N LEU A 468 -26.66 41.61 -3.72
CA LEU A 468 -27.56 41.21 -4.81
C LEU A 468 -29.03 41.34 -4.44
N ASP A 469 -29.34 41.65 -3.18
CA ASP A 469 -30.70 41.83 -2.69
C ASP A 469 -31.57 40.61 -2.98
N ARG A 470 -31.03 39.42 -2.70
CA ARG A 470 -31.78 38.19 -2.77
C ARG A 470 -31.71 37.48 -1.42
N PRO A 471 -32.82 36.94 -0.94
CA PRO A 471 -32.83 36.31 0.39
C PRO A 471 -32.19 34.93 0.38
N CYS A 472 -31.75 34.54 1.57
CA CYS A 472 -31.12 33.24 1.77
C CYS A 472 -31.69 32.64 3.05
N ARG A 473 -32.16 31.40 2.98
CA ARG A 473 -32.60 30.66 4.17
C ARG A 473 -31.48 29.76 4.65
N ILE A 474 -31.15 29.88 5.94
CA ILE A 474 -30.06 29.11 6.51
C ILE A 474 -30.61 27.82 7.08
N TYR A 475 -30.10 26.69 6.60
CA TYR A 475 -30.44 25.36 7.12
C TYR A 475 -29.60 25.15 8.38
N ALA A 476 -30.26 25.12 9.53
CA ALA A 476 -29.60 25.24 10.82
C ALA A 476 -29.73 23.95 11.60
N PRO A 477 -28.66 23.16 11.71
CA PRO A 477 -28.73 21.95 12.54
C PRO A 477 -28.88 22.32 14.01
N VAL A 478 -29.64 21.49 14.72
CA VAL A 478 -29.91 21.69 16.14
C VAL A 478 -29.73 20.35 16.83
N GLY A 479 -28.89 20.30 17.86
CA GLY A 479 -28.75 19.05 18.57
C GLY A 479 -27.55 19.02 19.49
N THR A 480 -27.54 17.97 20.31
CA THR A 480 -26.44 17.70 21.23
C THR A 480 -25.22 17.18 20.48
N HIS A 481 -24.12 17.06 21.21
CA HIS A 481 -22.89 16.52 20.64
C HIS A 481 -23.12 15.13 20.07
N GLU A 482 -23.79 14.25 20.84
CA GLU A 482 -24.05 12.90 20.36
C GLU A 482 -24.80 12.93 19.04
N THR A 483 -25.83 13.78 18.97
CA THR A 483 -26.69 13.83 17.79
C THR A 483 -25.94 14.35 16.58
N LEU A 484 -25.13 15.39 16.75
CA LEU A 484 -24.45 15.97 15.58
C LEU A 484 -23.32 15.07 15.08
N LEU A 485 -22.69 14.31 15.98
CA LEU A 485 -21.56 13.48 15.56
C LEU A 485 -22.00 12.26 14.76
N ALA A 486 -23.27 11.85 14.90
CA ALA A 486 -23.72 10.59 14.34
C ALA A 486 -23.51 10.54 12.83
N TYR A 487 -23.88 11.60 12.11
CA TYR A 487 -23.70 11.63 10.67
C TYR A 487 -22.95 12.89 10.22
N LEU A 488 -22.06 13.40 11.09
CA LEU A 488 -21.27 14.57 10.71
C LEU A 488 -20.35 14.29 9.54
N VAL A 489 -19.86 13.04 9.41
CA VAL A 489 -18.97 12.73 8.29
C VAL A 489 -19.67 12.97 6.97
N ARG A 490 -20.92 12.51 6.84
CA ARG A 490 -21.63 12.73 5.58
C ARG A 490 -21.77 14.22 5.29
N ARG A 491 -22.03 15.02 6.32
CA ARG A 491 -22.15 16.45 6.08
C ARG A 491 -20.83 17.08 5.70
N LEU A 492 -19.73 16.64 6.33
CA LEU A 492 -18.42 17.19 5.98
C LEU A 492 -18.07 16.92 4.51
N LEU A 493 -18.41 15.73 4.01
CA LEU A 493 -18.10 15.40 2.63
C LEU A 493 -18.90 16.21 1.63
N GLU A 494 -20.05 16.77 2.03
CA GLU A 494 -20.84 17.57 1.11
C GLU A 494 -20.01 18.71 0.53
N ASN A 495 -19.21 19.35 1.38
CA ASN A 495 -18.40 20.50 0.99
C ASN A 495 -16.91 20.23 1.09
N GLY A 496 -16.49 19.00 1.38
CA GLY A 496 -15.09 18.72 1.65
C GLY A 496 -14.38 17.78 0.69
N ALA A 497 -15.07 17.32 -0.35
CA ALA A 497 -14.44 16.45 -1.34
C ALA A 497 -13.66 17.27 -2.38
N ASN A 498 -12.77 16.58 -3.11
CA ASN A 498 -11.89 17.26 -4.06
C ASN A 498 -12.67 18.04 -5.10
N SER A 499 -13.87 17.58 -5.46
CA SER A 499 -14.68 18.25 -6.47
C SER A 499 -15.62 19.29 -5.87
N SER A 500 -15.68 19.41 -4.55
CA SER A 500 -16.56 20.37 -3.89
C SER A 500 -16.09 21.79 -4.09
N PHE A 501 -17.04 22.69 -4.35
CA PHE A 501 -16.71 24.11 -4.50
C PHE A 501 -15.97 24.65 -3.28
N VAL A 502 -16.47 24.34 -2.09
CA VAL A 502 -15.90 24.92 -0.87
C VAL A 502 -14.46 24.46 -0.70
N HIS A 503 -14.20 23.19 -1.00
CA HIS A 503 -12.82 22.70 -0.96
C HIS A 503 -11.95 23.39 -2.01
N ARG A 504 -12.51 23.60 -3.21
CA ARG A 504 -11.70 24.15 -4.28
C ARG A 504 -11.43 25.64 -4.08
N ILE A 505 -12.39 26.37 -3.50
CA ILE A 505 -12.14 27.79 -3.28
C ILE A 505 -11.02 27.98 -2.27
N ASN A 506 -10.86 27.04 -1.34
CA ASN A 506 -9.77 27.06 -0.38
C ASN A 506 -8.46 26.53 -0.96
N ASP A 507 -8.47 25.95 -2.16
CA ASP A 507 -7.26 25.43 -2.78
C ASP A 507 -6.59 26.54 -3.57
N PRO A 508 -5.42 27.03 -3.16
CA PRO A 508 -4.76 28.10 -3.93
C PRO A 508 -4.33 27.68 -5.32
N LYS A 509 -4.14 26.38 -5.56
CA LYS A 509 -3.83 25.88 -6.90
C LYS A 509 -5.03 25.91 -7.83
N VAL A 510 -6.21 26.31 -7.36
CA VAL A 510 -7.39 26.44 -8.21
C VAL A 510 -7.60 27.93 -8.49
N SER A 511 -7.61 28.30 -9.76
CA SER A 511 -7.79 29.70 -10.14
C SER A 511 -9.27 30.05 -10.18
N ILE A 512 -9.53 31.36 -10.14
CA ILE A 512 -10.90 31.85 -10.23
C ILE A 512 -11.48 31.56 -11.61
N ASP A 513 -10.65 31.67 -12.65
CA ASP A 513 -11.08 31.25 -13.99
C ASP A 513 -11.58 29.81 -13.98
N GLU A 514 -10.88 28.93 -13.28
CA GLU A 514 -11.35 27.55 -13.17
C GLU A 514 -12.69 27.47 -12.44
N LEU A 515 -12.87 28.28 -11.40
CA LEU A 515 -14.06 28.17 -10.58
C LEU A 515 -15.29 28.75 -11.26
N ILE A 516 -15.11 29.69 -12.19
CA ILE A 516 -16.23 30.29 -12.89
C ILE A 516 -16.46 29.65 -14.24
N ALA A 517 -15.77 28.54 -14.52
CA ALA A 517 -16.04 27.77 -15.72
C ALA A 517 -17.50 27.38 -15.77
N ASP A 518 -18.09 27.47 -16.96
CA ASP A 518 -19.51 27.23 -17.15
C ASP A 518 -19.75 25.75 -17.38
N PRO A 519 -20.37 25.03 -16.44
CA PRO A 519 -20.53 23.58 -16.64
C PRO A 519 -21.37 23.24 -17.85
N VAL A 520 -22.33 24.10 -18.21
CA VAL A 520 -23.20 23.83 -19.36
C VAL A 520 -22.39 23.81 -20.64
N GLU A 521 -21.56 24.83 -20.84
CA GLU A 521 -20.76 24.89 -22.06
C GLU A 521 -19.60 23.90 -22.05
N VAL A 522 -19.06 23.56 -20.88
CA VAL A 522 -18.02 22.54 -20.82
C VAL A 522 -18.60 21.18 -21.21
N VAL A 523 -19.78 20.85 -20.66
CA VAL A 523 -20.41 19.59 -21.04
C VAL A 523 -20.77 19.58 -22.52
N ARG A 524 -21.31 20.69 -23.03
CA ARG A 524 -21.70 20.73 -24.43
C ARG A 524 -20.53 20.41 -25.36
N ALA A 525 -19.34 20.88 -25.00
CA ALA A 525 -18.17 20.73 -25.86
C ALA A 525 -17.45 19.40 -25.67
N MET A 526 -17.95 18.51 -24.83
CA MET A 526 -17.30 17.23 -24.61
CA MET A 526 -17.28 17.25 -24.62
C MET A 526 -17.46 16.32 -25.83
N PRO A 527 -16.52 15.40 -26.06
CA PRO A 527 -16.63 14.51 -27.24
C PRO A 527 -17.87 13.64 -27.19
N VAL A 528 -18.07 12.93 -26.09
CA VAL A 528 -19.28 12.16 -25.85
C VAL A 528 -20.03 12.88 -24.73
N VAL A 529 -21.11 13.57 -25.09
CA VAL A 529 -21.90 14.30 -24.09
C VAL A 529 -22.50 13.30 -23.10
N GLY A 530 -22.23 13.51 -21.81
CA GLY A 530 -22.87 12.72 -20.78
C GLY A 530 -22.24 11.38 -20.48
N ALA A 531 -21.01 11.15 -20.93
CA ALA A 531 -20.36 9.86 -20.68
C ALA A 531 -20.18 9.60 -19.18
N LYS A 532 -20.38 8.34 -18.79
CA LYS A 532 -20.08 7.88 -17.45
C LYS A 532 -18.63 8.21 -17.06
N HIS A 533 -18.41 8.46 -15.77
CA HIS A 533 -17.05 8.62 -15.27
C HIS A 533 -16.20 7.40 -15.62
N ASP A 534 -14.98 7.66 -16.11
CA ASP A 534 -14.07 6.58 -16.48
C ASP A 534 -13.72 5.67 -15.32
N ARG A 535 -13.66 6.20 -14.10
CA ARG A 535 -13.15 5.44 -12.97
C ARG A 535 -14.23 4.79 -12.11
N ILE A 536 -15.48 4.80 -12.56
CA ILE A 536 -16.57 4.17 -11.83
C ILE A 536 -17.13 3.05 -12.70
N ALA A 537 -17.09 1.82 -12.20
CA ALA A 537 -17.58 0.71 -12.98
C ALA A 537 -19.10 0.59 -12.87
N LEU A 538 -19.74 0.35 -14.01
CA LEU A 538 -21.11 -0.08 -13.97
C LEU A 538 -21.18 -1.41 -13.22
N PRO A 539 -22.29 -1.69 -12.52
CA PRO A 539 -22.36 -2.94 -11.75
C PRO A 539 -22.06 -4.18 -12.58
N ALA A 540 -22.50 -4.22 -13.85
CA ALA A 540 -22.20 -5.37 -14.70
C ALA A 540 -20.72 -5.54 -14.98
N GLU A 541 -19.93 -4.48 -14.82
CA GLU A 541 -18.52 -4.51 -15.20
C GLU A 541 -17.60 -4.54 -13.97
N LEU A 542 -18.13 -4.91 -12.81
CA LEU A 542 -17.35 -4.92 -11.58
C LEU A 542 -16.09 -5.75 -11.69
N PHE A 543 -16.12 -6.84 -12.45
CA PHE A 543 -14.96 -7.71 -12.55
C PHE A 543 -14.21 -7.54 -13.86
N GLY A 544 -14.56 -6.53 -14.66
CA GLY A 544 -13.79 -6.24 -15.85
C GLY A 544 -13.79 -7.40 -16.82
N ASP A 545 -12.61 -7.72 -17.35
CA ASP A 545 -12.50 -8.74 -18.38
C ASP A 545 -12.60 -10.16 -17.83
N ALA A 546 -12.55 -10.34 -16.52
CA ALA A 546 -12.56 -11.69 -15.96
C ALA A 546 -13.89 -12.38 -16.23
N ARG A 547 -14.99 -11.70 -15.95
CA ARG A 547 -16.32 -12.28 -16.17
C ARG A 547 -17.35 -11.18 -16.01
N THR A 548 -18.56 -11.48 -16.44
CA THR A 548 -19.67 -10.54 -16.36
C THR A 548 -20.40 -10.75 -15.03
N ASN A 549 -20.60 -9.65 -14.30
CA ASN A 549 -21.34 -9.74 -13.05
C ASN A 549 -22.77 -10.18 -13.33
N SER A 550 -23.34 -10.98 -12.43
CA SER A 550 -24.77 -11.24 -12.47
C SER A 550 -25.55 -9.94 -12.25
N ALA A 551 -26.78 -9.92 -12.74
CA ALA A 551 -27.65 -8.76 -12.62
C ALA A 551 -28.78 -9.06 -11.64
N GLY A 552 -29.13 -8.06 -10.84
CA GLY A 552 -30.23 -8.15 -9.92
C GLY A 552 -31.48 -7.48 -10.47
N LEU A 553 -32.38 -7.13 -9.55
CA LEU A 553 -33.63 -6.49 -9.89
C LEU A 553 -33.91 -5.41 -8.85
N ASP A 554 -34.42 -4.27 -9.31
CA ASP A 554 -34.69 -3.14 -8.42
C ASP A 554 -36.11 -3.26 -7.88
N LEU A 555 -36.24 -3.71 -6.62
CA LEU A 555 -37.57 -3.88 -6.04
C LEU A 555 -38.16 -2.57 -5.53
N SER A 556 -37.49 -1.44 -5.78
CA SER A 556 -38.09 -0.13 -5.56
C SER A 556 -38.65 0.48 -6.84
N ASN A 557 -38.54 -0.24 -7.96
CA ASN A 557 -38.95 0.27 -9.27
C ASN A 557 -40.31 -0.29 -9.62
N GLU A 558 -41.31 0.59 -9.80
CA GLU A 558 -42.67 0.11 -9.99
C GLU A 558 -42.84 -0.68 -11.27
N GLU A 559 -42.11 -0.31 -12.33
CA GLU A 559 -42.16 -1.13 -13.54
C GLU A 559 -41.64 -2.53 -13.26
N THR A 560 -40.52 -2.62 -12.52
CA THR A 560 -39.98 -3.93 -12.16
C THR A 560 -40.98 -4.72 -11.30
N LEU A 561 -41.60 -4.06 -10.32
CA LEU A 561 -42.53 -4.76 -9.46
C LEU A 561 -43.76 -5.22 -10.24
N ALA A 562 -44.20 -4.41 -11.20
CA ALA A 562 -45.37 -4.79 -12.00
C ALA A 562 -45.05 -5.98 -12.89
N SER A 563 -43.89 -5.93 -13.57
CA SER A 563 -43.46 -7.05 -14.40
C SER A 563 -43.21 -8.30 -13.58
N LEU A 564 -42.57 -8.16 -12.42
CA LEU A 564 -42.28 -9.30 -11.57
C LEU A 564 -43.58 -9.93 -11.04
N THR A 565 -44.55 -9.10 -10.66
CA THR A 565 -45.82 -9.64 -10.19
C THR A 565 -46.39 -10.63 -11.20
N GLU A 566 -46.39 -10.26 -12.48
CA GLU A 566 -46.97 -11.15 -13.48
C GLU A 566 -46.11 -12.38 -13.70
N ALA A 567 -44.80 -12.22 -13.76
CA ALA A 567 -43.92 -13.38 -13.91
C ALA A 567 -44.06 -14.33 -12.73
N LEU A 568 -44.18 -13.78 -11.52
CA LEU A 568 -44.28 -14.63 -10.34
C LEU A 568 -45.61 -15.38 -10.33
N ARG A 569 -46.70 -14.68 -10.65
CA ARG A 569 -48.00 -15.35 -10.76
C ARG A 569 -47.95 -16.47 -11.78
N GLU A 570 -47.36 -16.19 -12.96
CA GLU A 570 -47.28 -17.21 -14.00
C GLU A 570 -46.45 -18.40 -13.54
N SER A 571 -45.38 -18.15 -12.78
CA SER A 571 -44.57 -19.24 -12.26
C SER A 571 -45.37 -20.14 -11.33
N ALA A 572 -46.31 -19.56 -10.57
CA ALA A 572 -47.11 -20.36 -9.65
C ALA A 572 -48.15 -21.21 -10.35
N ALA A 573 -48.46 -20.91 -11.62
CA ALA A 573 -49.39 -21.71 -12.38
C ALA A 573 -48.73 -22.89 -13.08
N MET A 574 -47.40 -22.98 -13.04
CA MET A 574 -46.69 -24.02 -13.76
C MET A 574 -46.70 -25.33 -12.97
N LYS A 575 -46.68 -26.44 -13.71
CA LYS A 575 -46.68 -27.77 -13.09
C LYS A 575 -45.23 -28.24 -12.96
N TRP A 576 -44.57 -27.70 -11.95
CA TRP A 576 -43.18 -28.04 -11.69
C TRP A 576 -43.06 -29.51 -11.28
N THR A 577 -42.09 -30.21 -11.85
CA THR A 577 -41.80 -31.58 -11.44
C THR A 577 -40.29 -31.77 -11.30
N ALA A 578 -39.94 -32.80 -10.54
CA ALA A 578 -38.57 -33.29 -10.46
C ALA A 578 -38.60 -34.80 -10.57
N LEU A 579 -37.81 -35.34 -11.47
CA LEU A 579 -37.79 -36.77 -11.75
C LEU A 579 -36.37 -37.29 -11.68
N PRO A 580 -36.19 -38.59 -11.45
CA PRO A 580 -34.86 -39.17 -11.61
C PRO A 580 -34.46 -39.15 -13.06
N GLN A 581 -33.55 -38.26 -13.43
CA GLN A 581 -33.14 -38.06 -14.81
C GLN A 581 -31.84 -38.83 -15.00
N LEU A 582 -31.96 -40.09 -15.41
CA LEU A 582 -30.79 -40.90 -15.66
C LEU A 582 -30.24 -40.61 -17.05
N ALA A 583 -29.06 -41.15 -17.36
CA ALA A 583 -28.46 -40.91 -18.66
C ALA A 583 -29.37 -41.40 -19.77
N THR A 584 -30.15 -42.44 -19.50
CA THR A 584 -31.00 -43.11 -20.47
C THR A 584 -32.39 -42.51 -20.57
N GLY A 585 -32.71 -41.54 -19.73
CA GLY A 585 -34.04 -40.96 -19.68
C GLY A 585 -34.61 -40.95 -18.28
N PRO A 586 -35.77 -40.33 -18.10
CA PRO A 586 -36.38 -40.29 -16.77
C PRO A 586 -36.74 -41.70 -16.31
N ALA A 587 -36.62 -41.92 -15.00
CA ALA A 587 -36.92 -43.22 -14.42
C ALA A 587 -38.19 -43.14 -13.57
N ALA A 588 -38.89 -44.26 -13.49
CA ALA A 588 -40.07 -44.33 -12.62
C ALA A 588 -39.67 -44.34 -11.15
N GLY A 589 -40.59 -43.94 -10.30
CA GLY A 589 -40.32 -43.96 -8.88
C GLY A 589 -41.54 -43.57 -8.07
N GLU A 590 -41.34 -43.45 -6.76
CA GLU A 590 -42.39 -42.98 -5.87
C GLU A 590 -42.55 -41.48 -6.01
N THR A 591 -43.78 -41.04 -6.27
CA THR A 591 -44.09 -39.63 -6.52
C THR A 591 -44.88 -39.05 -5.36
N ARG A 592 -44.53 -37.82 -4.96
CA ARG A 592 -45.27 -37.11 -3.93
C ARG A 592 -45.27 -35.62 -4.25
N THR A 593 -46.18 -34.88 -3.63
CA THR A 593 -46.24 -33.45 -3.87
C THR A 593 -45.17 -32.73 -3.05
N VAL A 594 -44.84 -31.53 -3.51
CA VAL A 594 -43.96 -30.60 -2.80
C VAL A 594 -44.82 -29.43 -2.36
N LEU A 595 -44.84 -29.15 -1.05
CA LEU A 595 -45.72 -28.14 -0.48
C LEU A 595 -44.94 -26.91 -0.07
N ASN A 596 -45.58 -25.75 -0.23
CA ASN A 596 -45.03 -24.48 0.22
C ASN A 596 -44.83 -24.49 1.73
N PRO A 597 -43.61 -24.30 2.25
CA PRO A 597 -43.43 -24.34 3.71
C PRO A 597 -44.19 -23.25 4.45
N GLY A 598 -44.53 -22.15 3.78
CA GLY A 598 -45.30 -21.10 4.41
C GLY A 598 -46.80 -21.29 4.35
N ASP A 599 -47.26 -22.32 3.65
CA ASP A 599 -48.67 -22.63 3.53
C ASP A 599 -48.83 -23.97 2.85
N HIS A 600 -49.05 -25.02 3.63
CA HIS A 600 -49.04 -26.37 3.08
C HIS A 600 -50.22 -26.62 2.13
N ARG A 601 -51.20 -25.72 2.08
CA ARG A 601 -52.28 -25.80 1.10
C ARG A 601 -51.79 -25.49 -0.31
N ASP A 602 -50.64 -24.84 -0.44
CA ASP A 602 -50.10 -24.38 -1.72
C ASP A 602 -49.16 -25.47 -2.24
N VAL A 603 -49.66 -26.27 -3.17
CA VAL A 603 -48.87 -27.33 -3.79
C VAL A 603 -47.99 -26.71 -4.87
N VAL A 604 -46.68 -26.86 -4.74
CA VAL A 604 -45.74 -26.25 -5.67
C VAL A 604 -45.47 -27.17 -6.86
N GLY A 605 -45.37 -28.47 -6.60
CA GLY A 605 -45.13 -29.40 -7.67
C GLY A 605 -45.08 -30.82 -7.15
N SER A 606 -44.47 -31.69 -7.95
CA SER A 606 -44.42 -33.10 -7.66
C SER A 606 -43.02 -33.63 -7.93
N VAL A 607 -42.53 -34.46 -7.03
CA VAL A 607 -41.20 -35.03 -7.16
C VAL A 607 -41.34 -36.54 -7.24
N THR A 608 -40.62 -37.14 -8.18
CA THR A 608 -40.48 -38.59 -8.28
C THR A 608 -39.10 -38.92 -7.75
N GLU A 609 -39.04 -39.68 -6.67
CA GLU A 609 -37.77 -39.92 -6.01
C GLU A 609 -37.11 -41.21 -6.51
N THR A 610 -35.79 -41.26 -6.32
CA THR A 610 -34.94 -42.27 -6.95
C THR A 610 -34.85 -43.51 -6.08
N SER A 611 -35.02 -44.68 -6.69
CA SER A 611 -34.77 -45.92 -5.98
C SER A 611 -33.28 -46.10 -5.76
N GLU A 612 -32.92 -46.86 -4.73
CA GLU A 612 -31.51 -47.14 -4.49
C GLU A 612 -30.91 -47.93 -5.65
N GLU A 613 -31.72 -48.77 -6.30
CA GLU A 613 -31.24 -49.48 -7.48
C GLU A 613 -30.87 -48.50 -8.59
N ASP A 614 -31.74 -47.52 -8.85
CA ASP A 614 -31.46 -46.59 -9.94
C ASP A 614 -30.31 -45.64 -9.60
N ALA A 615 -30.13 -45.31 -8.31
CA ALA A 615 -28.97 -44.50 -7.93
C ALA A 615 -27.68 -45.24 -8.25
N ARG A 616 -27.60 -46.53 -7.90
CA ARG A 616 -26.44 -47.33 -8.26
C ARG A 616 -26.30 -47.41 -9.78
N ARG A 617 -27.42 -47.55 -10.49
CA ARG A 617 -27.35 -47.60 -11.95
C ARG A 617 -26.83 -46.28 -12.52
N ALA A 618 -27.26 -45.14 -11.96
CA ALA A 618 -26.80 -43.84 -12.44
C ALA A 618 -25.28 -43.69 -12.32
N VAL A 619 -24.68 -44.21 -11.25
CA VAL A 619 -23.24 -44.10 -11.11
C VAL A 619 -22.53 -44.94 -12.16
N ARG A 620 -23.06 -46.14 -12.45
CA ARG A 620 -22.43 -46.96 -13.49
C ARG A 620 -22.53 -46.28 -14.84
N LEU A 621 -23.68 -45.65 -15.13
CA LEU A 621 -23.83 -44.91 -16.39
C LEU A 621 -22.86 -43.72 -16.44
N ALA A 622 -22.67 -43.05 -15.30
CA ALA A 622 -21.71 -41.95 -15.24
C ALA A 622 -20.30 -42.45 -15.55
N ALA A 623 -19.92 -43.58 -14.95
CA ALA A 623 -18.61 -44.15 -15.21
C ALA A 623 -18.44 -44.47 -16.69
N ASP A 624 -19.45 -45.11 -17.29
CA ASP A 624 -19.35 -45.44 -18.71
C ASP A 624 -19.24 -44.18 -19.57
N ALA A 625 -19.84 -43.08 -19.12
CA ALA A 625 -19.83 -41.84 -19.89
C ALA A 625 -18.65 -40.93 -19.56
N ALA A 626 -17.86 -41.26 -18.54
CA ALA A 626 -16.79 -40.35 -18.10
C ALA A 626 -15.80 -40.01 -19.20
N PRO A 627 -15.29 -40.97 -20.01
CA PRO A 627 -14.32 -40.58 -21.04
C PRO A 627 -14.87 -39.60 -22.06
N ASP A 628 -16.14 -39.75 -22.45
CA ASP A 628 -16.72 -38.86 -23.45
C ASP A 628 -16.82 -37.43 -22.92
N TRP A 629 -17.14 -37.28 -21.63
CA TRP A 629 -17.25 -35.93 -21.09
C TRP A 629 -15.88 -35.33 -20.83
N ALA A 630 -14.92 -36.14 -20.37
CA ALA A 630 -13.58 -35.61 -20.14
C ALA A 630 -12.94 -35.15 -21.46
N ALA A 631 -13.37 -35.73 -22.58
CA ALA A 631 -12.80 -35.38 -23.87
C ALA A 631 -13.36 -34.08 -24.43
N VAL A 632 -14.43 -33.55 -23.85
CA VAL A 632 -14.90 -32.22 -24.22
C VAL A 632 -13.87 -31.24 -23.68
N PRO A 633 -13.24 -30.44 -24.53
CA PRO A 633 -12.13 -29.60 -24.08
C PRO A 633 -12.60 -28.62 -23.01
N PRO A 634 -11.72 -28.25 -22.09
CA PRO A 634 -12.13 -27.37 -20.98
C PRO A 634 -12.81 -26.08 -21.42
N SER A 635 -12.32 -25.44 -22.48
CA SER A 635 -12.94 -24.20 -22.92
C SER A 635 -14.38 -24.42 -23.33
N GLU A 636 -14.68 -25.58 -23.91
CA GLU A 636 -16.04 -25.88 -24.33
C GLU A 636 -16.92 -26.27 -23.14
N ARG A 637 -16.35 -26.99 -22.15
CA ARG A 637 -17.10 -27.23 -20.92
C ARG A 637 -17.43 -25.90 -20.23
N ALA A 638 -16.48 -24.97 -20.23
CA ALA A 638 -16.71 -23.65 -19.64
C ALA A 638 -17.75 -22.87 -20.44
N ALA A 639 -17.78 -23.05 -21.77
CA ALA A 639 -18.80 -22.38 -22.56
C ALA A 639 -20.20 -22.89 -22.20
N CYS A 640 -20.34 -24.17 -21.86
CA CYS A 640 -21.63 -24.67 -21.37
C CYS A 640 -22.04 -23.92 -20.11
N LEU A 641 -21.10 -23.75 -19.17
CA LEU A 641 -21.39 -23.03 -17.94
C LEU A 641 -21.82 -21.60 -18.22
N ASP A 642 -21.12 -20.92 -19.13
CA ASP A 642 -21.49 -19.55 -19.45
C ASP A 642 -22.86 -19.48 -20.11
N ARG A 643 -23.16 -20.44 -20.99
CA ARG A 643 -24.50 -20.47 -21.58
C ARG A 643 -25.56 -20.72 -20.52
N ALA A 644 -25.29 -21.61 -19.58
CA ALA A 644 -26.23 -21.86 -18.49
C ALA A 644 -26.45 -20.61 -17.66
N ALA A 645 -25.40 -19.82 -17.45
CA ALA A 645 -25.56 -18.59 -16.69
C ALA A 645 -26.45 -17.59 -17.41
N GLU A 646 -26.27 -17.46 -18.73
CA GLU A 646 -27.16 -16.60 -19.50
C GLU A 646 -28.61 -17.06 -19.38
N LEU A 647 -28.83 -18.38 -19.42
CA LEU A 647 -30.18 -18.91 -19.34
C LEU A 647 -30.80 -18.61 -17.97
N MET A 648 -30.01 -18.77 -16.90
CA MET A 648 -30.53 -18.46 -15.57
C MET A 648 -30.81 -16.98 -15.42
N GLN A 649 -29.95 -16.13 -15.97
CA GLN A 649 -30.19 -14.70 -15.91
C GLN A 649 -31.50 -14.34 -16.60
N ALA A 650 -31.74 -14.91 -17.78
CA ALA A 650 -32.95 -14.61 -18.52
C ALA A 650 -34.19 -15.10 -17.79
N ARG A 651 -34.08 -16.25 -17.13
CA ARG A 651 -35.19 -16.89 -16.45
C ARG A 651 -35.31 -16.49 -15.00
N MET A 652 -34.52 -15.51 -14.55
CA MET A 652 -34.53 -15.15 -13.14
C MET A 652 -35.93 -14.90 -12.57
N PRO A 653 -36.82 -14.15 -13.23
CA PRO A 653 -38.15 -13.93 -12.62
C PRO A 653 -38.89 -15.22 -12.31
N THR A 654 -38.92 -16.15 -13.27
CA THR A 654 -39.57 -17.44 -13.02
C THR A 654 -38.85 -18.24 -11.96
N LEU A 655 -37.50 -18.23 -11.97
CA LEU A 655 -36.76 -18.92 -10.93
C LEU A 655 -37.05 -18.32 -9.55
N LEU A 656 -37.22 -17.00 -9.47
CA LEU A 656 -37.58 -16.37 -8.19
C LEU A 656 -38.86 -16.96 -7.63
N GLY A 657 -39.90 -17.05 -8.46
CA GLY A 657 -41.17 -17.56 -7.98
C GLY A 657 -41.07 -18.96 -7.44
N LEU A 658 -40.26 -19.79 -8.09
CA LEU A 658 -40.12 -21.17 -7.62
C LEU A 658 -39.38 -21.24 -6.30
N ILE A 659 -38.29 -20.48 -6.16
CA ILE A 659 -37.55 -20.46 -4.91
C ILE A 659 -38.40 -19.90 -3.78
N ILE A 660 -39.13 -18.82 -4.04
CA ILE A 660 -39.99 -18.22 -3.03
C ILE A 660 -40.97 -19.26 -2.48
N ARG A 661 -41.60 -20.03 -3.36
CA ARG A 661 -42.66 -20.94 -2.93
C ARG A 661 -42.13 -22.29 -2.46
N GLU A 662 -41.06 -22.81 -3.06
CA GLU A 662 -40.58 -24.13 -2.65
C GLU A 662 -39.74 -24.06 -1.38
N ALA A 663 -38.93 -23.02 -1.23
CA ALA A 663 -37.93 -22.97 -0.16
C ALA A 663 -38.22 -21.90 0.88
N GLY A 664 -39.37 -21.23 0.79
CA GLY A 664 -39.74 -20.27 1.83
C GLY A 664 -38.93 -19.01 1.86
N LYS A 665 -38.35 -18.61 0.73
CA LYS A 665 -37.49 -17.44 0.65
C LYS A 665 -38.28 -16.20 0.27
N SER A 666 -37.80 -15.05 0.74
CA SER A 666 -38.32 -13.77 0.27
C SER A 666 -37.78 -13.46 -1.12
N ALA A 667 -38.39 -12.46 -1.77
CA ALA A 667 -37.98 -12.09 -3.12
C ALA A 667 -36.53 -11.60 -3.14
N LEU A 668 -36.14 -10.76 -2.19
CA LEU A 668 -34.75 -10.30 -2.12
C LEU A 668 -33.79 -11.48 -2.01
N ASN A 669 -34.11 -12.44 -1.14
CA ASN A 669 -33.22 -13.58 -0.96
C ASN A 669 -33.20 -14.48 -2.18
N ALA A 670 -34.34 -14.63 -2.88
CA ALA A 670 -34.38 -15.42 -4.10
C ALA A 670 -33.53 -14.77 -5.19
N ILE A 671 -33.57 -13.43 -5.29
CA ILE A 671 -32.71 -12.75 -6.27
C ILE A 671 -31.25 -13.05 -5.98
N ALA A 672 -30.84 -12.88 -4.72
CA ALA A 672 -29.46 -13.15 -4.35
C ALA A 672 -29.09 -14.61 -4.64
N GLU A 673 -30.04 -15.52 -4.46
CA GLU A 673 -29.80 -16.94 -4.70
C GLU A 673 -29.53 -17.20 -6.18
N VAL A 674 -30.36 -16.64 -7.07
CA VAL A 674 -30.17 -16.86 -8.50
C VAL A 674 -28.90 -16.15 -8.97
N ARG A 675 -28.63 -14.97 -8.41
CA ARG A 675 -27.38 -14.29 -8.73
C ARG A 675 -26.19 -15.14 -8.34
N GLU A 676 -26.23 -15.78 -7.17
CA GLU A 676 -25.09 -16.59 -6.76
C GLU A 676 -24.90 -17.78 -7.69
N ALA A 677 -25.99 -18.37 -8.16
CA ALA A 677 -25.87 -19.46 -9.14
C ALA A 677 -25.20 -18.98 -10.42
N ILE A 678 -25.65 -17.83 -10.93
CA ILE A 678 -25.06 -17.27 -12.15
C ILE A 678 -23.58 -16.99 -11.93
N ASP A 679 -23.25 -16.45 -10.75
CA ASP A 679 -21.87 -16.11 -10.43
C ASP A 679 -20.99 -17.36 -10.33
N PHE A 680 -21.48 -18.42 -9.66
CA PHE A 680 -20.76 -19.70 -9.67
C PHE A 680 -20.44 -20.17 -11.09
N LEU A 681 -21.47 -20.24 -11.94
CA LEU A 681 -21.27 -20.71 -13.31
C LEU A 681 -20.19 -19.90 -14.02
N ARG A 682 -20.27 -18.58 -13.94
CA ARG A 682 -19.32 -17.74 -14.65
C ARG A 682 -17.95 -17.74 -14.01
N TYR A 683 -17.89 -17.82 -12.67
CA TYR A 683 -16.60 -17.86 -12.00
C TYR A 683 -15.86 -19.17 -12.31
N TYR A 684 -16.55 -20.31 -12.20
CA TYR A 684 -15.86 -21.56 -12.48
C TYR A 684 -15.52 -21.69 -13.96
N ALA A 685 -16.33 -21.10 -14.85
CA ALA A 685 -15.96 -21.06 -16.26
C ALA A 685 -14.65 -20.29 -16.46
N GLU A 686 -14.54 -19.11 -15.84
CA GLU A 686 -13.33 -18.31 -16.01
C GLU A 686 -12.12 -18.99 -15.36
N GLN A 687 -12.31 -19.56 -14.16
CA GLN A 687 -11.19 -20.25 -13.52
C GLN A 687 -10.72 -21.42 -14.37
N THR A 688 -11.66 -22.10 -15.03
CA THR A 688 -11.29 -23.17 -15.95
C THR A 688 -10.43 -22.65 -17.10
N ARG A 689 -10.88 -21.55 -17.73
CA ARG A 689 -10.13 -20.98 -18.85
C ARG A 689 -8.75 -20.52 -18.42
N ARG A 690 -8.58 -20.18 -17.13
CA ARG A 690 -7.28 -19.77 -16.63
C ARG A 690 -6.36 -20.94 -16.33
N THR A 691 -6.89 -22.15 -16.11
CA THR A 691 -6.06 -23.21 -15.52
C THR A 691 -6.01 -24.53 -16.28
N LEU A 692 -7.17 -25.10 -16.67
CA LEU A 692 -7.22 -26.54 -16.92
C LEU A 692 -6.60 -26.93 -18.27
N GLY A 693 -5.69 -27.89 -18.23
CA GLY A 693 -5.06 -28.42 -19.42
C GLY A 693 -5.12 -29.93 -19.49
N PRO A 694 -4.45 -30.51 -20.49
CA PRO A 694 -4.53 -31.97 -20.69
C PRO A 694 -4.04 -32.79 -19.50
N GLY A 695 -3.05 -32.30 -18.77
CA GLY A 695 -2.55 -33.05 -17.64
C GLY A 695 -3.38 -32.97 -16.37
N HIS A 696 -4.47 -32.22 -16.35
CA HIS A 696 -5.32 -32.13 -15.17
C HIS A 696 -6.53 -33.02 -15.42
N GLY A 697 -6.34 -34.32 -15.20
CA GLY A 697 -7.35 -35.29 -15.53
C GLY A 697 -8.46 -35.33 -14.50
N PRO A 698 -9.69 -35.56 -14.94
CA PRO A 698 -10.82 -35.62 -14.01
C PRO A 698 -10.68 -36.79 -13.05
N LEU A 699 -11.34 -36.65 -11.90
CA LEU A 699 -11.43 -37.78 -10.96
C LEU A 699 -12.28 -38.90 -11.53
N GLY A 700 -13.40 -38.57 -12.17
CA GLY A 700 -14.38 -39.55 -12.56
C GLY A 700 -15.73 -39.13 -12.04
N PRO A 701 -16.68 -40.06 -11.92
CA PRO A 701 -18.03 -39.68 -11.44
C PRO A 701 -17.96 -39.04 -10.06
N ILE A 702 -18.57 -37.87 -9.94
CA ILE A 702 -18.59 -37.12 -8.70
C ILE A 702 -20.02 -37.03 -8.21
N VAL A 703 -20.22 -37.33 -6.93
CA VAL A 703 -21.53 -37.27 -6.30
C VAL A 703 -21.64 -35.92 -5.62
N CYS A 704 -22.64 -35.13 -6.03
CA CYS A 704 -22.88 -33.80 -5.48
C CYS A 704 -24.15 -33.85 -4.65
N ILE A 705 -24.01 -33.63 -3.35
CA ILE A 705 -25.09 -33.68 -2.39
C ILE A 705 -25.21 -32.29 -1.79
N SER A 706 -26.40 -31.73 -1.83
CA SER A 706 -26.60 -30.32 -1.51
C SER A 706 -27.69 -30.14 -0.47
N PRO A 707 -27.68 -28.99 0.22
CA PRO A 707 -28.67 -28.72 1.27
C PRO A 707 -29.91 -28.04 0.71
N TRP A 708 -30.95 -27.97 1.54
CA TRP A 708 -32.20 -27.35 1.10
C TRP A 708 -32.12 -25.83 1.11
N ASN A 709 -31.23 -25.24 1.91
CA ASN A 709 -31.37 -23.82 2.24
C ASN A 709 -30.77 -22.89 1.19
N PHE A 710 -29.91 -23.39 0.32
CA PHE A 710 -29.51 -22.68 -0.89
C PHE A 710 -29.77 -23.63 -2.04
N PRO A 711 -31.05 -23.84 -2.38
CA PRO A 711 -31.43 -24.97 -3.21
C PRO A 711 -31.09 -24.80 -4.68
N LEU A 712 -30.76 -23.59 -5.10
CA LEU A 712 -30.24 -23.40 -6.45
C LEU A 712 -28.76 -23.03 -6.45
N ALA A 713 -28.32 -22.14 -5.56
CA ALA A 713 -26.96 -21.63 -5.66
C ALA A 713 -25.93 -22.71 -5.34
N ILE A 714 -26.02 -23.30 -4.16
CA ILE A 714 -25.02 -24.30 -3.77
C ILE A 714 -25.17 -25.56 -4.61
N PHE A 715 -26.42 -25.93 -4.91
CA PHE A 715 -26.67 -27.00 -5.86
C PHE A 715 -25.91 -26.78 -7.16
N THR A 716 -26.12 -25.62 -7.79
CA THR A 716 -25.46 -25.33 -9.06
C THR A 716 -23.95 -25.22 -8.90
N GLY A 717 -23.48 -24.61 -7.81
CA GLY A 717 -22.05 -24.40 -7.66
C GLY A 717 -21.27 -25.70 -7.66
N GLN A 718 -21.73 -26.67 -6.87
CA GLN A 718 -20.98 -27.93 -6.77
C GLN A 718 -20.97 -28.65 -8.12
N ILE A 719 -22.14 -28.74 -8.75
CA ILE A 719 -22.30 -29.44 -10.02
C ILE A 719 -21.48 -28.77 -11.10
N ALA A 720 -21.53 -27.44 -11.17
CA ALA A 720 -20.83 -26.72 -12.22
C ALA A 720 -19.33 -26.91 -12.11
N ALA A 721 -18.80 -26.83 -10.90
CA ALA A 721 -17.37 -27.05 -10.69
C ALA A 721 -16.96 -28.47 -11.12
N ALA A 722 -17.71 -29.47 -10.66
CA ALA A 722 -17.38 -30.84 -11.02
C ALA A 722 -17.44 -31.06 -12.53
N LEU A 723 -18.53 -30.60 -13.16
CA LEU A 723 -18.67 -30.75 -14.61
C LEU A 723 -17.54 -30.06 -15.35
N VAL A 724 -17.22 -28.82 -14.98
CA VAL A 724 -16.27 -28.08 -15.79
C VAL A 724 -14.86 -28.63 -15.59
N ALA A 725 -14.60 -29.27 -14.46
CA ALA A 725 -13.34 -30.00 -14.28
C ALA A 725 -13.28 -31.31 -15.05
N GLY A 726 -14.33 -31.66 -15.80
CA GLY A 726 -14.31 -32.83 -16.65
C GLY A 726 -14.93 -34.08 -16.08
N ASN A 727 -15.65 -33.98 -14.95
CA ASN A 727 -16.25 -35.11 -14.26
C ASN A 727 -17.74 -35.22 -14.57
N PRO A 728 -18.26 -36.41 -14.85
CA PRO A 728 -19.71 -36.56 -14.85
C PRO A 728 -20.24 -36.50 -13.42
N VAL A 729 -21.46 -36.00 -13.28
CA VAL A 729 -22.03 -35.66 -11.98
C VAL A 729 -23.32 -36.44 -11.74
N LEU A 730 -23.45 -36.94 -10.51
CA LEU A 730 -24.72 -37.41 -9.96
C LEU A 730 -25.19 -36.35 -8.98
N ALA A 731 -26.29 -35.67 -9.30
CA ALA A 731 -26.78 -34.56 -8.50
C ALA A 731 -27.89 -35.06 -7.58
N LYS A 732 -27.65 -35.01 -6.26
CA LYS A 732 -28.66 -35.46 -5.30
C LYS A 732 -29.09 -34.24 -4.49
N PRO A 733 -30.18 -33.58 -4.88
CA PRO A 733 -30.64 -32.40 -4.13
C PRO A 733 -31.33 -32.82 -2.85
N ALA A 734 -31.39 -31.86 -1.93
CA ALA A 734 -32.08 -32.08 -0.67
C ALA A 734 -33.52 -32.52 -0.95
N GLU A 735 -34.04 -33.40 -0.10
CA GLU A 735 -35.39 -33.89 -0.31
C GLU A 735 -36.43 -32.78 -0.21
N GLU A 736 -36.12 -31.69 0.52
CA GLU A 736 -37.11 -30.63 0.68
C GLU A 736 -37.28 -29.78 -0.57
N THR A 737 -36.24 -29.67 -1.41
CA THR A 737 -36.22 -28.69 -2.50
C THR A 737 -35.79 -29.32 -3.82
N PRO A 738 -36.54 -30.32 -4.32
CA PRO A 738 -36.16 -30.97 -5.58
C PRO A 738 -36.52 -30.16 -6.84
N LEU A 739 -37.56 -29.32 -6.77
CA LEU A 739 -38.08 -28.71 -7.99
C LEU A 739 -37.10 -27.71 -8.59
N ILE A 740 -36.56 -26.79 -7.78
CA ILE A 740 -35.61 -25.83 -8.33
C ILE A 740 -34.35 -26.54 -8.78
N ALA A 741 -33.99 -27.65 -8.13
CA ALA A 741 -32.85 -28.44 -8.58
C ALA A 741 -33.11 -29.03 -9.97
N ALA A 742 -34.29 -29.60 -10.18
CA ALA A 742 -34.62 -30.15 -11.49
C ALA A 742 -34.57 -29.07 -12.56
N GLU A 743 -35.01 -27.86 -12.23
CA GLU A 743 -34.97 -26.77 -13.19
C GLU A 743 -33.53 -26.34 -13.47
N GLY A 744 -32.67 -26.32 -12.44
CA GLY A 744 -31.26 -26.07 -12.67
C GLY A 744 -30.64 -27.09 -13.61
N VAL A 745 -30.96 -28.37 -13.41
CA VAL A 745 -30.43 -29.41 -14.31
C VAL A 745 -31.00 -29.25 -15.72
N ARG A 746 -32.29 -28.92 -15.83
CA ARG A 746 -32.84 -28.65 -17.16
C ARG A 746 -32.07 -27.54 -17.87
N ILE A 747 -31.74 -26.47 -17.14
CA ILE A 747 -31.01 -25.35 -17.72
C ILE A 747 -29.61 -25.78 -18.13
N LEU A 748 -28.92 -26.52 -17.27
CA LEU A 748 -27.57 -26.98 -17.58
C LEU A 748 -27.56 -27.90 -18.81
N ARG A 749 -28.58 -28.76 -18.91
CA ARG A 749 -28.67 -29.60 -20.09
C ARG A 749 -28.99 -28.78 -21.34
N GLU A 750 -29.90 -27.80 -21.22
CA GLU A 750 -30.18 -26.92 -22.35
C GLU A 750 -28.90 -26.22 -22.82
N ALA A 751 -28.04 -25.86 -21.88
CA ALA A 751 -26.79 -25.16 -22.16
C ALA A 751 -25.74 -26.06 -22.79
N GLY A 752 -26.01 -27.36 -22.90
CA GLY A 752 -25.13 -28.26 -23.61
C GLY A 752 -24.51 -29.35 -22.77
N ILE A 753 -24.75 -29.40 -21.46
CA ILE A 753 -24.25 -30.51 -20.65
C ILE A 753 -24.99 -31.77 -21.10
N PRO A 754 -24.30 -32.79 -21.60
CA PRO A 754 -24.98 -34.01 -22.03
C PRO A 754 -25.68 -34.70 -20.87
N ALA A 755 -26.79 -35.38 -21.19
CA ALA A 755 -27.54 -36.09 -20.17
C ALA A 755 -26.71 -37.13 -19.45
N SER A 756 -25.73 -37.71 -20.13
CA SER A 756 -24.88 -38.70 -19.48
C SER A 756 -23.91 -38.05 -18.49
N ALA A 757 -23.60 -36.77 -18.66
CA ALA A 757 -22.69 -36.07 -17.77
C ALA A 757 -23.37 -35.47 -16.55
N LEU A 758 -24.70 -35.32 -16.57
CA LEU A 758 -25.42 -34.71 -15.46
C LEU A 758 -26.73 -35.44 -15.23
N GLN A 759 -26.77 -36.28 -14.21
CA GLN A 759 -27.96 -37.03 -13.86
C GLN A 759 -28.54 -36.50 -12.55
N LEU A 760 -29.85 -36.34 -12.51
CA LEU A 760 -30.54 -35.84 -11.32
C LEU A 760 -31.19 -37.01 -10.60
N LEU A 761 -30.89 -37.13 -9.30
CA LEU A 761 -31.40 -38.22 -8.47
C LEU A 761 -32.12 -37.62 -7.27
N PRO A 762 -33.39 -37.23 -7.41
CA PRO A 762 -34.14 -36.71 -6.28
C PRO A 762 -34.36 -37.78 -5.22
N GLY A 763 -34.46 -37.34 -3.97
CA GLY A 763 -34.73 -38.26 -2.88
C GLY A 763 -34.03 -37.80 -1.62
N ASP A 764 -34.09 -38.67 -0.61
CA ASP A 764 -33.63 -38.33 0.73
C ASP A 764 -32.20 -38.83 0.96
N GLY A 765 -31.81 -38.96 2.23
CA GLY A 765 -30.43 -39.26 2.56
C GLY A 765 -29.96 -40.62 2.11
N ARG A 766 -30.88 -41.57 1.92
CA ARG A 766 -30.41 -42.87 1.49
C ARG A 766 -30.20 -42.92 -0.02
N VAL A 767 -30.78 -42.00 -0.78
CA VAL A 767 -30.32 -41.83 -2.15
C VAL A 767 -28.92 -41.23 -2.14
N GLY A 768 -28.67 -40.28 -1.24
CA GLY A 768 -27.32 -39.76 -1.08
C GLY A 768 -26.34 -40.85 -0.68
N ALA A 769 -26.72 -41.68 0.30
CA ALA A 769 -25.80 -42.69 0.81
C ALA A 769 -25.54 -43.76 -0.23
N ALA A 770 -26.57 -44.13 -1.00
CA ALA A 770 -26.40 -45.12 -2.05
C ALA A 770 -25.41 -44.64 -3.11
N LEU A 771 -25.48 -43.35 -3.45
CA LEU A 771 -24.54 -42.78 -4.39
C LEU A 771 -23.13 -42.76 -3.82
N VAL A 772 -22.99 -42.34 -2.57
CA VAL A 772 -21.66 -42.28 -1.95
C VAL A 772 -21.02 -43.66 -1.92
N ALA A 773 -21.82 -44.69 -1.62
CA ALA A 773 -21.29 -46.04 -1.46
C ALA A 773 -21.04 -46.76 -2.78
N ALA A 774 -21.48 -46.20 -3.91
CA ALA A 774 -21.37 -46.90 -5.19
C ALA A 774 -19.89 -47.05 -5.58
N ALA A 775 -19.55 -48.22 -6.12
CA ALA A 775 -18.14 -48.56 -6.33
C ALA A 775 -17.43 -47.57 -7.27
N GLU A 776 -18.14 -47.01 -8.25
CA GLU A 776 -17.47 -46.15 -9.23
C GLU A 776 -17.43 -44.68 -8.82
N THR A 777 -17.93 -44.33 -7.64
CA THR A 777 -17.90 -42.93 -7.19
C THR A 777 -16.45 -42.51 -6.94
N ALA A 778 -16.00 -41.49 -7.65
CA ALA A 778 -14.60 -41.09 -7.57
C ALA A 778 -14.38 -39.86 -6.73
N GLY A 779 -15.44 -39.22 -6.25
CA GLY A 779 -15.32 -38.01 -5.45
C GLY A 779 -16.68 -37.58 -4.96
N VAL A 780 -16.72 -36.90 -3.81
CA VAL A 780 -17.97 -36.47 -3.20
C VAL A 780 -17.86 -35.00 -2.81
N MET A 781 -18.84 -34.22 -3.23
CA MET A 781 -18.97 -32.81 -2.84
C MET A 781 -20.23 -32.73 -2.00
N PHE A 782 -20.05 -32.44 -0.71
CA PHE A 782 -21.14 -32.41 0.26
C PHE A 782 -21.21 -31.04 0.91
N THR A 783 -22.41 -30.48 0.94
CA THR A 783 -22.71 -29.32 1.75
C THR A 783 -23.95 -29.66 2.58
N GLY A 784 -23.85 -29.49 3.89
CA GLY A 784 -24.93 -29.90 4.77
C GLY A 784 -24.44 -29.92 6.22
N SER A 785 -25.14 -30.69 7.04
CA SER A 785 -24.77 -30.72 8.46
C SER A 785 -23.48 -31.50 8.71
N THR A 786 -22.78 -31.12 9.78
CA THR A 786 -21.55 -31.82 10.17
C THR A 786 -21.82 -33.29 10.49
N GLU A 787 -22.98 -33.60 11.08
CA GLU A 787 -23.28 -34.98 11.45
C GLU A 787 -23.39 -35.86 10.21
N VAL A 788 -24.02 -35.35 9.16
CA VAL A 788 -24.16 -36.16 7.95
C VAL A 788 -22.82 -36.26 7.23
N ALA A 789 -22.07 -35.16 7.17
CA ALA A 789 -20.74 -35.23 6.58
C ALA A 789 -19.89 -36.28 7.28
N ARG A 790 -20.05 -36.42 8.59
CA ARG A 790 -19.28 -37.41 9.34
C ARG A 790 -19.68 -38.83 8.94
N LEU A 791 -20.98 -39.05 8.64
CA LEU A 791 -21.40 -40.36 8.14
C LEU A 791 -20.82 -40.64 6.76
N ILE A 792 -20.79 -39.63 5.89
CA ILE A 792 -20.17 -39.81 4.58
C ILE A 792 -18.67 -40.08 4.71
N GLN A 793 -17.99 -39.33 5.58
CA GLN A 793 -16.57 -39.57 5.83
C GLN A 793 -16.30 -41.02 6.22
N ALA A 794 -17.16 -41.59 7.07
CA ALA A 794 -16.96 -42.98 7.51
C ALA A 794 -17.19 -43.95 6.36
N GLN A 795 -18.23 -43.71 5.55
CA GLN A 795 -18.48 -44.49 4.34
C GLN A 795 -17.24 -44.53 3.45
N LEU A 796 -16.65 -43.36 3.18
CA LEU A 796 -15.51 -43.28 2.28
C LEU A 796 -14.23 -43.82 2.91
N ALA A 797 -14.19 -44.01 4.23
CA ALA A 797 -12.94 -44.48 4.84
C ALA A 797 -12.59 -45.92 4.46
N ASP A 798 -13.56 -46.75 4.09
CA ASP A 798 -13.25 -48.10 3.63
C ASP A 798 -13.04 -48.16 2.12
N ARG A 799 -12.84 -47.02 1.47
CA ARG A 799 -12.82 -46.92 0.02
C ARG A 799 -11.48 -46.41 -0.47
N LEU A 800 -11.01 -46.95 -1.58
CA LEU A 800 -9.86 -46.41 -2.28
C LEU A 800 -10.18 -46.29 -3.76
N SER A 801 -9.53 -45.33 -4.42
CA SER A 801 -9.64 -45.20 -5.86
C SER A 801 -8.98 -46.40 -6.52
N PRO A 802 -9.22 -46.62 -7.83
CA PRO A 802 -8.48 -47.68 -8.52
C PRO A 802 -6.97 -47.53 -8.40
N ALA A 803 -6.48 -46.30 -8.31
CA ALA A 803 -5.06 -46.06 -8.06
C ALA A 803 -4.67 -46.26 -6.61
N GLY A 804 -5.61 -46.67 -5.75
CA GLY A 804 -5.29 -46.93 -4.36
C GLY A 804 -5.12 -45.71 -3.48
N ARG A 805 -5.83 -44.62 -3.75
CA ARG A 805 -5.75 -43.40 -2.97
C ARG A 805 -7.13 -43.04 -2.43
N PRO A 806 -7.21 -42.21 -1.38
CA PRO A 806 -8.52 -41.87 -0.81
C PRO A 806 -9.38 -41.14 -1.81
N ILE A 807 -10.69 -41.37 -1.72
CA ILE A 807 -11.70 -40.68 -2.54
C ILE A 807 -11.86 -39.27 -2.00
N PRO A 808 -11.59 -38.24 -2.80
CA PRO A 808 -11.67 -36.87 -2.27
C PRO A 808 -13.08 -36.52 -1.81
N LEU A 809 -13.13 -35.83 -0.68
CA LEU A 809 -14.38 -35.36 -0.10
C LEU A 809 -14.23 -33.88 0.22
N ILE A 810 -15.08 -33.05 -0.38
CA ILE A 810 -15.27 -31.67 0.04
C ILE A 810 -16.52 -31.67 0.88
N ALA A 811 -16.39 -31.32 2.15
CA ALA A 811 -17.51 -31.35 3.10
C ALA A 811 -17.61 -30.00 3.79
N GLU A 812 -18.58 -29.20 3.37
CA GLU A 812 -18.76 -27.84 3.89
C GLU A 812 -19.96 -27.85 4.82
N THR A 813 -19.74 -27.54 6.09
CA THR A 813 -20.72 -27.92 7.10
C THR A 813 -21.15 -26.74 7.96
N GLY A 814 -21.57 -26.98 9.19
CA GLY A 814 -22.29 -25.96 9.94
C GLY A 814 -21.40 -24.92 10.57
N GLY A 815 -22.04 -23.91 11.16
CA GLY A 815 -21.33 -22.85 11.85
C GLY A 815 -21.99 -22.53 13.17
N GLN A 816 -21.23 -21.85 14.03
CA GLN A 816 -21.73 -21.29 15.27
C GLN A 816 -21.23 -19.85 15.32
N ASN A 817 -21.77 -19.05 14.43
CA ASN A 817 -21.13 -17.82 14.01
C ASN A 817 -21.39 -16.69 15.00
N ALA A 818 -20.31 -16.00 15.36
CA ALA A 818 -20.35 -14.93 16.34
C ALA A 818 -20.09 -13.58 15.69
N MET A 819 -20.61 -12.54 16.34
CA MET A 819 -20.25 -11.16 16.05
C MET A 819 -19.86 -10.49 17.35
N ILE A 820 -18.69 -9.83 17.36
CA ILE A 820 -18.22 -9.09 18.53
C ILE A 820 -18.40 -7.60 18.27
N VAL A 821 -18.99 -6.89 19.23
CA VAL A 821 -19.30 -5.47 19.11
C VAL A 821 -18.70 -4.76 20.31
N ASP A 822 -17.87 -3.74 20.07
CA ASP A 822 -17.35 -2.99 21.20
C ASP A 822 -18.06 -1.65 21.30
N SER A 823 -17.64 -0.84 22.27
CA SER A 823 -18.29 0.43 22.57
C SER A 823 -17.98 1.53 21.56
N SER A 824 -17.15 1.27 20.55
CA SER A 824 -16.89 2.25 19.51
C SER A 824 -17.84 2.12 18.32
N ALA A 825 -18.58 1.01 18.24
CA ALA A 825 -19.46 0.78 17.11
C ALA A 825 -20.70 1.66 17.21
N LEU A 826 -21.30 1.95 16.06
CA LEU A 826 -22.52 2.76 16.02
C LEU A 826 -23.72 1.83 16.16
N ALA A 827 -24.50 2.02 17.23
CA ALA A 827 -25.55 1.06 17.56
C ALA A 827 -26.50 0.81 16.39
N GLU A 828 -26.93 1.89 15.72
CA GLU A 828 -27.87 1.74 14.61
C GLU A 828 -27.30 0.85 13.50
N GLN A 829 -26.01 1.00 13.19
CA GLN A 829 -25.38 0.12 12.21
C GLN A 829 -25.33 -1.31 12.69
N VAL A 830 -24.92 -1.50 13.95
CA VAL A 830 -24.86 -2.84 14.55
C VAL A 830 -26.21 -3.52 14.45
N VAL A 831 -27.27 -2.83 14.88
CA VAL A 831 -28.56 -3.48 14.97
C VAL A 831 -29.07 -3.90 13.61
N GLY A 832 -28.90 -3.03 12.60
CA GLY A 832 -29.29 -3.40 11.25
C GLY A 832 -28.54 -4.63 10.76
N ASP A 833 -27.22 -4.67 10.99
CA ASP A 833 -26.44 -5.82 10.57
C ASP A 833 -26.79 -7.07 11.36
N VAL A 834 -27.16 -6.92 12.64
CA VAL A 834 -27.54 -8.07 13.44
C VAL A 834 -28.89 -8.63 13.01
N ILE A 835 -29.88 -7.75 12.84
CA ILE A 835 -31.20 -8.19 12.41
C ILE A 835 -31.11 -8.92 11.08
N THR A 836 -30.34 -8.37 10.14
CA THR A 836 -30.15 -9.06 8.87
C THR A 836 -29.40 -10.37 9.06
N SER A 837 -28.27 -10.35 9.77
CA SER A 837 -27.45 -11.57 9.84
C SER A 837 -28.15 -12.69 10.56
N ALA A 838 -28.93 -12.38 11.59
CA ALA A 838 -29.54 -13.43 12.39
C ALA A 838 -30.86 -13.92 11.83
N PHE A 839 -31.67 -13.06 11.20
CA PHE A 839 -33.04 -13.43 10.89
C PHE A 839 -33.39 -13.45 9.41
N ASP A 840 -32.51 -12.93 8.54
CA ASP A 840 -32.67 -13.16 7.12
C ASP A 840 -32.84 -14.65 6.86
N SER A 841 -33.79 -14.99 5.98
CA SER A 841 -34.08 -16.39 5.63
C SER A 841 -34.44 -17.21 6.86
N ALA A 842 -35.02 -16.56 7.87
CA ALA A 842 -35.38 -17.20 9.13
C ALA A 842 -34.17 -17.88 9.77
N GLY A 843 -33.01 -17.23 9.63
CA GLY A 843 -31.79 -17.77 10.18
C GLY A 843 -31.33 -19.06 9.54
N GLN A 844 -31.89 -19.41 8.38
CA GLN A 844 -31.53 -20.67 7.74
C GLN A 844 -30.42 -20.50 6.71
N ARG A 845 -29.47 -19.63 6.98
CA ARG A 845 -28.22 -19.56 6.25
C ARG A 845 -27.15 -20.22 7.11
N CYS A 846 -26.23 -20.95 6.48
CA CYS A 846 -25.12 -21.49 7.26
C CYS A 846 -24.26 -20.37 7.86
N SER A 847 -24.25 -19.21 7.22
CA SER A 847 -23.49 -18.02 7.61
C SER A 847 -24.20 -17.19 8.69
N ALA A 848 -25.40 -17.57 9.09
CA ALA A 848 -26.23 -16.70 9.92
C ALA A 848 -25.58 -16.44 11.27
N LEU A 849 -25.86 -15.26 11.82
CA LEU A 849 -25.34 -14.88 13.12
C LEU A 849 -26.07 -15.64 14.22
N ARG A 850 -25.33 -16.42 15.00
CA ARG A 850 -25.88 -17.22 16.09
C ARG A 850 -25.61 -16.63 17.47
N VAL A 851 -24.48 -15.95 17.67
CA VAL A 851 -24.07 -15.44 18.97
C VAL A 851 -23.58 -14.01 18.81
N LEU A 852 -24.32 -13.05 19.38
CA LEU A 852 -23.90 -11.65 19.41
C LEU A 852 -23.21 -11.38 20.74
N CYS A 853 -22.02 -10.76 20.68
CA CYS A 853 -21.20 -10.54 21.87
C CYS A 853 -21.05 -9.05 22.03
N LEU A 854 -21.63 -8.50 23.10
CA LEU A 854 -21.74 -7.06 23.30
C LEU A 854 -20.85 -6.64 24.46
N GLN A 855 -20.02 -5.62 24.23
CA GLN A 855 -19.25 -5.08 25.34
C GLN A 855 -20.17 -4.53 26.42
N GLU A 856 -19.84 -4.82 27.67
CA GLU A 856 -20.77 -4.61 28.79
C GLU A 856 -21.30 -3.18 28.83
N ASP A 857 -20.45 -2.19 28.55
CA ASP A 857 -20.84 -0.79 28.67
C ASP A 857 -21.92 -0.36 27.69
N VAL A 858 -22.04 -1.04 26.54
CA VAL A 858 -23.04 -0.69 25.55
C VAL A 858 -24.11 -1.77 25.40
N ALA A 859 -24.06 -2.83 26.20
CA ALA A 859 -24.90 -3.99 25.94
C ALA A 859 -26.38 -3.68 26.13
N ASP A 860 -26.73 -2.93 27.18
CA ASP A 860 -28.15 -2.71 27.45
C ASP A 860 -28.77 -1.79 26.40
N ARG A 861 -28.02 -0.77 25.97
CA ARG A 861 -28.52 0.13 24.94
C ARG A 861 -28.73 -0.60 23.62
N ILE A 862 -27.76 -1.43 23.21
CA ILE A 862 -27.90 -2.15 21.95
C ILE A 862 -29.00 -3.19 22.05
N LEU A 863 -29.10 -3.88 23.20
CA LEU A 863 -30.13 -4.89 23.38
C LEU A 863 -31.52 -4.29 23.27
N THR A 864 -31.73 -3.12 23.89
CA THR A 864 -33.01 -2.45 23.79
C THR A 864 -33.33 -2.11 22.34
N MET A 865 -32.36 -1.57 21.61
CA MET A 865 -32.59 -1.25 20.21
C MET A 865 -32.84 -2.51 19.40
N LEU A 866 -32.10 -3.57 19.71
CA LEU A 866 -32.25 -4.82 18.97
C LEU A 866 -33.64 -5.41 19.16
N LYS A 867 -34.14 -5.43 20.40
CA LYS A 867 -35.48 -5.94 20.63
C LYS A 867 -36.52 -5.07 19.94
N GLY A 868 -36.34 -3.75 19.97
CA GLY A 868 -37.26 -2.88 19.25
C GLY A 868 -37.28 -3.17 17.76
N ALA A 869 -36.11 -3.41 17.18
CA ALA A 869 -36.05 -3.70 15.76
C ALA A 869 -36.64 -5.06 15.45
N LEU A 870 -36.45 -6.04 16.34
CA LEU A 870 -37.06 -7.35 16.20
C LEU A 870 -38.57 -7.24 15.93
N HIS A 871 -39.26 -6.43 16.73
CA HIS A 871 -40.72 -6.39 16.64
C HIS A 871 -41.22 -5.65 15.42
N GLU A 872 -40.35 -5.09 14.59
CA GLU A 872 -40.73 -4.47 13.34
C GLU A 872 -40.67 -5.43 12.16
N LEU A 873 -40.29 -6.69 12.39
CA LEU A 873 -40.22 -7.67 11.31
C LEU A 873 -41.60 -8.26 11.00
N HIS A 874 -41.87 -8.43 9.73
CA HIS A 874 -43.11 -9.02 9.23
C HIS A 874 -42.81 -10.46 8.83
N ILE A 875 -43.46 -11.41 9.51
CA ILE A 875 -43.27 -12.84 9.27
C ILE A 875 -44.51 -13.38 8.57
N GLY A 876 -44.32 -14.13 7.50
CA GLY A 876 -45.46 -14.71 6.82
C GLY A 876 -45.07 -15.44 5.56
N ARG A 877 -46.08 -15.89 4.83
CA ARG A 877 -45.85 -16.49 3.52
C ARG A 877 -45.15 -15.50 2.61
N THR A 878 -44.11 -15.95 1.90
CA THR A 878 -43.14 -15.04 1.30
C THR A 878 -43.52 -14.53 -0.09
N ASP A 879 -44.74 -14.81 -0.57
CA ASP A 879 -45.17 -14.25 -1.83
C ASP A 879 -45.73 -12.83 -1.68
N ARG A 880 -45.32 -12.11 -0.65
CA ARG A 880 -45.62 -10.70 -0.47
C ARG A 880 -44.31 -9.95 -0.23
N LEU A 881 -44.12 -8.84 -0.96
CA LEU A 881 -42.90 -8.05 -0.79
C LEU A 881 -42.72 -7.56 0.64
N SER A 882 -43.82 -7.36 1.36
CA SER A 882 -43.75 -6.83 2.71
C SER A 882 -43.25 -7.84 3.73
N VAL A 883 -43.09 -9.12 3.36
CA VAL A 883 -42.66 -10.11 4.33
C VAL A 883 -41.14 -10.09 4.44
N ASP A 884 -40.65 -9.96 5.68
CA ASP A 884 -39.22 -9.93 5.95
C ASP A 884 -38.65 -11.30 6.25
N VAL A 885 -39.41 -12.13 6.96
CA VAL A 885 -38.94 -13.43 7.41
C VAL A 885 -40.01 -14.46 7.05
N GLY A 886 -39.59 -15.50 6.35
CA GLY A 886 -40.52 -16.55 5.97
C GLY A 886 -40.50 -17.73 6.92
N PRO A 887 -41.00 -18.86 6.45
CA PRO A 887 -41.12 -20.05 7.30
C PRO A 887 -39.79 -20.79 7.43
N VAL A 888 -39.74 -21.66 8.43
CA VAL A 888 -38.72 -22.69 8.42
C VAL A 888 -39.19 -23.85 7.54
N ILE A 889 -38.22 -24.66 7.10
CA ILE A 889 -38.45 -25.50 5.93
C ILE A 889 -39.42 -26.64 6.20
N THR A 890 -39.43 -27.20 7.41
CA THR A 890 -40.30 -28.33 7.73
C THR A 890 -40.82 -28.23 9.16
N SER A 891 -41.84 -29.06 9.45
CA SER A 891 -42.33 -29.18 10.82
CA SER A 891 -42.31 -29.15 10.82
C SER A 891 -41.24 -29.74 11.75
N GLU A 892 -40.43 -30.66 11.25
CA GLU A 892 -39.35 -31.21 12.06
C GLU A 892 -38.33 -30.15 12.42
N ALA A 893 -37.97 -29.31 11.44
CA ALA A 893 -37.08 -28.19 11.74
C ALA A 893 -37.70 -27.28 12.78
N LYS A 894 -38.98 -26.95 12.62
CA LYS A 894 -39.69 -26.13 13.60
C LYS A 894 -39.66 -26.75 14.99
N ASP A 895 -39.95 -28.05 15.10
CA ASP A 895 -39.97 -28.68 16.41
C ASP A 895 -38.58 -28.68 17.04
N ASN A 896 -37.56 -28.91 16.23
CA ASN A 896 -36.19 -28.92 16.74
C ASN A 896 -35.79 -27.54 17.28
N ILE A 897 -36.13 -26.49 16.53
CA ILE A 897 -35.78 -25.13 16.97
C ILE A 897 -36.57 -24.75 18.22
N GLU A 898 -37.87 -25.07 18.25
CA GLU A 898 -38.68 -24.71 19.40
C GLU A 898 -38.20 -25.43 20.66
N LYS A 899 -37.82 -26.70 20.53
CA LYS A 899 -37.30 -27.43 21.69
C LYS A 899 -36.11 -26.71 22.30
N HIS A 900 -35.20 -26.21 21.46
CA HIS A 900 -34.07 -25.44 21.96
C HIS A 900 -34.53 -24.20 22.69
N ILE A 901 -35.46 -23.45 22.10
CA ILE A 901 -35.93 -22.22 22.72
C ILE A 901 -36.52 -22.50 24.09
N GLU A 902 -37.36 -23.54 24.19
CA GLU A 902 -38.03 -23.82 25.45
C GLU A 902 -37.05 -24.33 26.51
N ARG A 903 -36.05 -25.11 26.09
CA ARG A 903 -34.99 -25.50 27.02
C ARG A 903 -34.30 -24.27 27.60
N MET A 904 -33.92 -23.32 26.74
CA MET A 904 -33.33 -22.07 27.22
C MET A 904 -34.26 -21.34 28.16
N ARG A 905 -35.55 -21.24 27.78
CA ARG A 905 -36.52 -20.58 28.63
C ARG A 905 -36.65 -21.30 29.96
N GLY A 906 -36.61 -22.63 29.93
CA GLY A 906 -36.72 -23.41 31.15
C GLY A 906 -35.55 -23.24 32.08
N LEU A 907 -34.38 -22.88 31.53
CA LEU A 907 -33.21 -22.58 32.35
C LEU A 907 -33.22 -21.17 32.92
N GLY A 908 -34.25 -20.38 32.65
CA GLY A 908 -34.33 -19.03 33.15
C GLY A 908 -33.71 -17.97 32.26
N ARG A 909 -33.25 -18.32 31.07
CA ARG A 909 -32.71 -17.31 30.16
C ARG A 909 -33.80 -16.40 29.64
N LYS A 910 -33.47 -15.11 29.51
CA LYS A 910 -34.42 -14.15 28.96
C LYS A 910 -34.66 -14.43 27.49
N VAL A 911 -35.93 -14.56 27.10
CA VAL A 911 -36.30 -14.90 25.74
C VAL A 911 -37.25 -13.83 25.19
N GLU A 912 -36.87 -13.22 24.07
CA GLU A 912 -37.69 -12.23 23.38
C GLU A 912 -38.16 -12.81 22.06
N GLN A 913 -39.48 -12.77 21.82
CA GLN A 913 -40.03 -13.33 20.59
C GLN A 913 -41.09 -12.41 20.00
N ILE A 914 -41.08 -12.29 18.66
CA ILE A 914 -42.18 -11.64 17.96
C ILE A 914 -43.43 -12.49 18.07
N GLY A 915 -44.59 -11.85 18.14
CA GLY A 915 -45.84 -12.58 18.01
C GLY A 915 -46.13 -12.84 16.53
N LEU A 916 -46.64 -14.04 16.25
CA LEU A 916 -46.92 -14.45 14.88
C LEU A 916 -48.39 -14.24 14.57
N ALA A 917 -48.66 -13.86 13.33
CA ALA A 917 -50.04 -13.71 12.87
C ALA A 917 -50.70 -15.08 12.75
N SER A 918 -52.02 -15.10 12.91
CA SER A 918 -52.78 -16.34 12.81
C SER A 918 -52.56 -17.03 11.48
N GLU A 919 -52.30 -16.26 10.42
CA GLU A 919 -52.15 -16.83 9.08
C GLU A 919 -50.95 -17.75 8.97
N THR A 920 -50.01 -17.67 9.90
CA THR A 920 -48.84 -18.54 9.84
C THR A 920 -49.17 -19.99 10.19
N GLY A 921 -50.34 -20.24 10.79
CA GLY A 921 -50.70 -21.59 11.21
C GLY A 921 -50.78 -22.60 10.08
N VAL A 922 -51.01 -22.15 8.85
CA VAL A 922 -51.08 -23.09 7.71
C VAL A 922 -49.71 -23.50 7.21
N GLY A 923 -48.63 -22.87 7.69
CA GLY A 923 -47.28 -23.26 7.37
C GLY A 923 -46.48 -23.61 8.62
N THR A 924 -45.14 -23.68 8.50
CA THR A 924 -44.26 -24.02 9.62
C THR A 924 -43.34 -22.83 9.92
N PHE A 925 -43.72 -22.03 10.91
CA PHE A 925 -43.00 -20.81 11.24
C PHE A 925 -42.45 -20.86 12.67
N VAL A 926 -41.29 -20.24 12.84
CA VAL A 926 -40.70 -19.97 14.14
C VAL A 926 -40.50 -18.47 14.23
N PRO A 927 -41.02 -17.79 15.26
CA PRO A 927 -40.82 -16.35 15.35
C PRO A 927 -39.35 -16.04 15.59
N PRO A 928 -38.83 -14.98 14.96
CA PRO A 928 -37.51 -14.47 15.33
C PRO A 928 -37.40 -14.31 16.85
N THR A 929 -36.26 -14.77 17.39
CA THR A 929 -36.11 -14.97 18.82
C THR A 929 -34.73 -14.46 19.26
N ILE A 930 -34.69 -13.79 20.41
CA ILE A 930 -33.45 -13.35 21.04
C ILE A 930 -33.36 -14.02 22.39
N ILE A 931 -32.26 -14.71 22.65
CA ILE A 931 -32.03 -15.43 23.90
C ILE A 931 -30.77 -14.89 24.56
N GLU A 932 -30.87 -14.44 25.80
CA GLU A 932 -29.73 -13.87 26.50
C GLU A 932 -29.03 -14.95 27.31
N LEU A 933 -27.78 -15.24 26.97
CA LEU A 933 -27.02 -16.29 27.60
C LEU A 933 -26.05 -15.73 28.64
N GLU A 934 -25.72 -16.57 29.62
CA GLU A 934 -24.71 -16.24 30.61
C GLU A 934 -23.30 -16.41 30.05
N LYS A 935 -23.04 -17.54 29.39
CA LYS A 935 -21.74 -17.82 28.80
C LYS A 935 -21.93 -18.52 27.47
N LEU A 936 -20.94 -18.39 26.59
CA LEU A 936 -20.99 -19.00 25.27
C LEU A 936 -21.16 -20.51 25.36
N SER A 937 -20.64 -21.13 26.43
CA SER A 937 -20.75 -22.58 26.58
C SER A 937 -22.19 -23.02 26.81
N ASP A 938 -23.12 -22.11 27.08
CA ASP A 938 -24.53 -22.47 27.16
C ASP A 938 -25.06 -23.01 25.84
N LEU A 939 -24.39 -22.73 24.72
CA LEU A 939 -24.74 -23.27 23.42
C LEU A 939 -23.95 -24.53 23.15
N GLN A 940 -24.63 -25.57 22.66
CA GLN A 940 -24.01 -26.86 22.41
C GLN A 940 -23.95 -27.24 20.93
N ARG A 941 -24.97 -26.92 20.14
CA ARG A 941 -25.00 -27.29 18.74
C ARG A 941 -25.55 -26.13 17.93
N GLU A 942 -25.27 -26.17 16.63
CA GLU A 942 -25.86 -25.20 15.70
C GLU A 942 -27.38 -25.36 15.72
N VAL A 943 -28.08 -24.24 15.96
CA VAL A 943 -29.54 -24.23 15.97
C VAL A 943 -29.97 -23.49 14.71
N PHE A 944 -30.46 -24.25 13.74
CA PHE A 944 -30.58 -23.74 12.37
C PHE A 944 -31.94 -23.07 12.19
N GLY A 945 -32.09 -21.92 12.83
CA GLY A 945 -33.32 -21.18 12.77
C GLY A 945 -33.13 -19.74 13.19
N PRO A 946 -34.24 -19.01 13.36
CA PRO A 946 -34.16 -17.56 13.62
C PRO A 946 -33.98 -17.28 15.11
N VAL A 947 -32.83 -17.69 15.65
CA VAL A 947 -32.61 -17.65 17.09
C VAL A 947 -31.24 -17.03 17.33
N LEU A 948 -31.25 -15.80 17.81
CA LEU A 948 -30.03 -15.07 18.10
C LEU A 948 -29.74 -15.20 19.59
N HIS A 949 -28.50 -15.57 19.91
CA HIS A 949 -28.07 -15.63 21.29
C HIS A 949 -27.17 -14.42 21.56
N VAL A 950 -27.30 -13.86 22.76
CA VAL A 950 -26.60 -12.64 23.12
C VAL A 950 -25.81 -12.90 24.39
N ILE A 951 -24.51 -12.62 24.36
CA ILE A 951 -23.69 -12.65 25.57
C ILE A 951 -23.02 -11.28 25.72
N ARG A 952 -22.63 -10.97 26.95
CA ARG A 952 -21.95 -9.72 27.27
C ARG A 952 -20.52 -10.01 27.72
N TYR A 953 -19.62 -9.05 27.49
CA TYR A 953 -18.23 -9.27 27.88
C TYR A 953 -17.61 -7.96 28.34
N ARG A 954 -16.67 -8.08 29.28
CA ARG A 954 -15.86 -6.95 29.73
C ARG A 954 -14.71 -6.73 28.76
N ARG A 955 -14.35 -5.45 28.52
CA ARG A 955 -13.37 -5.18 27.47
C ARG A 955 -12.05 -5.89 27.73
N ASP A 956 -11.62 -5.98 28.99
CA ASP A 956 -10.37 -6.68 29.28
C ASP A 956 -10.45 -8.18 28.98
N ASP A 957 -11.65 -8.74 28.90
CA ASP A 957 -11.81 -10.16 28.60
C ASP A 957 -12.01 -10.43 27.12
N LEU A 958 -11.73 -9.46 26.25
CA LEU A 958 -11.91 -9.66 24.82
C LEU A 958 -11.11 -10.86 24.32
N ASP A 959 -9.85 -10.99 24.75
CA ASP A 959 -9.06 -12.10 24.25
C ASP A 959 -9.61 -13.43 24.71
N ARG A 960 -10.10 -13.51 25.95
CA ARG A 960 -10.71 -14.74 26.42
C ARG A 960 -11.99 -15.04 25.63
N LEU A 961 -12.75 -13.99 25.30
CA LEU A 961 -13.96 -14.18 24.49
C LEU A 961 -13.63 -14.78 23.14
N VAL A 962 -12.60 -14.27 22.47
CA VAL A 962 -12.19 -14.86 21.20
C VAL A 962 -11.85 -16.33 21.38
N ASP A 963 -11.18 -16.67 22.50
CA ASP A 963 -10.97 -18.08 22.85
C ASP A 963 -12.29 -18.83 22.91
N ASP A 964 -13.28 -18.26 23.60
CA ASP A 964 -14.57 -18.93 23.75
C ASP A 964 -15.25 -19.16 22.40
N VAL A 965 -15.16 -18.19 21.50
CA VAL A 965 -15.73 -18.38 20.16
C VAL A 965 -15.02 -19.51 19.44
N ASN A 966 -13.68 -19.51 19.51
CA ASN A 966 -12.90 -20.55 18.86
C ASN A 966 -13.18 -21.91 19.48
N ALA A 967 -13.52 -21.93 20.77
CA ALA A 967 -13.64 -23.19 21.52
C ALA A 967 -14.84 -24.02 21.10
N THR A 968 -15.81 -23.45 20.39
CA THR A 968 -16.91 -24.27 19.87
C THR A 968 -16.42 -25.32 18.88
N GLY A 969 -15.26 -25.10 18.26
CA GLY A 969 -14.77 -25.96 17.21
C GLY A 969 -15.22 -25.59 15.82
N TYR A 970 -16.21 -24.72 15.68
CA TYR A 970 -16.66 -24.22 14.39
C TYR A 970 -15.72 -23.12 13.91
N GLY A 971 -15.94 -22.67 12.68
CA GLY A 971 -15.10 -21.62 12.14
C GLY A 971 -15.54 -21.16 10.77
N LEU A 972 -16.81 -20.77 10.67
CA LEU A 972 -17.37 -20.44 9.36
C LEU A 972 -17.37 -18.93 9.15
N THR A 973 -18.39 -18.21 9.61
CA THR A 973 -18.39 -16.77 9.47
C THR A 973 -18.18 -16.11 10.83
N PHE A 974 -17.68 -14.87 10.80
CA PHE A 974 -17.38 -14.13 12.01
C PHE A 974 -17.47 -12.64 11.69
N GLY A 975 -18.10 -11.88 12.58
CA GLY A 975 -18.22 -10.44 12.41
C GLY A 975 -17.59 -9.66 13.54
N LEU A 976 -17.09 -8.47 13.21
CA LEU A 976 -16.54 -7.55 14.19
C LEU A 976 -16.99 -6.14 13.86
N HIS A 977 -17.61 -5.47 14.84
CA HIS A 977 -17.98 -4.07 14.73
C HIS A 977 -17.11 -3.30 15.70
N THR A 978 -16.19 -2.51 15.14
CA THR A 978 -15.34 -1.63 15.92
C THR A 978 -14.78 -0.60 14.97
N ARG A 979 -14.41 0.55 15.51
CA ARG A 979 -13.70 1.56 14.75
C ARG A 979 -12.20 1.53 15.01
N LEU A 980 -11.74 0.66 15.89
CA LEU A 980 -10.41 0.79 16.50
C LEU A 980 -9.45 -0.20 15.87
N ASP A 981 -8.36 0.32 15.28
CA ASP A 981 -7.42 -0.55 14.58
C ASP A 981 -6.80 -1.60 15.51
N GLU A 982 -6.49 -1.21 16.75
CA GLU A 982 -5.90 -2.18 17.67
C GLU A 982 -6.84 -3.36 17.88
N THR A 983 -8.14 -3.10 17.95
CA THR A 983 -9.09 -4.18 18.19
C THR A 983 -9.27 -5.04 16.95
N ILE A 984 -9.32 -4.39 15.76
CA ILE A 984 -9.34 -5.14 14.51
C ILE A 984 -8.15 -6.07 14.42
N ALA A 985 -6.95 -5.54 14.70
CA ALA A 985 -5.74 -6.33 14.55
C ALA A 985 -5.74 -7.50 15.52
N HIS A 986 -6.10 -7.23 16.78
CA HIS A 986 -6.13 -8.27 17.80
C HIS A 986 -7.14 -9.35 17.45
N VAL A 987 -8.39 -8.95 17.22
CA VAL A 987 -9.45 -9.92 17.01
C VAL A 987 -9.23 -10.72 15.72
N THR A 988 -8.90 -10.04 14.62
CA THR A 988 -8.82 -10.80 13.37
C THR A 988 -7.58 -11.69 13.33
N SER A 989 -6.54 -11.37 14.11
CA SER A 989 -5.40 -12.26 14.17
C SER A 989 -5.68 -13.49 15.04
N ARG A 990 -6.58 -13.38 16.02
CA ARG A 990 -6.76 -14.49 16.96
C ARG A 990 -8.00 -15.33 16.66
N ILE A 991 -9.00 -14.78 15.98
CA ILE A 991 -10.16 -15.56 15.58
C ILE A 991 -9.72 -16.59 14.55
N LYS A 992 -10.38 -17.74 14.56
CA LYS A 992 -10.08 -18.83 13.62
C LYS A 992 -11.38 -19.14 12.87
N ALA A 993 -11.59 -18.44 11.76
CA ALA A 993 -12.78 -18.65 10.95
C ALA A 993 -12.44 -18.31 9.51
N GLY A 994 -13.24 -18.87 8.59
CA GLY A 994 -12.93 -18.77 7.19
C GLY A 994 -13.41 -17.50 6.51
N ASN A 995 -14.47 -16.87 7.04
CA ASN A 995 -15.02 -15.66 6.44
C ASN A 995 -15.22 -14.62 7.53
N LEU A 996 -14.41 -13.57 7.48
CA LEU A 996 -14.45 -12.48 8.44
C LEU A 996 -15.11 -11.26 7.81
N TYR A 997 -15.87 -10.53 8.63
CA TYR A 997 -16.61 -9.36 8.15
C TYR A 997 -16.43 -8.23 9.16
N ILE A 998 -15.97 -7.08 8.70
CA ILE A 998 -15.67 -5.96 9.59
C ILE A 998 -16.65 -4.83 9.29
N ASN A 999 -17.45 -4.47 10.30
CA ASN A 999 -18.38 -3.33 10.23
C ASN A 999 -19.45 -3.51 9.15
N ARG A 1000 -19.88 -4.76 8.96
CA ARG A 1000 -20.95 -5.06 8.02
C ARG A 1000 -21.62 -6.35 8.49
N ASN A 1001 -22.64 -6.79 7.77
CA ASN A 1001 -23.26 -8.06 8.14
C ASN A 1001 -22.33 -9.21 7.76
N ILE A 1002 -22.71 -10.43 8.14
CA ILE A 1002 -21.85 -11.61 7.96
C ILE A 1002 -22.46 -12.60 6.99
N ILE A 1003 -23.44 -12.19 6.18
CA ILE A 1003 -24.14 -13.10 5.30
C ILE A 1003 -23.95 -12.66 3.85
N GLY A 1004 -24.35 -13.54 2.94
CA GLY A 1004 -24.33 -13.18 1.53
C GLY A 1004 -22.94 -13.05 0.94
N ALA A 1005 -22.01 -13.93 1.33
CA ALA A 1005 -20.70 -13.96 0.68
C ALA A 1005 -20.86 -14.10 -0.83
N VAL A 1006 -20.06 -13.32 -1.57
CA VAL A 1006 -20.18 -13.17 -3.01
C VAL A 1006 -19.08 -13.98 -3.68
N VAL A 1007 -19.48 -14.77 -4.69
CA VAL A 1007 -18.54 -15.62 -5.41
C VAL A 1007 -17.38 -14.79 -5.95
N GLY A 1008 -16.14 -15.27 -5.72
CA GLY A 1008 -14.96 -14.61 -6.26
C GLY A 1008 -14.61 -13.30 -5.58
N VAL A 1009 -15.37 -12.88 -4.57
CA VAL A 1009 -15.13 -11.65 -3.83
C VAL A 1009 -14.93 -11.94 -2.35
N GLN A 1010 -15.85 -12.70 -1.76
CA GLN A 1010 -15.61 -13.38 -0.48
C GLN A 1010 -15.74 -14.88 -0.73
N PRO A 1011 -14.70 -15.50 -1.30
CA PRO A 1011 -14.67 -16.97 -1.36
C PRO A 1011 -15.09 -17.55 -0.03
N PHE A 1012 -16.01 -18.51 -0.07
CA PHE A 1012 -16.78 -18.89 1.11
C PHE A 1012 -16.41 -20.28 1.58
N GLY A 1013 -16.15 -20.40 2.86
CA GLY A 1013 -15.94 -21.71 3.44
C GLY A 1013 -15.14 -21.63 4.72
N GLY A 1014 -15.45 -22.50 5.68
CA GLY A 1014 -14.86 -22.44 6.99
C GLY A 1014 -13.92 -23.60 7.29
N ARG A 1015 -13.53 -23.67 8.56
CA ARG A 1015 -12.53 -24.62 9.05
C ARG A 1015 -13.10 -25.35 10.26
N GLY A 1016 -12.32 -26.30 10.76
CA GLY A 1016 -12.78 -27.03 11.94
C GLY A 1016 -14.04 -27.79 11.61
N LEU A 1017 -15.04 -27.70 12.51
CA LEU A 1017 -16.32 -28.37 12.30
C LEU A 1017 -17.12 -27.78 11.17
N SER A 1018 -16.65 -26.68 10.57
CA SER A 1018 -17.36 -25.96 9.52
C SER A 1018 -16.93 -26.35 8.12
N GLY A 1019 -15.85 -27.09 7.95
CA GLY A 1019 -15.49 -27.48 6.60
C GLY A 1019 -14.12 -28.09 6.44
N THR A 1020 -13.95 -28.79 5.32
CA THR A 1020 -12.65 -29.29 4.89
C THR A 1020 -11.95 -28.32 3.96
N GLY A 1021 -12.71 -27.43 3.32
CA GLY A 1021 -12.22 -26.71 2.18
C GLY A 1021 -11.97 -27.69 1.04
N PRO A 1022 -11.48 -27.18 -0.10
CA PRO A 1022 -11.23 -25.75 -0.36
C PRO A 1022 -12.53 -24.95 -0.48
N LYS A 1023 -12.40 -23.62 -0.49
CA LYS A 1023 -13.57 -22.74 -0.50
C LYS A 1023 -14.30 -22.80 -1.83
N ALA A 1024 -15.62 -22.96 -1.76
CA ALA A 1024 -16.48 -22.66 -2.90
C ALA A 1024 -16.33 -21.18 -3.27
N GLY A 1025 -16.43 -20.90 -4.58
CA GLY A 1025 -16.26 -19.54 -5.04
C GLY A 1025 -14.85 -19.00 -4.90
N GLY A 1026 -13.87 -19.88 -4.77
CA GLY A 1026 -12.49 -19.49 -4.65
C GLY A 1026 -11.61 -20.27 -5.61
N PRO A 1027 -10.33 -19.88 -5.68
CA PRO A 1027 -9.45 -20.33 -6.75
C PRO A 1027 -8.83 -21.70 -6.54
N LEU A 1028 -8.97 -22.28 -5.34
CA LEU A 1028 -8.46 -23.63 -5.09
C LEU A 1028 -9.49 -24.72 -5.36
N TYR A 1029 -10.74 -24.34 -5.62
CA TYR A 1029 -11.83 -25.29 -5.67
C TYR A 1029 -11.68 -26.30 -6.79
N LEU A 1030 -11.51 -25.82 -8.03
CA LEU A 1030 -11.49 -26.76 -9.15
C LEU A 1030 -10.33 -27.74 -9.04
N GLY A 1031 -9.23 -27.33 -8.42
CA GLY A 1031 -8.06 -28.19 -8.34
C GLY A 1031 -8.26 -29.42 -7.49
N ARG A 1032 -9.29 -29.43 -6.65
CA ARG A 1032 -9.63 -30.59 -5.85
C ARG A 1032 -10.39 -31.65 -6.65
N LEU A 1033 -10.93 -31.26 -7.81
CA LEU A 1033 -11.79 -32.11 -8.62
C LEU A 1033 -11.05 -32.73 -9.80
N VAL A 1034 -9.71 -32.67 -9.79
CA VAL A 1034 -8.88 -33.30 -10.81
C VAL A 1034 -7.81 -34.08 -10.08
N THR A 1035 -7.16 -35.00 -10.81
CA THR A 1035 -6.18 -35.86 -10.15
C THR A 1035 -4.86 -35.14 -9.92
N THR A 1036 -4.50 -34.18 -10.77
CA THR A 1036 -3.31 -33.37 -10.61
C THR A 1036 -3.75 -31.91 -10.63
N ALA A 1037 -3.53 -31.21 -9.53
CA ALA A 1037 -4.09 -29.88 -9.39
C ALA A 1037 -3.29 -28.87 -10.22
N PRO A 1038 -3.96 -27.97 -10.93
CA PRO A 1038 -3.24 -26.91 -11.63
C PRO A 1038 -2.78 -25.84 -10.63
N VAL A 1039 -2.01 -24.88 -11.14
CA VAL A 1039 -1.61 -23.71 -10.37
C VAL A 1039 -2.71 -22.66 -10.52
N PRO A 1040 -3.42 -22.30 -9.45
CA PRO A 1040 -4.48 -21.31 -9.56
C PRO A 1040 -3.94 -19.96 -10.00
N PRO A 1041 -4.77 -19.11 -10.57
CA PRO A 1041 -4.37 -17.72 -10.83
C PRO A 1041 -3.94 -17.04 -9.54
N GLN A 1042 -2.85 -16.27 -9.63
CA GLN A 1042 -2.30 -15.45 -8.55
C GLN A 1042 -1.82 -16.28 -7.37
N HIS A 1043 -1.66 -17.58 -7.52
CA HIS A 1043 -1.40 -18.46 -6.37
C HIS A 1043 0.11 -18.65 -6.24
N SER A 1044 0.73 -17.86 -5.37
CA SER A 1044 2.16 -17.97 -5.08
C SER A 1044 2.45 -17.12 -3.86
N SER A 1045 3.66 -17.27 -3.34
CA SER A 1045 4.07 -16.44 -2.20
C SER A 1045 5.59 -16.32 -2.22
N VAL A 1046 6.08 -15.09 -1.99
CA VAL A 1046 7.52 -14.90 -1.91
C VAL A 1046 8.06 -15.21 -0.53
N HIS A 1047 7.21 -15.56 0.42
CA HIS A 1047 7.66 -15.81 1.78
CA HIS A 1047 7.60 -15.81 1.81
C HIS A 1047 7.96 -17.28 1.99
N THR A 1048 9.00 -17.55 2.76
CA THR A 1048 9.42 -18.90 3.07
C THR A 1048 9.31 -19.11 4.57
N ASP A 1049 8.64 -20.19 4.97
CA ASP A 1049 8.48 -20.46 6.39
C ASP A 1049 9.85 -20.66 7.02
N PRO A 1050 10.14 -20.01 8.15
CA PRO A 1050 11.49 -20.06 8.72
C PRO A 1050 11.77 -21.38 9.43
N VAL A 1051 10.71 -22.03 9.93
CA VAL A 1051 10.91 -23.35 10.52
C VAL A 1051 11.22 -24.37 9.44
N LEU A 1052 10.54 -24.27 8.29
CA LEU A 1052 10.93 -25.08 7.14
C LEU A 1052 12.41 -24.89 6.83
N LEU A 1053 12.87 -23.63 6.77
CA LEU A 1053 14.29 -23.39 6.50
C LEU A 1053 15.18 -24.04 7.55
N ASP A 1054 14.82 -23.92 8.83
CA ASP A 1054 15.63 -24.55 9.87
C ASP A 1054 15.65 -26.06 9.68
N PHE A 1055 14.52 -26.64 9.28
CA PHE A 1055 14.46 -28.07 9.05
C PHE A 1055 15.33 -28.49 7.87
N ALA A 1056 15.29 -27.74 6.77
CA ALA A 1056 16.15 -28.06 5.63
C ALA A 1056 17.61 -28.04 6.03
N LYS A 1057 18.01 -27.07 6.85
CA LYS A 1057 19.41 -27.02 7.31
C LYS A 1057 19.74 -28.21 8.21
N TRP A 1058 18.82 -28.57 9.10
CA TRP A 1058 18.99 -29.77 9.91
C TRP A 1058 19.18 -31.00 9.04
N LEU A 1059 18.35 -31.14 8.00
CA LEU A 1059 18.48 -32.29 7.10
C LEU A 1059 19.84 -32.33 6.44
N ASP A 1060 20.34 -31.18 5.97
CA ASP A 1060 21.67 -31.15 5.38
C ASP A 1060 22.73 -31.53 6.40
N GLY A 1061 22.55 -31.10 7.65
CA GLY A 1061 23.48 -31.50 8.70
C GLY A 1061 23.49 -33.00 8.95
N LYS A 1062 22.35 -33.66 8.78
CA LYS A 1062 22.25 -35.10 8.99
C LYS A 1062 22.69 -35.92 7.79
N GLY A 1063 23.05 -35.27 6.68
CA GLY A 1063 23.43 -35.95 5.46
C GLY A 1063 22.29 -36.26 4.52
N ALA A 1064 21.06 -35.85 4.85
CA ALA A 1064 19.89 -36.18 4.03
C ALA A 1064 19.74 -35.11 2.95
N ARG A 1065 20.70 -35.14 2.01
CA ARG A 1065 20.82 -34.05 1.04
C ARG A 1065 19.62 -33.98 0.11
N ALA A 1066 19.12 -35.12 -0.35
CA ALA A 1066 17.96 -35.10 -1.24
C ALA A 1066 16.73 -34.57 -0.53
N GLU A 1067 16.51 -34.99 0.72
CA GLU A 1067 15.34 -34.51 1.46
C GLU A 1067 15.49 -33.03 1.77
N ALA A 1068 16.71 -32.57 2.03
CA ALA A 1068 16.95 -31.15 2.26
C ALA A 1068 16.59 -30.33 1.03
N GLU A 1069 16.94 -30.83 -0.16
CA GLU A 1069 16.56 -30.15 -1.39
C GLU A 1069 15.05 -30.15 -1.58
N ALA A 1070 14.41 -31.29 -1.28
CA ALA A 1070 12.95 -31.35 -1.38
C ALA A 1070 12.31 -30.39 -0.39
N ALA A 1071 12.92 -30.23 0.78
CA ALA A 1071 12.37 -29.30 1.76
C ALA A 1071 12.46 -27.86 1.26
N ARG A 1072 13.61 -27.48 0.71
CA ARG A 1072 13.73 -26.14 0.15
C ARG A 1072 12.75 -25.92 -1.00
N ASN A 1073 12.54 -26.94 -1.82
CA ASN A 1073 11.56 -26.83 -2.89
C ASN A 1073 10.15 -26.66 -2.34
N ALA A 1074 9.81 -27.39 -1.27
CA ALA A 1074 8.51 -27.20 -0.66
C ALA A 1074 8.36 -25.79 -0.10
N GLY A 1075 9.45 -25.26 0.47
CA GLY A 1075 9.38 -23.91 1.03
C GLY A 1075 9.07 -22.85 -0.02
N SER A 1076 9.63 -23.02 -1.23
CA SER A 1076 9.38 -22.10 -2.34
C SER A 1076 8.01 -22.30 -2.96
N SER A 1077 7.62 -23.56 -3.12
CA SER A 1077 6.34 -23.88 -3.76
CA SER A 1077 6.34 -23.92 -3.75
C SER A 1077 5.15 -23.53 -2.88
N SER A 1078 5.33 -23.48 -1.57
CA SER A 1078 4.23 -23.14 -0.67
C SER A 1078 3.68 -21.76 -1.01
N ALA A 1079 2.36 -21.63 -0.99
CA ALA A 1079 1.74 -20.32 -1.16
C ALA A 1079 1.34 -19.70 0.17
N LEU A 1080 1.81 -20.28 1.28
CA LEU A 1080 1.61 -19.65 2.58
C LEU A 1080 2.06 -18.20 2.54
N GLY A 1081 1.21 -17.31 3.03
CA GLY A 1081 1.51 -15.89 3.05
C GLY A 1081 0.95 -15.12 1.87
N LEU A 1082 0.34 -15.80 0.90
CA LEU A 1082 -0.42 -15.12 -0.15
C LEU A 1082 -1.40 -14.14 0.50
N ASP A 1083 -1.45 -12.92 -0.04
CA ASP A 1083 -2.26 -11.85 0.57
C ASP A 1083 -2.75 -10.95 -0.56
N LEU A 1084 -4.01 -11.10 -0.94
CA LEU A 1084 -4.53 -10.46 -2.15
C LEU A 1084 -5.76 -9.65 -1.82
N GLU A 1085 -5.97 -8.59 -2.60
CA GLU A 1085 -7.24 -7.89 -2.59
C GLU A 1085 -8.00 -8.26 -3.86
N LEU A 1086 -9.24 -8.70 -3.68
CA LEU A 1086 -10.08 -9.14 -4.79
C LEU A 1086 -10.98 -8.00 -5.26
N PRO A 1087 -11.15 -7.86 -6.58
CA PRO A 1087 -12.03 -6.80 -7.10
C PRO A 1087 -13.46 -6.97 -6.63
N GLY A 1088 -14.08 -5.84 -6.30
CA GLY A 1088 -15.44 -5.86 -5.83
C GLY A 1088 -16.04 -4.48 -5.87
N PRO A 1089 -17.10 -4.27 -5.08
CA PRO A 1089 -17.75 -2.96 -5.07
C PRO A 1089 -16.90 -1.91 -4.38
N VAL A 1090 -17.17 -0.65 -4.74
CA VAL A 1090 -16.58 0.46 -4.01
C VAL A 1090 -17.04 0.40 -2.56
N GLY A 1091 -16.28 1.05 -1.68
CA GLY A 1091 -16.68 1.12 -0.29
C GLY A 1091 -16.49 -0.15 0.48
N GLU A 1092 -15.71 -1.08 -0.05
CA GLU A 1092 -15.47 -2.35 0.60
C GLU A 1092 -14.09 -2.80 0.18
N ARG A 1093 -13.35 -3.40 1.10
CA ARG A 1093 -12.06 -4.02 0.79
CA ARG A 1093 -12.05 -4.01 0.81
C ARG A 1093 -12.19 -5.51 1.06
N ASN A 1094 -11.94 -6.30 0.03
CA ASN A 1094 -12.17 -7.73 0.14
C ASN A 1094 -10.84 -8.45 -0.04
N LEU A 1095 -10.40 -9.12 1.01
CA LEU A 1095 -9.06 -9.66 1.11
C LEU A 1095 -9.12 -11.18 1.15
N TYR A 1096 -8.08 -11.80 0.61
CA TYR A 1096 -7.99 -13.24 0.50
C TYR A 1096 -6.58 -13.63 0.85
N THR A 1097 -6.41 -14.46 1.87
CA THR A 1097 -5.09 -14.79 2.41
C THR A 1097 -4.96 -16.29 2.66
N LEU A 1098 -3.73 -16.80 2.54
CA LEU A 1098 -3.42 -18.20 2.80
C LEU A 1098 -2.60 -18.31 4.09
N HIS A 1099 -3.13 -19.07 5.04
CA HIS A 1099 -2.54 -19.26 6.36
C HIS A 1099 -2.24 -20.74 6.57
N ALA A 1100 -1.56 -21.04 7.67
CA ALA A 1100 -1.42 -22.42 8.06
C ALA A 1100 -2.77 -22.99 8.43
N ARG A 1101 -2.93 -24.30 8.25
CA ARG A 1101 -4.16 -24.95 8.68
CA ARG A 1101 -4.15 -24.96 8.68
C ARG A 1101 -4.16 -25.19 10.18
N GLY A 1102 -3.02 -25.51 10.75
CA GLY A 1102 -2.97 -25.80 12.18
C GLY A 1102 -2.02 -26.94 12.45
N ARG A 1103 -2.49 -27.98 13.14
CA ARG A 1103 -1.64 -29.12 13.45
C ARG A 1103 -2.03 -30.27 12.53
N ILE A 1104 -1.06 -30.76 11.75
CA ILE A 1104 -1.27 -31.80 10.77
C ILE A 1104 -0.82 -33.13 11.36
N LEU A 1105 -1.69 -34.14 11.29
CA LEU A 1105 -1.32 -35.49 11.71
C LEU A 1105 -0.46 -36.14 10.65
N LEU A 1106 0.73 -36.58 11.03
CA LEU A 1106 1.64 -37.27 10.12
C LEU A 1106 1.65 -38.75 10.46
N VAL A 1107 1.36 -39.58 9.46
CA VAL A 1107 1.42 -41.03 9.66
C VAL A 1107 2.46 -41.58 8.68
N PRO A 1108 3.74 -41.52 9.03
CA PRO A 1108 4.77 -41.98 8.10
C PRO A 1108 4.96 -43.48 8.16
N ALA A 1109 5.61 -44.00 7.13
CA ALA A 1109 6.11 -45.38 7.15
C ALA A 1109 7.62 -45.49 7.12
N THR A 1110 8.31 -44.58 6.44
CA THR A 1110 9.75 -44.65 6.30
C THR A 1110 10.38 -43.34 6.74
N GLU A 1111 11.69 -43.39 6.97
CA GLU A 1111 12.40 -42.18 7.37
C GLU A 1111 12.30 -41.10 6.29
N SER A 1112 12.58 -41.48 5.04
CA SER A 1112 12.47 -40.50 3.95
C SER A 1112 11.04 -39.99 3.84
N GLY A 1113 10.06 -40.88 3.98
CA GLY A 1113 8.68 -40.43 3.94
C GLY A 1113 8.36 -39.43 5.03
N LEU A 1114 8.84 -39.68 6.25
CA LEU A 1114 8.63 -38.72 7.32
C LEU A 1114 9.25 -37.36 6.98
N TYR A 1115 10.47 -37.36 6.45
CA TYR A 1115 11.13 -36.08 6.14
C TYR A 1115 10.33 -35.31 5.09
N HIS A 1116 9.84 -35.99 4.05
CA HIS A 1116 9.01 -35.33 3.04
C HIS A 1116 7.71 -34.81 3.63
N GLN A 1117 7.06 -35.63 4.47
CA GLN A 1117 5.83 -35.16 5.11
C GLN A 1117 6.08 -33.93 5.96
N LEU A 1118 7.16 -33.97 6.77
CA LEU A 1118 7.47 -32.82 7.61
CA LEU A 1118 7.50 -32.83 7.61
C LEU A 1118 7.77 -31.58 6.77
N ALA A 1119 8.55 -31.73 5.71
CA ALA A 1119 8.82 -30.60 4.84
C ALA A 1119 7.53 -30.00 4.30
N ALA A 1120 6.61 -30.85 3.84
CA ALA A 1120 5.35 -30.33 3.29
C ALA A 1120 4.56 -29.57 4.35
N ALA A 1121 4.48 -30.13 5.55
CA ALA A 1121 3.69 -29.51 6.62
C ALA A 1121 4.33 -28.22 7.10
N LEU A 1122 5.65 -28.21 7.28
CA LEU A 1122 6.33 -27.02 7.80
C LEU A 1122 6.36 -25.90 6.75
N ALA A 1123 6.54 -26.26 5.48
CA ALA A 1123 6.57 -25.24 4.43
C ALA A 1123 5.26 -24.49 4.34
N THR A 1124 4.16 -25.11 4.79
CA THR A 1124 2.85 -24.48 4.78
C THR A 1124 2.46 -23.94 6.15
N GLY A 1125 3.45 -23.78 7.05
CA GLY A 1125 3.26 -23.06 8.29
C GLY A 1125 2.69 -23.87 9.45
N ASN A 1126 2.50 -25.16 9.26
CA ASN A 1126 1.81 -26.02 10.21
C ASN A 1126 2.76 -26.57 11.27
N SER A 1127 2.16 -26.94 12.40
CA SER A 1127 2.78 -27.86 13.34
C SER A 1127 2.33 -29.26 12.98
N VAL A 1128 2.94 -30.26 13.62
CA VAL A 1128 2.62 -31.65 13.31
C VAL A 1128 2.49 -32.46 14.59
N ALA A 1129 1.70 -33.52 14.50
CA ALA A 1129 1.73 -34.61 15.46
C ALA A 1129 2.07 -35.87 14.67
N ILE A 1130 3.17 -36.52 15.04
CA ILE A 1130 3.69 -37.67 14.30
C ILE A 1130 3.26 -38.94 15.00
N ASP A 1131 2.74 -39.90 14.24
CA ASP A 1131 2.32 -41.18 14.79
C ASP A 1131 3.49 -41.87 15.49
N ALA A 1132 3.36 -42.06 16.81
CA ALA A 1132 4.42 -42.69 17.58
C ALA A 1132 4.56 -44.17 17.21
N ALA A 1133 3.49 -44.79 16.74
CA ALA A 1133 3.55 -46.19 16.34
C ALA A 1133 4.38 -46.40 15.07
N SER A 1134 4.80 -45.32 14.41
CA SER A 1134 5.67 -45.49 13.24
C SER A 1134 7.04 -46.03 13.63
N GLY A 1135 7.43 -45.90 14.89
CA GLY A 1135 8.77 -46.29 15.30
C GLY A 1135 9.88 -45.45 14.72
N LEU A 1136 9.58 -44.24 14.25
CA LEU A 1136 10.59 -43.41 13.58
C LEU A 1136 11.17 -42.33 14.48
N GLN A 1137 11.00 -42.46 15.81
CA GLN A 1137 11.49 -41.43 16.73
C GLN A 1137 12.97 -41.16 16.53
N ALA A 1138 13.77 -42.20 16.29
CA ALA A 1138 15.21 -42.01 16.15
C ALA A 1138 15.59 -41.27 14.87
N SER A 1139 14.66 -41.03 13.95
CA SER A 1139 14.96 -40.27 12.74
C SER A 1139 14.95 -38.77 12.97
N LEU A 1140 14.46 -38.30 14.12
CA LEU A 1140 14.31 -36.88 14.39
C LEU A 1140 15.10 -36.45 15.62
N LYS A 1141 16.29 -37.01 15.80
CA LYS A 1141 17.12 -36.68 16.96
C LYS A 1141 17.79 -35.31 16.76
N ASN A 1142 17.85 -34.54 17.85
CA ASN A 1142 18.61 -33.28 17.89
C ASN A 1142 18.01 -32.21 16.97
N LEU A 1143 16.69 -32.13 16.89
CA LEU A 1143 16.09 -31.09 16.07
C LEU A 1143 16.42 -29.70 16.64
N PRO A 1144 16.54 -28.70 15.77
CA PRO A 1144 16.60 -27.33 16.27
C PRO A 1144 15.35 -27.03 17.10
N GLN A 1145 15.52 -26.17 18.10
CA GLN A 1145 14.40 -25.86 18.99
C GLN A 1145 13.22 -25.27 18.21
N THR A 1146 13.48 -24.47 17.16
CA THR A 1146 12.38 -23.93 16.37
C THR A 1146 11.53 -25.04 15.77
N VAL A 1147 12.17 -26.08 15.26
CA VAL A 1147 11.41 -27.18 14.67
C VAL A 1147 10.78 -28.04 15.75
N GLY A 1148 11.55 -28.33 16.81
CA GLY A 1148 10.99 -29.09 17.91
C GLY A 1148 9.71 -28.49 18.47
N LEU A 1149 9.63 -27.15 18.50
CA LEU A 1149 8.41 -26.49 18.98
C LEU A 1149 7.21 -26.87 18.15
N ARG A 1150 7.42 -27.18 16.87
CA ARG A 1150 6.32 -27.53 15.99
C ARG A 1150 6.03 -29.02 15.96
N VAL A 1151 6.84 -29.85 16.62
CA VAL A 1151 6.75 -31.30 16.49
C VAL A 1151 6.28 -31.90 17.80
N SER A 1152 5.29 -32.79 17.72
CA SER A 1152 4.89 -33.61 18.84
C SER A 1152 4.71 -35.02 18.32
N TRP A 1153 4.85 -35.98 19.23
CA TRP A 1153 4.62 -37.38 18.92
C TRP A 1153 3.34 -37.85 19.59
N SER A 1154 2.54 -38.61 18.86
CA SER A 1154 1.22 -38.99 19.33
C SER A 1154 1.08 -40.51 19.31
N LYS A 1155 0.82 -41.10 20.47
CA LYS A 1155 0.41 -42.49 20.55
C LYS A 1155 -1.10 -42.63 20.42
N ASP A 1156 -1.85 -41.70 20.99
CA ASP A 1156 -3.31 -41.71 21.01
C ASP A 1156 -3.78 -40.50 20.22
N TRP A 1157 -4.01 -40.69 18.92
CA TRP A 1157 -4.32 -39.56 18.04
C TRP A 1157 -5.54 -38.79 18.52
N ALA A 1158 -6.56 -39.50 19.00
CA ALA A 1158 -7.79 -38.84 19.44
C ALA A 1158 -7.56 -37.93 20.64
N ALA A 1159 -6.51 -38.17 21.41
CA ALA A 1159 -6.23 -37.32 22.57
C ALA A 1159 -5.51 -36.04 22.20
N ASP A 1160 -4.79 -36.03 21.08
CA ASP A 1160 -3.90 -34.93 20.73
C ASP A 1160 -4.47 -34.03 19.64
N GLY A 1161 -5.73 -34.23 19.25
CA GLY A 1161 -6.36 -33.36 18.30
C GLY A 1161 -6.84 -32.08 18.97
N PRO A 1162 -7.63 -31.27 18.25
CA PRO A 1162 -8.05 -31.55 16.88
C PRO A 1162 -6.95 -31.27 15.87
N PHE A 1163 -6.92 -32.06 14.82
CA PHE A 1163 -6.00 -31.80 13.72
C PHE A 1163 -6.71 -31.01 12.64
N ALA A 1164 -5.91 -30.47 11.70
CA ALA A 1164 -6.46 -29.71 10.58
C ALA A 1164 -6.18 -30.38 9.24
N GLY A 1165 -5.68 -31.61 9.27
CA GLY A 1165 -5.39 -32.36 8.07
C GLY A 1165 -4.47 -33.51 8.44
N ALA A 1166 -4.16 -34.33 7.44
CA ALA A 1166 -3.28 -35.46 7.71
C ALA A 1166 -2.51 -35.83 6.44
N LEU A 1167 -1.30 -36.35 6.64
CA LEU A 1167 -0.45 -36.90 5.58
C LEU A 1167 -0.15 -38.35 5.95
N VAL A 1168 -0.36 -39.26 5.00
CA VAL A 1168 -0.22 -40.69 5.24
C VAL A 1168 0.72 -41.29 4.21
N GLU A 1169 1.63 -42.15 4.66
CA GLU A 1169 2.51 -42.94 3.80
C GLU A 1169 2.22 -44.42 4.00
N GLY A 1170 2.09 -45.14 2.91
CA GLY A 1170 2.02 -46.59 3.01
C GLY A 1170 1.43 -47.19 1.76
N ASP A 1171 1.38 -48.53 1.75
CA ASP A 1171 0.71 -49.22 0.67
C ASP A 1171 -0.80 -49.09 0.81
N ALA A 1172 -1.53 -49.66 -0.14
CA ALA A 1172 -2.97 -49.40 -0.23
C ALA A 1172 -3.70 -49.84 1.03
N GLU A 1173 -3.34 -50.98 1.61
CA GLU A 1173 -4.07 -51.44 2.78
C GLU A 1173 -3.65 -50.70 4.05
N ARG A 1174 -2.40 -50.25 4.12
CA ARG A 1174 -2.01 -49.36 5.20
C ARG A 1174 -2.80 -48.06 5.12
N ILE A 1175 -2.94 -47.50 3.92
CA ILE A 1175 -3.69 -46.26 3.76
C ILE A 1175 -5.14 -46.46 4.17
N ARG A 1176 -5.74 -47.57 3.73
CA ARG A 1176 -7.13 -47.81 4.10
C ARG A 1176 -7.29 -47.92 5.60
N ALA A 1177 -6.36 -48.62 6.26
CA ALA A 1177 -6.42 -48.78 7.71
C ALA A 1177 -6.28 -47.44 8.43
N VAL A 1178 -5.27 -46.65 8.02
CA VAL A 1178 -5.08 -45.34 8.64
C VAL A 1178 -6.29 -44.45 8.40
N ASN A 1179 -6.85 -44.50 7.18
CA ASN A 1179 -8.00 -43.67 6.84
C ASN A 1179 -9.19 -43.97 7.74
N LYS A 1180 -9.40 -45.25 8.06
CA LYS A 1180 -10.47 -45.63 8.98
C LYS A 1180 -10.20 -45.09 10.38
N ALA A 1181 -8.95 -45.19 10.86
CA ALA A 1181 -8.61 -44.67 12.18
C ALA A 1181 -8.75 -43.15 12.23
N ILE A 1182 -8.39 -42.47 11.13
CA ILE A 1182 -8.53 -41.02 11.11
C ILE A 1182 -9.99 -40.62 11.13
N ALA A 1183 -10.83 -41.31 10.36
CA ALA A 1183 -12.25 -40.96 10.34
C ALA A 1183 -12.88 -41.12 11.72
N ALA A 1184 -12.32 -41.99 12.56
CA ALA A 1184 -12.85 -42.23 13.89
C ALA A 1184 -12.42 -41.19 14.91
N LEU A 1185 -11.50 -40.30 14.55
CA LEU A 1185 -11.10 -39.26 15.48
C LEU A 1185 -12.26 -38.31 15.73
N PRO A 1186 -12.44 -37.85 16.97
CA PRO A 1186 -13.54 -36.92 17.26
C PRO A 1186 -13.30 -35.56 16.61
N GLY A 1187 -14.39 -34.88 16.30
CA GLY A 1187 -14.30 -33.49 15.89
C GLY A 1187 -14.34 -33.31 14.39
N PRO A 1188 -13.43 -32.47 13.87
CA PRO A 1188 -13.55 -32.04 12.48
C PRO A 1188 -13.20 -33.17 11.51
N LEU A 1189 -13.85 -33.14 10.35
CA LEU A 1189 -13.42 -33.96 9.23
C LEU A 1189 -12.03 -33.51 8.81
N LEU A 1190 -11.12 -34.46 8.59
CA LEU A 1190 -9.76 -34.12 8.22
C LEU A 1190 -9.56 -34.34 6.73
N LEU A 1191 -8.96 -33.35 6.07
CA LEU A 1191 -8.52 -33.49 4.68
C LEU A 1191 -7.24 -34.32 4.68
N VAL A 1192 -7.35 -35.57 4.24
CA VAL A 1192 -6.27 -36.55 4.28
C VAL A 1192 -5.64 -36.67 2.89
N GLN A 1193 -4.31 -36.67 2.85
CA GLN A 1193 -3.56 -37.00 1.65
C GLN A 1193 -2.68 -38.21 1.92
N ALA A 1194 -2.67 -39.15 0.99
CA ALA A 1194 -1.90 -40.36 1.15
C ALA A 1194 -1.00 -40.57 -0.05
N ALA A 1195 0.13 -41.25 0.17
CA ALA A 1195 1.06 -41.61 -0.88
C ALA A 1195 1.82 -42.86 -0.46
N SER A 1196 2.19 -43.67 -1.43
CA SER A 1196 3.10 -44.78 -1.18
C SER A 1196 4.53 -44.24 -1.01
N SER A 1197 5.39 -45.07 -0.43
CA SER A 1197 6.80 -44.70 -0.36
C SER A 1197 7.37 -44.44 -1.75
N GLY A 1198 6.99 -45.24 -2.73
CA GLY A 1198 7.51 -45.07 -4.08
C GLY A 1198 7.01 -43.79 -4.73
N GLU A 1199 5.75 -43.43 -4.46
CA GLU A 1199 5.21 -42.17 -4.97
C GLU A 1199 5.97 -40.99 -4.39
N ILE A 1200 6.30 -41.03 -3.10
CA ILE A 1200 7.07 -39.95 -2.49
C ILE A 1200 8.43 -39.83 -3.19
N ALA A 1201 9.03 -40.95 -3.56
CA ALA A 1201 10.32 -40.90 -4.25
C ALA A 1201 10.19 -40.37 -5.68
N ARG A 1202 9.08 -40.72 -6.36
CA ARG A 1202 8.94 -40.38 -7.78
C ARG A 1202 8.38 -38.98 -7.99
N ASN A 1203 7.43 -38.57 -7.15
CA ASN A 1203 6.63 -37.37 -7.43
C ASN A 1203 6.87 -36.29 -6.40
N PRO A 1204 7.52 -35.19 -6.76
CA PRO A 1204 7.72 -34.10 -5.78
C PRO A 1204 6.42 -33.55 -5.24
N ASP A 1205 5.31 -33.72 -5.97
CA ASP A 1205 3.99 -33.25 -5.54
C ASP A 1205 3.12 -34.39 -5.01
N ALA A 1206 3.75 -35.46 -4.51
CA ALA A 1206 2.99 -36.56 -3.91
C ALA A 1206 1.98 -36.04 -2.90
N TYR A 1207 2.41 -35.11 -2.05
CA TYR A 1207 1.51 -34.35 -1.18
C TYR A 1207 1.34 -32.96 -1.76
N CYS A 1208 0.11 -32.58 -2.06
CA CYS A 1208 -0.16 -31.30 -2.70
C CYS A 1208 -0.24 -30.22 -1.63
N LEU A 1209 0.53 -29.13 -1.82
CA LEU A 1209 0.56 -28.09 -0.81
C LEU A 1209 -0.69 -27.20 -0.82
N ASN A 1210 -1.52 -27.27 -1.87
CA ASN A 1210 -2.81 -26.56 -1.87
C ASN A 1210 -3.63 -26.89 -0.64
N TRP A 1211 -3.60 -28.15 -0.22
CA TRP A 1211 -4.53 -28.62 0.82
C TRP A 1211 -3.93 -28.55 2.21
N LEU A 1212 -2.72 -28.01 2.35
CA LEU A 1212 -2.06 -27.83 3.64
C LEU A 1212 -2.05 -26.38 4.11
N VAL A 1213 -2.65 -25.47 3.34
CA VAL A 1213 -2.89 -24.11 3.78
C VAL A 1213 -4.38 -23.92 3.96
N GLU A 1214 -4.74 -22.84 4.63
CA GLU A 1214 -6.12 -22.52 4.96
C GLU A 1214 -6.46 -21.17 4.35
N GLU A 1215 -7.54 -21.13 3.60
CA GLU A 1215 -7.98 -19.88 3.00
C GLU A 1215 -8.77 -19.05 4.01
N VAL A 1216 -8.52 -17.75 4.01
CA VAL A 1216 -9.29 -16.83 4.84
C VAL A 1216 -9.75 -15.67 3.98
N SER A 1217 -11.03 -15.36 4.05
CA SER A 1217 -11.61 -14.23 3.36
C SER A 1217 -11.97 -13.18 4.40
N ALA A 1218 -11.64 -11.92 4.13
CA ALA A 1218 -12.02 -10.83 5.03
C ALA A 1218 -12.63 -9.71 4.21
N SER A 1219 -13.83 -9.30 4.59
CA SER A 1219 -14.56 -8.22 3.92
C SER A 1219 -14.73 -7.07 4.89
N ILE A 1220 -14.13 -5.93 4.57
CA ILE A 1220 -14.15 -4.75 5.43
C ILE A 1220 -15.00 -3.66 4.78
N ASN A 1221 -16.00 -3.18 5.51
CA ASN A 1221 -16.84 -2.08 5.01
C ASN A 1221 -16.09 -0.78 5.27
N THR A 1222 -15.40 -0.27 4.24
CA THR A 1222 -14.61 0.94 4.38
C THR A 1222 -15.46 2.19 4.30
N ALA A 1223 -16.76 2.07 4.05
CA ALA A 1223 -17.66 3.21 4.10
C ALA A 1223 -18.32 3.37 5.45
N ALA A 1224 -17.99 2.52 6.42
CA ALA A 1224 -18.73 2.47 7.68
C ALA A 1224 -18.67 3.81 8.44
N ALA A 1225 -17.60 4.59 8.27
CA ALA A 1225 -17.55 5.86 8.99
C ALA A 1225 -18.54 6.89 8.45
N GLY A 1226 -19.19 6.61 7.32
CA GLY A 1226 -20.21 7.48 6.79
C GLY A 1226 -19.93 8.00 5.39
N GLY A 1227 -18.77 7.69 4.85
CA GLY A 1227 -18.42 8.10 3.50
C GLY A 1227 -17.29 7.25 2.98
N ASN A 1228 -17.00 7.45 1.70
CA ASN A 1228 -15.99 6.68 0.96
C ASN A 1228 -14.83 7.61 0.62
N ALA A 1229 -13.69 7.40 1.30
CA ALA A 1229 -12.51 8.22 1.07
C ALA A 1229 -12.04 8.18 -0.38
N SER A 1230 -11.97 6.98 -0.97
CA SER A 1230 -11.49 6.87 -2.35
C SER A 1230 -12.39 7.63 -3.32
N LEU A 1231 -13.70 7.62 -3.08
CA LEU A 1231 -14.60 8.35 -3.97
C LEU A 1231 -14.59 9.85 -3.75
N MET A 1232 -13.97 10.34 -2.67
CA MET A 1232 -13.82 11.79 -2.53
C MET A 1232 -12.91 12.37 -3.62
N ALA A 1233 -12.09 11.55 -4.25
CA ALA A 1233 -11.22 11.99 -5.33
C ALA A 1233 -11.83 11.81 -6.72
N ILE A 1234 -13.04 11.25 -6.80
CA ILE A 1234 -13.67 10.95 -8.08
C ILE A 1234 -14.79 11.96 -8.32
N GLY A 1235 -14.60 12.80 -9.33
CA GLY A 1235 -15.61 13.76 -9.72
C GLY A 1235 -15.60 13.98 -11.22
N ALA B 16 57.68 19.37 -0.96
CA ALA B 16 56.30 18.89 -0.89
C ALA B 16 55.36 19.85 -1.61
N PRO B 17 54.42 19.31 -2.39
CA PRO B 17 53.46 20.17 -3.10
C PRO B 17 52.64 20.97 -2.11
N ALA B 18 52.42 22.24 -2.43
CA ALA B 18 51.58 23.09 -1.60
C ALA B 18 50.17 22.52 -1.56
N PRO B 19 49.49 22.55 -0.42
CA PRO B 19 48.15 21.96 -0.33
C PRO B 19 47.20 22.61 -1.32
N PHE B 20 46.47 21.77 -2.04
CA PHE B 20 45.42 22.14 -2.98
C PHE B 20 45.90 22.96 -4.17
N ALA B 21 47.21 23.03 -4.40
CA ALA B 21 47.73 23.79 -5.53
C ALA B 21 47.32 23.19 -6.88
N ASP B 22 46.97 21.92 -6.92
CA ASP B 22 46.52 21.26 -8.15
C ASP B 22 45.18 20.58 -7.94
N PHE B 23 44.27 21.23 -7.21
CA PHE B 23 43.07 20.51 -6.75
C PHE B 23 42.19 20.11 -7.92
N ALA B 24 41.78 21.08 -8.74
CA ALA B 24 40.93 20.73 -9.87
C ALA B 24 41.02 21.78 -10.98
N PRO B 25 42.20 21.97 -11.57
CA PRO B 25 42.33 22.96 -12.63
C PRO B 25 41.47 22.57 -13.82
N PRO B 26 40.80 23.53 -14.43
CA PRO B 26 39.97 23.21 -15.61
C PRO B 26 40.85 22.83 -16.80
N VAL B 27 40.22 22.10 -17.73
CA VAL B 27 40.91 21.70 -18.95
C VAL B 27 41.43 22.91 -19.70
N ARG B 28 40.65 23.98 -19.74
CA ARG B 28 41.03 25.19 -20.44
C ARG B 28 40.41 26.39 -19.72
N PRO B 29 40.97 27.58 -19.88
CA PRO B 29 40.30 28.77 -19.36
C PRO B 29 38.89 28.88 -19.92
N GLN B 30 37.95 29.19 -19.04
CA GLN B 30 36.54 29.22 -19.41
C GLN B 30 36.22 30.53 -20.12
N SER B 31 35.78 30.42 -21.38
CA SER B 31 35.39 31.57 -22.17
C SER B 31 34.10 32.17 -21.63
N THR B 32 33.75 33.35 -22.17
CA THR B 32 32.46 33.97 -21.84
C THR B 32 31.32 33.01 -22.15
N LEU B 33 31.35 32.37 -23.33
CA LEU B 33 30.27 31.44 -23.68
C LEU B 33 30.26 30.21 -22.78
N ARG B 34 31.44 29.68 -22.43
CA ARG B 34 31.46 28.53 -21.52
C ARG B 34 30.95 28.92 -20.14
N ARG B 35 31.27 30.14 -19.70
CA ARG B 35 30.79 30.60 -18.40
C ARG B 35 29.28 30.74 -18.36
N ALA B 36 28.68 31.18 -19.48
CA ALA B 36 27.23 31.32 -19.52
C ALA B 36 26.54 29.97 -19.41
N ILE B 37 27.16 28.92 -19.95
CA ILE B 37 26.64 27.56 -19.76
C ILE B 37 26.64 27.20 -18.28
N THR B 38 27.81 27.33 -17.64
CA THR B 38 27.94 26.93 -16.24
C THR B 38 26.97 27.72 -15.36
N ALA B 39 26.79 29.01 -15.64
CA ALA B 39 25.90 29.83 -14.83
C ALA B 39 24.46 29.33 -14.83
N ALA B 40 24.06 28.60 -15.88
CA ALA B 40 22.68 28.13 -16.00
C ALA B 40 22.47 26.74 -15.41
N TYR B 41 23.54 26.10 -14.93
CA TYR B 41 23.50 24.67 -14.58
C TYR B 41 22.26 24.31 -13.76
N ARG B 42 22.01 25.03 -12.65
CA ARG B 42 20.88 24.71 -11.78
C ARG B 42 19.99 25.92 -11.59
N ARG B 43 19.83 26.72 -12.64
CA ARG B 43 19.06 27.95 -12.56
C ARG B 43 17.61 27.63 -12.17
N PRO B 44 16.98 28.44 -11.31
CA PRO B 44 15.60 28.15 -10.93
C PRO B 44 14.70 28.05 -12.15
N GLU B 45 13.76 27.11 -12.09
CA GLU B 45 12.88 26.85 -13.23
C GLU B 45 12.09 28.10 -13.62
N THR B 46 11.67 28.91 -12.64
CA THR B 46 10.94 30.12 -12.96
C THR B 46 11.80 31.15 -13.69
N GLU B 47 13.12 31.10 -13.52
CA GLU B 47 13.99 31.96 -14.31
C GLU B 47 14.26 31.41 -15.71
N CYS B 48 14.29 30.07 -15.85
CA CYS B 48 14.61 29.49 -17.15
C CYS B 48 13.50 29.72 -18.16
N LEU B 49 12.25 29.63 -17.74
CA LEU B 49 11.19 29.49 -18.72
C LEU B 49 10.82 30.76 -19.50
N PRO B 50 10.80 31.96 -18.90
CA PRO B 50 10.33 33.15 -19.68
C PRO B 50 11.13 33.38 -20.95
N PRO B 51 12.47 33.35 -20.94
CA PRO B 51 13.18 33.52 -22.22
C PRO B 51 12.91 32.40 -23.21
N LEU B 52 12.70 31.17 -22.75
CA LEU B 52 12.34 30.09 -23.66
C LEU B 52 10.96 30.31 -24.26
N VAL B 53 9.99 30.71 -23.42
CA VAL B 53 8.66 31.05 -23.94
C VAL B 53 8.77 32.08 -25.06
N GLU B 54 9.53 33.15 -24.81
CA GLU B 54 9.66 34.21 -25.81
C GLU B 54 10.31 33.72 -27.08
N ALA B 55 11.38 32.92 -26.94
CA ALA B 55 12.07 32.43 -28.13
C ALA B 55 11.22 31.42 -28.91
N ALA B 56 10.32 30.70 -28.23
CA ALA B 56 9.50 29.69 -28.87
C ALA B 56 8.19 30.24 -29.41
N THR B 57 7.93 31.53 -29.24
CA THR B 57 6.68 32.12 -29.67
C THR B 57 6.62 32.17 -31.20
N GLN B 58 5.45 31.85 -31.74
CA GLN B 58 5.21 31.91 -33.18
C GLN B 58 3.87 32.59 -33.46
N SER B 59 3.75 33.18 -34.66
CA SER B 59 2.54 33.89 -35.04
C SER B 59 1.33 32.97 -34.99
N LYS B 60 0.15 33.58 -34.92
CA LYS B 60 -1.09 32.80 -34.90
C LYS B 60 -1.26 32.00 -36.19
N GLU B 61 -0.87 32.58 -37.32
CA GLU B 61 -0.95 31.86 -38.59
C GLU B 61 -0.14 30.56 -38.53
N ILE B 62 1.11 30.66 -38.05
CA ILE B 62 1.95 29.47 -37.95
C ILE B 62 1.37 28.49 -36.94
N ARG B 63 0.92 28.99 -35.78
CA ARG B 63 0.41 28.10 -34.75
C ARG B 63 -0.82 27.33 -35.24
N ASP B 64 -1.70 28.01 -35.98
CA ASP B 64 -2.86 27.33 -36.56
C ASP B 64 -2.42 26.30 -37.60
N ALA B 65 -1.50 26.68 -38.48
CA ALA B 65 -1.00 25.74 -39.48
C ALA B 65 -0.31 24.55 -38.83
N ALA B 66 0.45 24.79 -37.75
CA ALA B 66 1.12 23.69 -37.07
C ALA B 66 0.13 22.76 -36.40
N ALA B 67 -0.93 23.31 -35.81
CA ALA B 67 -1.93 22.46 -35.15
C ALA B 67 -2.64 21.57 -36.15
N SER B 68 -2.89 22.07 -37.36
CA SER B 68 -3.55 21.23 -38.36
C SER B 68 -2.59 20.17 -38.89
N THR B 69 -1.32 20.54 -39.10
CA THR B 69 -0.32 19.56 -39.51
C THR B 69 -0.19 18.45 -38.46
N ALA B 70 -0.11 18.85 -37.18
CA ALA B 70 -0.04 17.85 -36.11
C ALA B 70 -1.28 16.97 -36.10
N ARG B 71 -2.46 17.56 -36.28
CA ARG B 71 -3.69 16.77 -36.28
C ARG B 71 -3.65 15.73 -37.38
N LYS B 72 -3.23 16.13 -38.59
CA LYS B 72 -3.12 15.18 -39.70
C LYS B 72 -2.15 14.06 -39.37
N LEU B 73 -0.99 14.39 -38.79
CA LEU B 73 -0.03 13.35 -38.40
C LEU B 73 -0.63 12.40 -37.37
N ILE B 74 -1.38 12.94 -36.41
CA ILE B 74 -1.88 12.10 -35.32
C ILE B 74 -3.03 11.21 -35.78
N GLU B 75 -3.93 11.76 -36.61
CA GLU B 75 -4.95 10.93 -37.24
C GLU B 75 -4.31 9.81 -38.04
N ALA B 76 -3.27 10.13 -38.81
CA ALA B 76 -2.56 9.10 -39.57
C ALA B 76 -1.99 8.04 -38.64
N LEU B 77 -1.39 8.45 -37.52
CA LEU B 77 -0.80 7.48 -36.59
C LEU B 77 -1.88 6.58 -36.00
N ARG B 78 -2.93 7.18 -35.43
CA ARG B 78 -3.99 6.38 -34.82
C ARG B 78 -4.78 5.58 -35.85
N GLY B 79 -4.78 6.01 -37.11
CA GLY B 79 -5.46 5.23 -38.14
C GLY B 79 -4.74 3.96 -38.50
N LYS B 80 -3.40 3.97 -38.40
CA LYS B 80 -2.61 2.78 -38.70
C LYS B 80 -2.56 1.80 -37.55
N HIS B 81 -2.81 2.26 -36.33
CA HIS B 81 -2.66 1.39 -35.16
C HIS B 81 -3.55 0.16 -35.30
N SER B 82 -2.92 -1.02 -35.20
CA SER B 82 -3.62 -2.29 -35.33
C SER B 82 -3.48 -3.19 -34.11
N GLY B 83 -2.36 -3.15 -33.41
CA GLY B 83 -2.13 -4.04 -32.29
C GLY B 83 -0.78 -4.73 -32.38
N SER B 84 0.00 -4.65 -31.30
CA SER B 84 1.36 -5.16 -31.30
C SER B 84 1.38 -6.68 -31.44
N GLY B 85 2.57 -7.22 -31.71
CA GLY B 85 2.71 -8.67 -31.74
C GLY B 85 2.44 -9.29 -30.40
N VAL B 86 2.90 -8.66 -29.32
CA VAL B 86 2.73 -9.25 -27.99
C VAL B 86 1.28 -9.17 -27.53
N GLU B 87 0.58 -8.09 -27.90
CA GLU B 87 -0.85 -8.01 -27.56
C GLU B 87 -1.64 -9.12 -28.24
N GLY B 88 -1.34 -9.39 -29.52
CA GLY B 88 -2.02 -10.47 -30.21
C GLY B 88 -1.71 -11.83 -29.63
N LEU B 89 -0.47 -12.03 -29.16
CA LEU B 89 -0.12 -13.28 -28.50
C LEU B 89 -0.89 -13.45 -27.19
N VAL B 90 -0.94 -12.38 -26.39
CA VAL B 90 -1.67 -12.42 -25.12
C VAL B 90 -3.14 -12.73 -25.36
N GLN B 91 -3.73 -12.13 -26.38
CA GLN B 91 -5.14 -12.38 -26.66
C GLN B 91 -5.38 -13.80 -27.17
N GLU B 92 -4.51 -14.29 -28.06
CA GLU B 92 -4.73 -15.61 -28.65
C GLU B 92 -4.71 -16.71 -27.60
N TYR B 93 -3.81 -16.61 -26.62
CA TYR B 93 -3.67 -17.64 -25.60
C TYR B 93 -4.26 -17.22 -24.25
N SER B 94 -4.99 -16.10 -24.22
CA SER B 94 -5.67 -15.62 -23.02
C SER B 94 -4.70 -15.52 -21.84
N LEU B 95 -3.55 -14.93 -22.10
CA LEU B 95 -2.52 -14.82 -21.08
C LEU B 95 -2.84 -13.71 -20.11
N SER B 96 -2.56 -13.98 -18.83
CA SER B 96 -2.46 -12.89 -17.89
C SER B 96 -1.17 -12.12 -18.15
N SER B 97 -1.05 -10.95 -17.51
CA SER B 97 0.16 -10.16 -17.64
C SER B 97 1.39 -10.94 -17.17
N GLN B 98 1.30 -11.54 -15.98
CA GLN B 98 2.42 -12.32 -15.47
C GLN B 98 2.75 -13.49 -16.38
N GLU B 99 1.72 -14.12 -16.96
CA GLU B 99 1.97 -15.19 -17.91
C GLU B 99 2.68 -14.67 -19.15
N GLY B 100 2.27 -13.51 -19.65
CA GLY B 100 2.97 -12.93 -20.79
C GLY B 100 4.42 -12.63 -20.47
N VAL B 101 4.68 -12.07 -19.29
CA VAL B 101 6.06 -11.77 -18.89
C VAL B 101 6.87 -13.06 -18.76
N ALA B 102 6.29 -14.05 -18.07
CA ALA B 102 6.99 -15.34 -17.89
C ALA B 102 7.31 -15.99 -19.23
N LEU B 103 6.37 -15.93 -20.17
CA LEU B 103 6.59 -16.54 -21.49
C LEU B 103 7.73 -15.85 -22.22
N MET B 104 7.80 -14.52 -22.15
CA MET B 104 8.89 -13.82 -22.84
C MET B 104 10.23 -14.13 -22.18
N CYS B 105 10.25 -14.29 -20.86
CA CYS B 105 11.48 -14.71 -20.19
C CYS B 105 11.91 -16.09 -20.65
N LEU B 106 10.95 -17.03 -20.71
CA LEU B 106 11.24 -18.35 -21.24
C LEU B 106 11.78 -18.25 -22.66
N ALA B 107 11.14 -17.43 -23.49
CA ALA B 107 11.57 -17.32 -24.88
C ALA B 107 12.97 -16.75 -24.96
N GLU B 108 13.26 -15.73 -24.13
CA GLU B 108 14.61 -15.16 -24.06
C GLU B 108 15.64 -16.25 -23.75
N ALA B 109 15.34 -17.10 -22.76
CA ALA B 109 16.28 -18.15 -22.40
C ALA B 109 16.44 -19.18 -23.52
N LEU B 110 15.32 -19.55 -24.17
CA LEU B 110 15.41 -20.50 -25.28
C LEU B 110 16.23 -19.93 -26.43
N LEU B 111 16.18 -18.62 -26.64
CA LEU B 111 16.93 -18.04 -27.73
C LEU B 111 18.44 -17.95 -27.42
N ARG B 112 18.85 -18.19 -26.18
CA ARG B 112 20.27 -18.33 -25.87
C ARG B 112 20.82 -19.65 -26.34
N ILE B 113 19.97 -20.60 -26.72
CA ILE B 113 20.39 -21.79 -27.44
C ILE B 113 20.52 -21.38 -28.90
N PRO B 114 21.74 -21.35 -29.46
CA PRO B 114 21.92 -20.80 -30.81
C PRO B 114 21.44 -21.72 -31.92
N ASP B 115 21.49 -23.02 -31.66
CA ASP B 115 21.15 -24.03 -32.66
C ASP B 115 19.64 -24.26 -32.70
N THR B 116 19.01 -23.97 -33.84
CA THR B 116 17.56 -24.12 -33.96
C THR B 116 17.12 -25.54 -33.62
N ALA B 117 17.87 -26.55 -34.07
CA ALA B 117 17.45 -27.93 -33.85
C ALA B 117 17.53 -28.30 -32.37
N THR B 118 18.59 -27.89 -31.68
CA THR B 118 18.70 -28.18 -30.26
C THR B 118 17.58 -27.49 -29.48
N ARG B 119 17.24 -26.27 -29.89
CA ARG B 119 16.23 -25.49 -29.18
C ARG B 119 14.84 -26.09 -29.40
N ASP B 120 14.51 -26.41 -30.66
CA ASP B 120 13.22 -27.01 -30.95
C ASP B 120 13.06 -28.37 -30.29
N ALA B 121 14.15 -29.13 -30.15
CA ALA B 121 14.06 -30.43 -29.49
C ALA B 121 13.85 -30.27 -27.99
N LEU B 122 14.53 -29.32 -27.37
CA LEU B 122 14.29 -29.04 -25.96
C LEU B 122 12.84 -28.66 -25.72
N ILE B 123 12.28 -27.81 -26.58
CA ILE B 123 10.90 -27.38 -26.45
C ILE B 123 9.94 -28.56 -26.53
N ARG B 124 10.14 -29.42 -27.53
CA ARG B 124 9.22 -30.53 -27.76
C ARG B 124 9.34 -31.59 -26.67
N ASP B 125 10.56 -31.90 -26.23
CA ASP B 125 10.78 -33.06 -25.37
C ASP B 125 10.93 -32.72 -23.89
N LYS B 126 11.23 -31.47 -23.54
CA LYS B 126 11.38 -31.10 -22.13
C LYS B 126 10.43 -30.00 -21.70
N ILE B 127 10.41 -28.87 -22.41
CA ILE B 127 9.68 -27.70 -21.92
C ILE B 127 8.18 -27.90 -22.02
N ALA B 128 7.71 -28.44 -23.15
CA ALA B 128 6.26 -28.60 -23.33
C ALA B 128 5.65 -29.56 -22.32
N ASP B 129 6.45 -30.45 -21.74
CA ASP B 129 6.02 -31.33 -20.67
C ASP B 129 6.09 -30.68 -19.30
N GLY B 130 6.33 -29.37 -19.23
CA GLY B 130 6.42 -28.66 -17.98
C GLY B 130 7.77 -28.72 -17.29
N ASN B 131 8.60 -29.71 -17.62
CA ASN B 131 9.92 -29.81 -17.00
C ASN B 131 10.82 -28.66 -17.46
N TRP B 132 10.42 -27.42 -17.17
CA TRP B 132 11.18 -26.26 -17.62
C TRP B 132 12.21 -25.81 -16.60
N LYS B 133 11.97 -26.06 -15.32
CA LYS B 133 12.91 -25.59 -14.30
C LYS B 133 14.30 -26.17 -14.50
N SER B 134 14.38 -27.45 -14.88
CA SER B 134 15.65 -28.15 -14.90
C SER B 134 16.59 -27.58 -15.96
N HIS B 135 16.09 -27.37 -17.17
CA HIS B 135 16.95 -27.23 -18.34
C HIS B 135 17.31 -25.79 -18.68
N LEU B 136 16.73 -24.80 -18.01
CA LEU B 136 17.03 -23.42 -18.32
C LEU B 136 17.29 -22.61 -17.06
N ARG B 140 20.99 -19.81 -12.91
CA ARG B 140 20.49 -18.46 -13.22
C ARG B 140 18.98 -18.50 -13.44
N SER B 141 18.28 -17.61 -12.73
CA SER B 141 16.83 -17.56 -12.86
C SER B 141 16.42 -17.29 -14.29
N LEU B 142 15.38 -17.99 -14.74
CA LEU B 142 14.75 -17.68 -16.02
C LEU B 142 14.31 -16.23 -16.08
N PHE B 143 14.02 -15.63 -14.93
CA PHE B 143 13.32 -14.35 -14.85
C PHE B 143 14.25 -13.18 -14.53
N VAL B 144 15.56 -13.34 -14.76
CA VAL B 144 16.52 -12.27 -14.45
C VAL B 144 16.11 -10.96 -15.10
N ASN B 145 15.65 -10.98 -16.35
CA ASN B 145 15.29 -9.76 -17.06
C ASN B 145 13.78 -9.51 -17.09
N ALA B 146 13.04 -10.02 -16.10
CA ALA B 146 11.59 -9.89 -16.17
C ALA B 146 11.10 -8.45 -15.99
N ALA B 147 11.88 -7.59 -15.34
CA ALA B 147 11.46 -6.19 -15.25
C ALA B 147 11.39 -5.58 -16.64
N THR B 148 12.36 -5.93 -17.48
CA THR B 148 12.35 -5.46 -18.86
C THR B 148 11.14 -6.01 -19.61
N TRP B 149 10.92 -7.33 -19.53
CA TRP B 149 9.75 -7.87 -20.22
C TRP B 149 8.45 -7.37 -19.61
N GLY B 150 8.45 -7.06 -18.32
CA GLY B 150 7.27 -6.45 -17.71
C GLY B 150 6.92 -5.13 -18.36
N LEU B 151 7.94 -4.31 -18.64
CA LEU B 151 7.70 -3.08 -19.41
C LEU B 151 7.10 -3.39 -20.78
N VAL B 152 7.68 -4.38 -21.47
CA VAL B 152 7.24 -4.72 -22.82
C VAL B 152 5.79 -5.17 -22.82
N VAL B 153 5.41 -5.99 -21.83
CA VAL B 153 4.10 -6.62 -21.85
C VAL B 153 3.03 -5.69 -21.28
N THR B 154 3.34 -5.00 -20.18
CA THR B 154 2.35 -4.24 -19.44
C THR B 154 2.50 -2.73 -19.56
N GLY B 155 3.66 -2.25 -19.98
CA GLY B 155 3.94 -0.83 -19.95
C GLY B 155 4.31 -0.28 -18.59
N LYS B 156 4.36 -1.11 -17.55
CA LYS B 156 4.74 -0.67 -16.21
C LYS B 156 6.07 -1.29 -15.83
N LEU B 157 6.85 -0.52 -15.07
CA LEU B 157 8.14 -0.97 -14.57
C LEU B 157 8.00 -1.39 -13.12
N THR B 158 8.40 -2.62 -12.82
CA THR B 158 8.51 -3.11 -11.46
C THR B 158 9.99 -3.39 -11.20
N SER B 159 10.55 -2.76 -10.16
CA SER B 159 12.00 -2.68 -10.00
C SER B 159 12.62 -4.04 -9.71
N THR B 160 11.96 -4.88 -8.93
CA THR B 160 12.41 -6.24 -8.73
C THR B 160 11.33 -7.20 -9.23
N VAL B 161 11.65 -8.48 -9.23
CA VAL B 161 10.90 -9.50 -9.95
C VAL B 161 10.24 -10.41 -8.93
N ASN B 162 8.91 -10.62 -9.06
CA ASN B 162 8.25 -11.64 -8.25
C ASN B 162 8.44 -12.99 -8.96
N ASP B 163 9.56 -13.64 -8.63
CA ASP B 163 9.92 -14.89 -9.28
C ASP B 163 9.02 -16.04 -8.88
N ARG B 164 8.38 -16.00 -7.71
CA ARG B 164 7.40 -17.03 -7.38
CA ARG B 164 7.41 -17.04 -7.39
C ARG B 164 6.14 -16.87 -8.22
N SER B 165 5.69 -15.62 -8.40
CA SER B 165 4.52 -15.38 -9.24
C SER B 165 4.80 -15.76 -10.69
N LEU B 166 6.01 -15.46 -11.17
CA LEU B 166 6.37 -15.78 -12.55
C LEU B 166 6.54 -17.28 -12.74
N ALA B 167 7.14 -17.97 -11.77
CA ALA B 167 7.26 -19.43 -11.87
C ALA B 167 5.87 -20.06 -11.91
N ALA B 168 4.96 -19.59 -11.07
CA ALA B 168 3.59 -20.09 -11.09
C ALA B 168 2.93 -19.82 -12.44
N ALA B 169 3.14 -18.63 -12.99
CA ALA B 169 2.49 -18.28 -14.25
C ALA B 169 3.04 -19.10 -15.42
N LEU B 170 4.35 -19.37 -15.42
CA LEU B 170 4.91 -20.15 -16.51
C LEU B 170 4.45 -21.60 -16.44
N THR B 171 4.41 -22.17 -15.24
CA THR B 171 3.84 -23.50 -15.08
C THR B 171 2.39 -23.54 -15.55
N ARG B 172 1.61 -22.53 -15.17
CA ARG B 172 0.20 -22.52 -15.55
C ARG B 172 0.04 -22.42 -17.06
N LEU B 173 0.79 -21.50 -17.69
CA LEU B 173 0.58 -21.32 -19.12
C LEU B 173 1.04 -22.53 -19.92
N ILE B 174 2.14 -23.17 -19.52
CA ILE B 174 2.60 -24.34 -20.27
C ILE B 174 1.66 -25.51 -20.08
N SER B 175 1.22 -25.76 -18.84
CA SER B 175 0.32 -26.86 -18.59
C SER B 175 -1.02 -26.64 -19.28
N ARG B 176 -1.40 -25.37 -19.49
CA ARG B 176 -2.67 -25.08 -20.14
C ARG B 176 -2.55 -25.13 -21.67
N CYS B 177 -1.48 -24.54 -22.23
CA CYS B 177 -1.40 -24.31 -23.67
C CYS B 177 -0.29 -25.09 -24.36
N GLY B 178 0.70 -25.59 -23.64
CA GLY B 178 1.62 -26.54 -24.24
C GLY B 178 2.57 -25.93 -25.27
N GLU B 179 3.09 -26.80 -26.13
CA GLU B 179 4.06 -26.38 -27.13
C GLU B 179 3.61 -25.22 -28.00
N PRO B 180 2.36 -25.15 -28.49
CA PRO B 180 1.99 -24.02 -29.35
C PRO B 180 2.23 -22.64 -28.73
N VAL B 181 2.00 -22.44 -27.43
CA VAL B 181 2.24 -21.12 -26.90
C VAL B 181 3.73 -20.85 -26.74
N ILE B 182 4.54 -21.89 -26.49
CA ILE B 182 5.98 -21.71 -26.40
C ILE B 182 6.56 -21.33 -27.75
N ARG B 183 6.09 -22.02 -28.81
CA ARG B 183 6.53 -21.70 -30.16
C ARG B 183 6.23 -20.26 -30.52
N ARG B 184 5.00 -19.80 -30.24
CA ARG B 184 4.63 -18.42 -30.54
C ARG B 184 5.46 -17.43 -29.74
N GLY B 185 5.75 -17.74 -28.47
CA GLY B 185 6.55 -16.84 -27.66
C GLY B 185 7.97 -16.73 -28.16
N VAL B 186 8.57 -17.88 -28.52
CA VAL B 186 9.93 -17.88 -29.06
C VAL B 186 9.99 -17.06 -30.34
N ASP B 187 9.06 -17.30 -31.26
CA ASP B 187 9.06 -16.57 -32.53
C ASP B 187 8.85 -15.08 -32.31
N MET B 188 8.02 -14.72 -31.33
CA MET B 188 7.77 -13.32 -31.03
C MET B 188 9.01 -12.63 -30.47
N ALA B 189 9.68 -13.27 -29.50
CA ALA B 189 10.86 -12.67 -28.92
C ALA B 189 12.01 -12.62 -29.94
N MET B 190 12.09 -13.63 -30.81
CA MET B 190 13.09 -13.59 -31.88
C MET B 190 12.90 -12.35 -32.75
N ARG B 191 11.66 -12.05 -33.15
CA ARG B 191 11.41 -10.91 -34.01
C ARG B 191 11.68 -9.59 -33.28
N MET B 192 11.16 -9.48 -32.05
CA MET B 192 11.37 -8.26 -31.28
C MET B 192 12.85 -8.01 -31.04
N MET B 193 13.57 -9.03 -30.59
CA MET B 193 14.97 -8.84 -30.26
C MET B 193 15.89 -8.85 -31.48
N GLY B 194 15.39 -9.25 -32.64
CA GLY B 194 16.23 -9.35 -33.82
C GLY B 194 15.99 -8.26 -34.83
N GLU B 195 14.80 -7.65 -34.78
CA GLU B 195 14.33 -6.74 -35.83
C GLU B 195 13.67 -5.48 -35.31
N GLN B 196 13.24 -5.43 -34.07
CA GLN B 196 12.50 -4.29 -33.53
C GLN B 196 13.36 -3.49 -32.55
N PHE B 197 13.87 -4.15 -31.52
CA PHE B 197 14.75 -3.47 -30.58
C PHE B 197 16.11 -3.15 -31.18
N VAL B 198 16.51 -3.86 -32.22
CA VAL B 198 17.70 -3.52 -32.98
C VAL B 198 17.32 -3.56 -34.45
N THR B 199 18.05 -2.79 -35.26
CA THR B 199 17.91 -2.93 -36.70
C THR B 199 18.51 -4.24 -37.17
N GLY B 200 19.55 -4.70 -36.49
CA GLY B 200 20.17 -5.96 -36.81
C GLY B 200 21.11 -6.36 -35.70
N GLU B 201 21.46 -7.65 -35.69
CA GLU B 201 22.35 -8.15 -34.66
C GLU B 201 23.79 -7.70 -34.90
N THR B 202 24.19 -7.62 -36.16
CA THR B 202 25.52 -7.20 -36.58
C THR B 202 25.36 -6.01 -37.52
N ILE B 203 26.48 -5.30 -37.74
CA ILE B 203 26.43 -4.14 -38.64
C ILE B 203 26.13 -4.58 -40.08
N ARG B 204 26.63 -5.75 -40.50
CA ARG B 204 26.32 -6.23 -41.84
C ARG B 204 24.82 -6.44 -42.02
N GLU B 205 24.17 -7.01 -41.01
CA GLU B 205 22.73 -7.23 -41.08
C GLU B 205 21.96 -5.91 -41.02
N ALA B 206 22.38 -5.00 -40.15
CA ALA B 206 21.70 -3.70 -40.06
C ALA B 206 21.82 -2.94 -41.38
N LEU B 207 23.00 -2.96 -42.00
CA LEU B 207 23.19 -2.24 -43.26
C LEU B 207 22.33 -2.83 -44.37
N LYS B 208 22.24 -4.16 -44.42
CA LYS B 208 21.39 -4.80 -45.43
C LYS B 208 19.92 -4.39 -45.27
N ARG B 209 19.45 -4.34 -44.02
CA ARG B 209 18.06 -3.99 -43.76
C ARG B 209 17.78 -2.51 -43.90
N SER B 210 18.82 -1.68 -44.06
CA SER B 210 18.63 -0.24 -44.17
C SER B 210 18.27 0.22 -45.57
N LYS B 211 18.52 -0.60 -46.60
CA LYS B 211 18.33 -0.14 -47.97
C LYS B 211 16.86 0.20 -48.25
N GLU B 212 15.93 -0.55 -47.64
CA GLU B 212 14.51 -0.37 -47.95
C GLU B 212 14.05 1.06 -47.65
N LEU B 213 14.34 1.54 -46.45
CA LEU B 213 13.90 2.89 -46.09
C LEU B 213 14.80 3.96 -46.68
N GLU B 214 16.09 3.66 -46.90
CA GLU B 214 16.95 4.62 -47.57
C GLU B 214 16.42 4.93 -48.97
N GLU B 215 15.89 3.92 -49.66
CA GLU B 215 15.30 4.15 -50.99
C GLU B 215 14.10 5.08 -50.92
N LYS B 216 13.42 5.12 -49.78
CA LYS B 216 12.29 6.02 -49.60
C LYS B 216 12.71 7.43 -49.18
N GLY B 217 13.98 7.64 -48.84
CA GLY B 217 14.46 8.94 -48.43
C GLY B 217 14.91 9.05 -47.00
N PHE B 218 14.87 7.96 -46.23
CA PHE B 218 15.44 7.96 -44.89
C PHE B 218 16.95 7.84 -44.96
N SER B 219 17.60 8.22 -43.86
CA SER B 219 19.03 7.98 -43.68
C SER B 219 19.20 7.27 -42.33
N TYR B 220 20.44 6.93 -41.99
CA TYR B 220 20.68 6.14 -40.79
C TYR B 220 21.84 6.68 -39.98
N SER B 221 21.76 6.47 -38.68
CA SER B 221 22.88 6.63 -37.77
C SER B 221 22.89 5.41 -36.88
N TYR B 222 23.96 4.62 -36.95
CA TYR B 222 23.99 3.34 -36.25
C TYR B 222 24.49 3.52 -34.82
N ASP B 223 23.79 2.86 -33.90
CA ASP B 223 24.07 2.90 -32.46
C ASP B 223 24.59 1.52 -32.08
N MET B 224 25.90 1.41 -31.86
CA MET B 224 26.48 0.11 -31.61
C MET B 224 26.26 -0.40 -30.19
N LEU B 225 25.52 0.35 -29.37
CA LEU B 225 24.99 -0.11 -28.07
C LEU B 225 26.10 -0.36 -27.05
N GLY B 226 27.21 0.36 -27.15
CA GLY B 226 28.25 0.33 -26.12
C GLY B 226 28.09 1.54 -25.22
N GLU B 227 28.31 1.33 -23.92
CA GLU B 227 28.34 2.48 -23.02
C GLU B 227 28.87 2.06 -21.67
N ALA B 228 29.33 3.06 -20.91
CA ALA B 228 29.69 2.88 -19.51
C ALA B 228 30.71 1.75 -19.34
N ALA B 229 31.83 1.89 -20.06
CA ALA B 229 32.94 0.97 -19.82
C ALA B 229 33.28 0.93 -18.34
N THR B 230 33.49 -0.28 -17.82
CA THR B 230 33.88 -0.49 -16.43
C THR B 230 35.38 -0.71 -16.27
N THR B 231 36.01 -1.31 -17.26
CA THR B 231 37.43 -1.62 -17.21
C THR B 231 38.12 -1.10 -18.45
N ALA B 232 39.45 -1.10 -18.42
CA ALA B 232 40.22 -0.74 -19.60
C ALA B 232 39.91 -1.66 -20.77
N ALA B 233 39.75 -2.96 -20.50
CA ALA B 233 39.42 -3.91 -21.57
C ALA B 233 38.07 -3.59 -22.19
N ASP B 234 37.10 -3.15 -21.39
CA ASP B 234 35.81 -2.74 -21.93
C ASP B 234 35.97 -1.60 -22.93
N ALA B 235 36.69 -0.55 -22.51
CA ALA B 235 36.83 0.62 -23.35
C ALA B 235 37.58 0.29 -24.63
N GLU B 236 38.63 -0.53 -24.52
CA GLU B 236 39.39 -0.88 -25.72
C GLU B 236 38.52 -1.67 -26.69
N ARG B 237 37.70 -2.58 -26.16
CA ARG B 237 36.81 -3.35 -27.02
C ARG B 237 35.79 -2.44 -27.71
N TYR B 238 35.15 -1.55 -26.93
CA TYR B 238 34.17 -0.65 -27.53
C TYR B 238 34.81 0.20 -28.61
N TYR B 239 36.05 0.64 -28.36
CA TYR B 239 36.77 1.43 -29.37
C TYR B 239 36.96 0.62 -30.65
N ARG B 240 37.45 -0.61 -30.52
CA ARG B 240 37.69 -1.44 -31.70
C ARG B 240 36.38 -1.78 -32.40
N ASP B 241 35.30 -1.96 -31.64
CA ASP B 241 33.99 -2.21 -32.26
C ASP B 241 33.51 -0.98 -33.03
N TYR B 242 33.72 0.23 -32.49
CA TYR B 242 33.38 1.43 -33.24
C TYR B 242 34.20 1.55 -34.51
N GLU B 243 35.50 1.26 -34.40
CA GLU B 243 36.38 1.32 -35.56
C GLU B 243 35.92 0.38 -36.66
N SER B 244 35.63 -0.87 -36.28
CA SER B 244 35.14 -1.84 -37.23
C SER B 244 33.84 -1.39 -37.87
N ALA B 245 32.91 -0.86 -37.06
CA ALA B 245 31.65 -0.41 -37.60
C ALA B 245 31.83 0.77 -38.57
N ILE B 246 32.74 1.69 -38.26
CA ILE B 246 32.95 2.82 -39.16
C ILE B 246 33.43 2.34 -40.52
N HIS B 247 34.35 1.38 -40.55
CA HIS B 247 34.76 0.81 -41.83
C HIS B 247 33.56 0.25 -42.59
N ALA B 248 32.68 -0.47 -41.90
CA ALA B 248 31.55 -1.08 -42.59
C ALA B 248 30.57 -0.03 -43.06
N ILE B 249 30.24 0.93 -42.19
CA ILE B 249 29.31 1.98 -42.55
C ILE B 249 29.89 2.86 -43.64
N GLY B 250 31.18 3.20 -43.52
CA GLY B 250 31.80 4.05 -44.52
C GLY B 250 31.86 3.41 -45.89
N LYS B 251 32.17 2.11 -45.93
CA LYS B 251 32.15 1.41 -47.21
C LYS B 251 30.75 1.36 -47.79
N ALA B 252 29.74 1.10 -46.94
CA ALA B 252 28.36 1.09 -47.40
C ALA B 252 27.91 2.46 -47.85
N SER B 253 28.38 3.52 -47.19
CA SER B 253 28.05 4.88 -47.61
C SER B 253 28.42 5.10 -49.07
N ALA B 254 29.60 4.62 -49.48
CA ALA B 254 30.03 4.66 -50.88
C ALA B 254 29.98 6.07 -51.45
N GLY B 255 30.41 7.04 -50.64
CA GLY B 255 30.51 8.41 -51.13
C GLY B 255 29.22 9.18 -51.18
N ARG B 256 28.15 8.71 -50.52
CA ARG B 256 26.90 9.45 -50.48
C ARG B 256 26.99 10.72 -49.64
N GLY B 257 28.04 10.88 -48.84
CA GLY B 257 28.19 12.07 -48.03
C GLY B 257 27.44 11.97 -46.71
N ILE B 258 27.54 13.04 -45.93
CA ILE B 258 27.05 12.98 -44.55
C ILE B 258 25.55 13.19 -44.41
N TYR B 259 24.86 13.68 -45.45
CA TYR B 259 23.43 13.92 -45.34
C TYR B 259 22.59 12.76 -45.87
N GLU B 260 22.85 12.31 -47.09
CA GLU B 260 22.13 11.16 -47.62
C GLU B 260 22.67 9.86 -47.04
N GLY B 261 23.99 9.79 -46.85
CA GLY B 261 24.63 8.56 -46.44
C GLY B 261 24.57 8.34 -44.94
N PRO B 262 24.80 7.10 -44.53
CA PRO B 262 24.69 6.75 -43.11
C PRO B 262 25.85 7.29 -42.29
N GLY B 263 25.61 7.37 -40.98
CA GLY B 263 26.64 7.74 -40.02
C GLY B 263 26.65 6.83 -38.81
N ILE B 264 27.46 7.18 -37.82
CA ILE B 264 27.56 6.39 -36.59
C ILE B 264 27.39 7.32 -35.40
N SER B 265 26.88 6.76 -34.31
CA SER B 265 26.76 7.45 -33.03
C SER B 265 27.62 6.72 -32.00
N ILE B 266 28.26 7.48 -31.12
CA ILE B 266 29.12 6.92 -30.08
C ILE B 266 28.75 7.56 -28.75
N LYS B 267 29.12 6.86 -27.68
CA LYS B 267 29.00 7.39 -26.33
C LYS B 267 30.41 7.50 -25.75
N LEU B 268 30.76 8.69 -25.27
CA LEU B 268 32.08 8.87 -24.68
C LEU B 268 32.30 7.94 -23.49
N SER B 269 31.24 7.61 -22.76
CA SER B 269 31.42 6.72 -21.61
C SER B 269 31.84 5.31 -22.03
N ALA B 270 31.63 4.93 -23.29
CA ALA B 270 32.12 3.65 -23.77
C ALA B 270 33.62 3.63 -23.95
N LEU B 271 34.25 4.80 -24.06
CA LEU B 271 35.63 4.88 -24.53
C LEU B 271 36.64 5.06 -23.41
N HIS B 272 36.18 5.11 -22.16
CA HIS B 272 37.12 5.21 -21.05
C HIS B 272 36.39 4.80 -19.78
N PRO B 273 37.04 4.02 -18.90
CA PRO B 273 36.37 3.62 -17.66
C PRO B 273 36.24 4.74 -16.63
N ARG B 274 36.91 5.88 -16.81
CA ARG B 274 36.86 6.99 -15.85
C ARG B 274 36.47 8.27 -16.59
N TYR B 275 35.37 8.22 -17.33
CA TYR B 275 34.88 9.40 -18.03
C TYR B 275 34.13 10.29 -17.04
N SER B 276 34.84 11.22 -16.43
CA SER B 276 34.23 12.10 -15.43
C SER B 276 35.09 13.35 -15.28
N ARG B 277 34.44 14.43 -14.83
CA ARG B 277 35.17 15.66 -14.56
C ARG B 277 36.29 15.45 -13.56
N ALA B 278 36.09 14.56 -12.57
CA ALA B 278 37.15 14.34 -11.59
C ALA B 278 38.39 13.74 -12.21
N GLN B 279 38.27 13.07 -13.36
CA GLN B 279 39.40 12.51 -14.08
C GLN B 279 39.61 13.21 -15.41
N ALA B 280 39.39 14.53 -15.43
CA ALA B 280 39.43 15.28 -16.68
C ALA B 280 40.78 15.12 -17.39
N ALA B 281 41.87 15.09 -16.63
CA ALA B 281 43.18 14.97 -17.26
C ALA B 281 43.31 13.65 -18.02
N ARG B 282 42.87 12.55 -17.41
CA ARG B 282 42.90 11.27 -18.09
C ARG B 282 41.93 11.25 -19.27
N VAL B 283 40.80 11.93 -19.13
CA VAL B 283 39.85 12.00 -20.25
C VAL B 283 40.51 12.66 -21.45
N MET B 284 41.14 13.82 -21.23
CA MET B 284 41.76 14.51 -22.36
C MET B 284 42.98 13.77 -22.89
N GLY B 285 43.68 13.04 -22.01
CA GLY B 285 44.91 12.37 -22.42
C GLY B 285 44.69 11.03 -23.08
N GLU B 286 43.58 10.36 -22.74
CA GLU B 286 43.38 8.96 -23.11
C GLU B 286 42.09 8.71 -23.86
N LEU B 287 41.01 9.39 -23.49
CA LEU B 287 39.75 9.26 -24.20
C LEU B 287 39.78 10.05 -25.49
N LEU B 288 40.15 11.33 -25.41
CA LEU B 288 40.16 12.18 -26.60
C LEU B 288 40.92 11.58 -27.78
N PRO B 289 42.13 11.03 -27.63
CA PRO B 289 42.79 10.44 -28.81
C PRO B 289 41.98 9.32 -29.47
N ARG B 290 41.21 8.57 -28.70
CA ARG B 290 40.36 7.54 -29.30
C ARG B 290 39.27 8.16 -30.15
N VAL B 291 38.60 9.20 -29.62
CA VAL B 291 37.58 9.86 -30.42
C VAL B 291 38.20 10.46 -31.67
N LYS B 292 39.39 11.05 -31.55
CA LYS B 292 40.01 11.65 -32.73
C LYS B 292 40.28 10.59 -33.79
N ALA B 293 40.79 9.42 -33.37
CA ALA B 293 41.05 8.34 -34.32
C ALA B 293 39.78 7.91 -35.03
N LEU B 294 38.68 7.77 -34.27
CA LEU B 294 37.41 7.42 -34.89
C LEU B 294 36.94 8.52 -35.83
N ALA B 295 37.11 9.77 -35.40
CA ALA B 295 36.68 10.89 -36.24
C ALA B 295 37.49 10.95 -37.54
N LEU B 296 38.79 10.68 -37.44
CA LEU B 296 39.62 10.66 -38.65
C LEU B 296 39.16 9.59 -39.62
N LEU B 297 38.76 8.42 -39.12
CA LEU B 297 38.21 7.37 -39.98
C LEU B 297 36.89 7.82 -40.61
N ALA B 298 36.00 8.38 -39.81
CA ALA B 298 34.75 8.90 -40.34
C ALA B 298 34.99 9.96 -41.39
N LYS B 299 35.98 10.84 -41.16
CA LYS B 299 36.33 11.82 -42.18
C LYS B 299 36.77 11.16 -43.47
N ASN B 300 37.64 10.13 -43.37
CA ASN B 300 38.15 9.52 -44.59
C ASN B 300 37.04 8.91 -45.43
N TYR B 301 35.98 8.42 -44.80
CA TYR B 301 34.82 7.88 -45.50
C TYR B 301 33.76 8.93 -45.79
N ASP B 302 33.92 10.14 -45.25
CA ASP B 302 32.94 11.21 -45.30
C ASP B 302 31.56 10.75 -44.80
N ILE B 303 31.55 10.24 -43.58
CA ILE B 303 30.32 9.93 -42.87
C ILE B 303 30.21 10.79 -41.63
N GLY B 304 29.00 10.90 -41.11
CA GLY B 304 28.78 11.55 -39.83
C GLY B 304 29.22 10.69 -38.66
N LEU B 305 29.77 11.34 -37.64
CA LEU B 305 30.08 10.69 -36.37
C LEU B 305 29.53 11.56 -35.27
N ASN B 306 28.55 11.04 -34.53
CA ASN B 306 27.77 11.81 -33.56
C ASN B 306 28.13 11.39 -32.15
N ILE B 307 28.35 12.38 -31.28
CA ILE B 307 28.58 12.13 -29.86
C ILE B 307 27.24 12.23 -29.13
N ASP B 308 26.73 11.09 -28.67
CA ASP B 308 25.51 11.08 -27.87
C ASP B 308 25.72 11.82 -26.56
N ALA B 309 24.63 12.40 -26.04
CA ALA B 309 24.66 13.09 -24.76
C ALA B 309 24.20 12.16 -23.65
N GLU B 310 24.85 12.26 -22.50
CA GLU B 310 24.61 11.30 -21.42
C GLU B 310 24.19 12.06 -20.16
N GLU B 311 24.78 11.74 -19.00
CA GLU B 311 24.35 12.37 -17.75
C GLU B 311 24.70 13.86 -17.73
N ALA B 312 23.96 14.60 -16.91
CA ALA B 312 24.15 16.06 -16.86
C ALA B 312 25.56 16.44 -16.41
N ASP B 313 26.19 15.64 -15.52
CA ASP B 313 27.52 16.02 -15.07
C ASP B 313 28.61 15.66 -16.07
N ARG B 314 28.26 15.18 -17.26
CA ARG B 314 29.23 14.98 -18.31
C ARG B 314 29.08 15.97 -19.46
N LEU B 315 28.08 16.84 -19.42
CA LEU B 315 27.82 17.75 -20.54
C LEU B 315 29.01 18.66 -20.79
N GLU B 316 29.42 19.42 -19.79
CA GLU B 316 30.43 20.43 -20.07
C GLU B 316 31.79 19.79 -20.34
N LEU B 317 32.09 18.67 -19.68
CA LEU B 317 33.32 17.93 -20.01
C LEU B 317 33.34 17.57 -21.49
N SER B 318 32.21 17.10 -22.04
CA SER B 318 32.23 16.68 -23.44
C SER B 318 32.50 17.86 -24.38
N LEU B 319 32.16 19.08 -23.96
CA LEU B 319 32.44 20.26 -24.79
C LEU B 319 33.94 20.48 -24.95
N ASP B 320 34.74 20.09 -23.95
CA ASP B 320 36.18 20.23 -24.09
C ASP B 320 36.73 19.30 -25.16
N LEU B 321 36.13 18.11 -25.32
CA LEU B 321 36.53 17.26 -26.44
C LEU B 321 36.06 17.84 -27.77
N LEU B 322 34.82 18.32 -27.81
CA LEU B 322 34.28 18.89 -29.05
C LEU B 322 35.13 20.06 -29.52
N GLU B 323 35.57 20.90 -28.58
CA GLU B 323 36.44 22.03 -28.93
C GLU B 323 37.69 21.55 -29.66
N VAL B 324 38.37 20.54 -29.11
CA VAL B 324 39.63 20.11 -29.69
C VAL B 324 39.41 19.49 -31.07
N LEU B 325 38.36 18.70 -31.23
CA LEU B 325 38.12 18.04 -32.50
C LEU B 325 37.83 19.04 -33.61
N CYS B 326 37.08 20.10 -33.29
CA CYS B 326 36.72 21.09 -34.30
C CYS B 326 37.91 21.95 -34.72
N LEU B 327 38.93 22.07 -33.86
CA LEU B 327 40.14 22.83 -34.18
C LEU B 327 41.27 21.94 -34.69
N ASP B 328 41.02 20.64 -34.85
CA ASP B 328 42.06 19.70 -35.27
C ASP B 328 42.18 19.73 -36.78
N GLY B 329 43.32 20.23 -37.29
CA GLY B 329 43.51 20.34 -38.72
C GLY B 329 43.45 19.02 -39.47
N ASP B 330 43.72 17.91 -38.79
CA ASP B 330 43.62 16.60 -39.44
C ASP B 330 42.19 16.35 -39.92
N LEU B 331 41.20 16.98 -39.29
CA LEU B 331 39.80 16.82 -39.68
C LEU B 331 39.31 17.96 -40.59
N SER B 332 40.23 18.75 -41.15
CA SER B 332 39.87 19.93 -41.93
C SER B 332 38.90 19.61 -43.07
N GLY B 333 37.84 20.41 -43.17
CA GLY B 333 36.88 20.28 -44.24
C GLY B 333 35.77 19.26 -44.02
N TRP B 334 35.90 18.42 -43.01
CA TRP B 334 34.90 17.41 -42.70
C TRP B 334 33.79 18.02 -41.87
N ASN B 335 32.56 17.94 -42.35
CA ASN B 335 31.42 18.50 -41.64
C ASN B 335 30.56 17.42 -40.99
N GLY B 336 31.12 16.25 -40.78
CA GLY B 336 30.38 15.15 -40.23
C GLY B 336 30.38 15.06 -38.72
N MET B 337 31.14 15.90 -38.03
CA MET B 337 31.14 15.88 -36.56
C MET B 337 29.75 16.25 -36.05
N GLY B 338 29.18 15.37 -35.21
CA GLY B 338 27.85 15.56 -34.68
C GLY B 338 27.85 15.57 -33.16
N PHE B 339 26.88 16.28 -32.59
CA PHE B 339 26.86 16.47 -31.14
C PHE B 339 25.43 16.66 -30.67
N VAL B 340 25.05 15.91 -29.63
CA VAL B 340 23.68 15.95 -29.10
C VAL B 340 23.60 17.01 -28.01
N VAL B 341 22.50 17.74 -27.98
CA VAL B 341 22.17 18.62 -26.87
C VAL B 341 20.76 18.26 -26.40
N GLN B 342 20.58 18.23 -25.08
CA GLN B 342 19.36 17.74 -24.44
C GLN B 342 18.50 18.92 -24.01
N ALA B 343 17.33 19.06 -24.64
CA ALA B 343 16.45 20.18 -24.35
C ALA B 343 15.82 20.11 -22.96
N TYR B 344 15.83 18.95 -22.31
CA TYR B 344 15.33 18.95 -20.93
C TYR B 344 16.31 19.58 -19.97
N GLY B 345 17.49 19.96 -20.44
CA GLY B 345 18.52 20.55 -19.60
C GLY B 345 18.48 22.06 -19.63
N LYS B 346 18.72 22.66 -18.47
CA LYS B 346 18.61 24.11 -18.34
C LYS B 346 19.70 24.85 -19.11
N ARG B 347 20.81 24.18 -19.40
CA ARG B 347 21.91 24.82 -20.10
C ARG B 347 21.76 24.79 -21.61
N CYS B 348 20.76 24.08 -22.12
CA CYS B 348 20.66 23.78 -23.55
C CYS B 348 20.83 24.99 -24.46
N PRO B 349 20.10 26.10 -24.29
CA PRO B 349 20.29 27.23 -25.21
C PRO B 349 21.68 27.84 -25.13
N PHE B 350 22.29 27.84 -23.95
CA PHE B 350 23.65 28.36 -23.79
C PHE B 350 24.68 27.44 -24.40
N VAL B 351 24.42 26.13 -24.35
CA VAL B 351 25.30 25.17 -25.01
C VAL B 351 25.21 25.34 -26.52
N LEU B 352 24.00 25.58 -27.03
CA LEU B 352 23.84 25.83 -28.47
C LEU B 352 24.57 27.09 -28.90
N ASP B 353 24.48 28.16 -28.08
CA ASP B 353 25.27 29.36 -28.34
C ASP B 353 26.76 29.04 -28.45
N PHE B 354 27.26 28.21 -27.54
CA PHE B 354 28.67 27.85 -27.58
C PHE B 354 29.01 27.06 -28.83
N ILE B 355 28.16 26.08 -29.18
CA ILE B 355 28.42 25.22 -30.34
C ILE B 355 28.33 26.01 -31.64
N ILE B 356 27.34 26.90 -31.75
CA ILE B 356 27.21 27.70 -32.96
C ILE B 356 28.44 28.59 -33.13
N ASP B 357 28.92 29.18 -32.04
CA ASP B 357 30.11 30.01 -32.12
C ASP B 357 31.34 29.17 -32.48
N LEU B 358 31.47 27.99 -31.87
CA LEU B 358 32.57 27.09 -32.23
C LEU B 358 32.56 26.77 -33.72
N ALA B 359 31.39 26.47 -34.26
CA ALA B 359 31.30 26.18 -35.69
C ALA B 359 31.75 27.39 -36.51
N ARG B 360 31.28 28.57 -36.14
CA ARG B 360 31.64 29.79 -36.88
C ARG B 360 33.15 30.01 -36.91
N ARG B 361 33.80 29.92 -35.76
CA ARG B 361 35.22 30.26 -35.72
C ARG B 361 36.11 29.13 -36.20
N SER B 362 35.63 27.89 -36.20
CA SER B 362 36.45 26.76 -36.64
C SER B 362 36.23 26.39 -38.10
N GLY B 363 35.24 26.96 -38.77
CA GLY B 363 35.00 26.57 -40.15
C GLY B 363 34.51 25.15 -40.30
N ARG B 364 33.83 24.62 -39.29
CA ARG B 364 33.19 23.32 -39.34
C ARG B 364 31.69 23.52 -39.25
N ARG B 365 30.94 22.91 -40.14
CA ARG B 365 29.50 22.85 -39.96
C ARG B 365 29.21 21.67 -39.05
N ILE B 366 28.81 21.97 -37.82
CA ILE B 366 28.59 20.94 -36.81
C ILE B 366 27.16 20.43 -36.95
N MET B 367 27.00 19.11 -36.99
CA MET B 367 25.67 18.50 -36.98
C MET B 367 25.18 18.46 -35.54
N VAL B 368 24.04 19.08 -35.27
CA VAL B 368 23.56 19.22 -33.89
C VAL B 368 22.26 18.45 -33.75
N ARG B 369 22.28 17.38 -32.96
CA ARG B 369 21.06 16.62 -32.73
C ARG B 369 20.39 17.18 -31.49
N LEU B 370 19.23 17.79 -31.67
CA LEU B 370 18.43 18.30 -30.55
C LEU B 370 17.50 17.19 -30.09
N VAL B 371 17.67 16.75 -28.85
CA VAL B 371 16.81 15.75 -28.24
C VAL B 371 16.19 16.35 -27.00
N LYS B 372 15.20 15.65 -26.45
CA LYS B 372 14.71 16.08 -25.14
C LYS B 372 15.61 15.55 -24.02
N GLY B 373 15.77 14.23 -23.91
CA GLY B 373 16.76 13.70 -22.98
C GLY B 373 16.35 12.39 -22.34
N ALA B 374 17.29 11.50 -22.12
CA ALA B 374 16.96 10.11 -21.79
C ALA B 374 17.14 9.74 -20.33
N TYR B 375 17.62 10.67 -19.47
CA TYR B 375 18.05 10.30 -18.13
C TYR B 375 17.25 11.03 -17.05
N TRP B 376 16.00 11.42 -17.35
CA TRP B 376 15.28 12.35 -16.49
C TRP B 376 15.17 11.85 -15.05
N ASP B 377 14.61 10.64 -14.84
CA ASP B 377 14.38 10.27 -13.44
C ASP B 377 15.68 10.07 -12.67
N ALA B 378 16.76 9.69 -13.36
CA ALA B 378 18.06 9.57 -12.70
C ALA B 378 18.61 10.95 -12.32
N GLU B 379 18.36 11.96 -13.14
CA GLU B 379 18.83 13.30 -12.79
C GLU B 379 18.08 13.85 -11.59
N ILE B 380 16.79 13.53 -11.47
CA ILE B 380 16.05 13.95 -10.28
C ILE B 380 16.62 13.30 -9.03
N LYS B 381 16.78 11.98 -9.08
CA LYS B 381 17.30 11.27 -7.92
C LYS B 381 18.69 11.78 -7.54
N ARG B 382 19.55 12.00 -8.53
CA ARG B 382 20.94 12.37 -8.21
C ARG B 382 21.01 13.73 -7.54
N ALA B 383 20.28 14.71 -8.03
CA ALA B 383 20.32 16.04 -7.43
C ALA B 383 19.78 16.01 -6.01
N GLN B 384 18.76 15.19 -5.77
CA GLN B 384 18.23 15.04 -4.42
C GLN B 384 19.26 14.36 -3.51
N LEU B 385 19.88 13.27 -3.98
CA LEU B 385 20.89 12.60 -3.17
C LEU B 385 22.02 13.54 -2.81
N ASP B 386 22.43 14.40 -3.74
CA ASP B 386 23.60 15.24 -3.54
C ASP B 386 23.26 16.58 -2.88
N GLY B 387 22.00 16.82 -2.55
CA GLY B 387 21.64 18.06 -1.87
C GLY B 387 21.98 19.32 -2.64
N LEU B 388 21.82 19.29 -3.96
CA LEU B 388 22.30 20.42 -4.73
C LEU B 388 21.20 21.48 -4.87
N ALA B 389 21.57 22.65 -5.39
CA ALA B 389 20.70 23.82 -5.30
C ALA B 389 19.39 23.58 -6.04
N ASP B 390 19.45 22.94 -7.18
CA ASP B 390 18.27 22.69 -7.99
C ASP B 390 18.60 21.53 -8.92
N PHE B 391 17.66 21.18 -9.75
CA PHE B 391 17.89 20.16 -10.75
C PHE B 391 18.59 20.77 -11.96
N PRO B 392 19.37 19.96 -12.68
CA PRO B 392 19.93 20.40 -13.96
C PRO B 392 19.00 20.15 -15.14
N VAL B 393 17.80 19.65 -14.87
CA VAL B 393 16.79 19.41 -15.88
C VAL B 393 15.51 20.06 -15.39
N PHE B 394 14.56 20.26 -16.32
CA PHE B 394 13.23 20.72 -15.95
C PHE B 394 12.47 19.62 -15.20
N THR B 395 11.43 20.03 -14.47
CA THR B 395 10.62 19.08 -13.71
C THR B 395 9.21 18.93 -14.22
N ARG B 396 8.74 19.82 -15.08
CA ARG B 396 7.48 19.63 -15.80
C ARG B 396 7.79 19.27 -17.23
N LYS B 397 7.12 18.25 -17.75
CA LYS B 397 7.40 17.81 -19.12
C LYS B 397 7.12 18.93 -20.12
N ILE B 398 6.10 19.74 -19.89
CA ILE B 398 5.78 20.81 -20.82
C ILE B 398 6.92 21.83 -20.88
N HIS B 399 7.73 21.94 -19.83
CA HIS B 399 8.87 22.86 -19.89
C HIS B 399 9.92 22.35 -20.86
N THR B 400 10.22 21.05 -20.81
CA THR B 400 11.12 20.47 -21.79
C THR B 400 10.62 20.70 -23.21
N ASP B 401 9.30 20.61 -23.41
CA ASP B 401 8.74 20.83 -24.76
C ASP B 401 8.97 22.26 -25.22
N VAL B 402 8.71 23.23 -24.35
CA VAL B 402 8.96 24.63 -24.70
C VAL B 402 10.44 24.86 -24.94
N SER B 403 11.29 24.28 -24.08
CA SER B 403 12.73 24.38 -24.25
C SER B 403 13.17 23.88 -25.61
N TYR B 404 12.64 22.73 -26.02
CA TYR B 404 12.96 22.16 -27.33
C TYR B 404 12.59 23.12 -28.46
N ILE B 405 11.38 23.68 -28.42
CA ILE B 405 10.94 24.52 -29.52
C ILE B 405 11.75 25.81 -29.57
N ALA B 406 12.07 26.39 -28.40
CA ALA B 406 12.93 27.57 -28.35
C ALA B 406 14.32 27.28 -28.90
N CYS B 407 14.88 26.12 -28.57
CA CYS B 407 16.21 25.77 -29.07
C CYS B 407 16.19 25.45 -30.56
N ALA B 408 15.08 24.89 -31.06
CA ALA B 408 14.95 24.71 -32.50
C ALA B 408 14.97 26.05 -33.23
N ALA B 409 14.35 27.07 -32.62
CA ALA B 409 14.36 28.41 -33.23
C ALA B 409 15.77 28.96 -33.32
N LYS B 410 16.58 28.72 -32.30
CA LYS B 410 17.99 29.14 -32.32
C LYS B 410 18.77 28.42 -33.41
N LEU B 411 18.59 27.09 -33.51
CA LEU B 411 19.32 26.30 -34.50
C LEU B 411 18.95 26.70 -35.92
N LEU B 412 17.64 26.85 -36.18
CA LEU B 412 17.17 27.21 -37.51
C LEU B 412 17.69 28.56 -37.98
N ALA B 413 18.16 29.41 -37.08
CA ALA B 413 18.72 30.70 -37.45
C ALA B 413 20.21 30.65 -37.73
N ALA B 414 20.86 29.50 -37.54
CA ALA B 414 22.30 29.38 -37.73
C ALA B 414 22.65 28.24 -38.68
N THR B 415 21.77 27.92 -39.63
CA THR B 415 22.00 26.78 -40.52
C THR B 415 23.23 26.96 -41.42
N ASP B 416 23.73 28.19 -41.57
CA ASP B 416 25.00 28.39 -42.28
C ASP B 416 26.12 27.59 -41.65
N VAL B 417 26.19 27.58 -40.30
CA VAL B 417 27.31 26.97 -39.63
C VAL B 417 26.94 25.74 -38.81
N VAL B 418 25.65 25.39 -38.70
CA VAL B 418 25.28 24.14 -38.04
C VAL B 418 24.16 23.44 -38.82
N PHE B 419 24.14 22.10 -38.72
CA PHE B 419 23.13 21.27 -39.36
C PHE B 419 22.17 20.75 -38.29
N PRO B 420 20.99 21.37 -38.10
CA PRO B 420 20.09 20.94 -37.04
C PRO B 420 19.44 19.60 -37.37
N GLN B 421 19.37 18.74 -36.36
CA GLN B 421 18.76 17.42 -36.49
C GLN B 421 17.76 17.28 -35.37
N PHE B 422 16.47 17.35 -35.68
CA PHE B 422 15.42 17.39 -34.65
C PHE B 422 14.94 15.97 -34.38
N ALA B 423 15.46 15.36 -33.32
CA ALA B 423 15.10 14.01 -32.92
C ALA B 423 13.90 14.07 -31.99
N THR B 424 12.75 13.58 -32.45
CA THR B 424 11.57 13.57 -31.61
C THR B 424 10.53 12.65 -32.24
N HIS B 425 9.76 12.00 -31.37
CA HIS B 425 8.60 11.21 -31.80
C HIS B 425 7.30 11.95 -31.59
N ASN B 426 7.36 13.19 -31.12
CA ASN B 426 6.20 13.99 -30.76
C ASN B 426 5.72 14.74 -31.99
N ALA B 427 4.51 14.40 -32.48
CA ALA B 427 3.98 15.02 -33.69
C ALA B 427 3.72 16.51 -33.50
N GLN B 428 3.36 16.93 -32.28
CA GLN B 428 3.16 18.35 -32.03
C GLN B 428 4.48 19.11 -32.12
N THR B 429 5.52 18.59 -31.46
CA THR B 429 6.86 19.17 -31.60
C THR B 429 7.28 19.25 -33.06
N LEU B 430 7.10 18.14 -33.79
CA LEU B 430 7.50 18.09 -35.20
C LEU B 430 6.79 19.17 -36.00
N ALA B 431 5.46 19.21 -35.91
CA ALA B 431 4.68 20.20 -36.66
C ALA B 431 5.17 21.62 -36.39
N ALA B 432 5.41 21.95 -35.12
CA ALA B 432 5.81 23.31 -34.76
C ALA B 432 7.12 23.69 -35.43
N ILE B 433 8.07 22.75 -35.48
CA ILE B 433 9.35 23.03 -36.13
C ILE B 433 9.20 22.99 -37.64
N TYR B 434 8.38 22.08 -38.16
CA TYR B 434 8.15 22.01 -39.60
C TYR B 434 7.69 23.36 -40.14
N HIS B 435 6.72 23.98 -39.46
CA HIS B 435 6.23 25.28 -39.90
C HIS B 435 7.17 26.42 -39.51
N MET B 436 7.86 26.30 -38.37
CA MET B 436 8.84 27.31 -37.98
C MET B 436 9.94 27.47 -39.03
N ALA B 437 10.33 26.38 -39.68
CA ALA B 437 11.43 26.43 -40.64
C ALA B 437 11.06 27.08 -41.96
N GLY B 438 9.78 27.20 -42.27
CA GLY B 438 9.38 27.88 -43.49
C GLY B 438 9.46 27.01 -44.72
N LYS B 439 9.22 27.65 -45.87
CA LYS B 439 9.04 26.92 -47.13
C LYS B 439 10.34 26.66 -47.89
N ASP B 440 11.42 27.37 -47.59
CA ASP B 440 12.66 27.20 -48.34
C ASP B 440 13.43 26.02 -47.75
N PHE B 441 13.36 24.87 -48.42
CA PHE B 441 14.05 23.68 -47.91
C PHE B 441 14.86 22.98 -48.99
N HIS B 442 16.04 22.52 -48.60
CA HIS B 442 16.84 21.61 -49.38
C HIS B 442 17.44 20.58 -48.43
N VAL B 443 17.69 19.38 -48.94
CA VAL B 443 18.42 18.40 -48.15
C VAL B 443 19.77 18.98 -47.79
N GLY B 444 20.11 18.91 -46.50
CA GLY B 444 21.32 19.54 -45.98
C GLY B 444 21.04 20.78 -45.15
N LYS B 445 19.82 21.31 -45.21
CA LYS B 445 19.48 22.46 -44.38
C LYS B 445 19.26 22.02 -42.94
N TYR B 446 18.35 21.08 -42.74
CA TYR B 446 18.11 20.42 -41.46
C TYR B 446 17.44 19.08 -41.76
N GLU B 447 17.27 18.28 -40.71
CA GLU B 447 16.58 17.01 -40.87
C GLU B 447 15.85 16.68 -39.57
N PHE B 448 14.96 15.70 -39.65
CA PHE B 448 14.41 15.10 -38.46
C PHE B 448 15.11 13.79 -38.16
N GLN B 449 14.93 13.28 -36.94
CA GLN B 449 15.51 12.00 -36.55
C GLN B 449 14.51 11.23 -35.71
N CYS B 450 14.62 9.90 -35.77
CA CYS B 450 13.75 9.05 -34.98
C CYS B 450 14.48 7.77 -34.64
N LEU B 451 13.87 6.99 -33.76
CA LEU B 451 14.42 5.74 -33.30
C LEU B 451 13.88 4.59 -34.13
N HIS B 452 14.77 3.67 -34.51
CA HIS B 452 14.36 2.48 -35.24
C HIS B 452 13.27 1.73 -34.49
N GLY B 453 12.25 1.26 -35.22
CA GLY B 453 11.22 0.44 -34.62
C GLY B 453 10.32 1.20 -33.68
N MET B 454 10.23 2.51 -33.83
CA MET B 454 9.45 3.35 -32.93
C MET B 454 8.95 4.55 -33.70
N GLY B 455 9.86 5.20 -34.43
CA GLY B 455 9.54 6.44 -35.11
C GLY B 455 9.04 6.32 -36.54
N GLU B 456 9.15 5.15 -37.16
CA GLU B 456 8.75 5.03 -38.56
C GLU B 456 7.28 5.31 -38.80
N PRO B 457 6.33 4.84 -37.98
CA PRO B 457 4.93 5.22 -38.22
C PRO B 457 4.71 6.72 -38.37
N LEU B 458 5.37 7.53 -37.54
CA LEU B 458 5.23 8.97 -37.68
C LEU B 458 5.95 9.48 -38.91
N TYR B 459 7.20 9.08 -39.10
CA TYR B 459 7.98 9.71 -40.15
C TYR B 459 7.66 9.13 -41.53
N GLU B 460 6.93 8.02 -41.59
CA GLU B 460 6.28 7.61 -42.83
C GLU B 460 5.42 8.73 -43.39
N GLU B 461 4.92 9.60 -42.51
CA GLU B 461 4.05 10.71 -42.87
C GLU B 461 4.81 11.99 -43.11
N VAL B 462 6.14 11.93 -43.18
CA VAL B 462 6.97 13.13 -43.27
C VAL B 462 7.91 13.01 -44.46
N VAL B 463 8.57 11.87 -44.57
CA VAL B 463 9.54 11.66 -45.65
C VAL B 463 8.82 11.46 -46.97
N GLY B 464 9.31 12.13 -48.00
CA GLY B 464 8.86 11.86 -49.36
C GLY B 464 8.02 13.01 -49.92
N ARG B 465 8.07 13.15 -51.25
CA ARG B 465 7.33 14.22 -51.91
C ARG B 465 5.82 14.12 -51.65
N GLY B 466 5.32 12.91 -51.42
CA GLY B 466 3.92 12.72 -51.10
C GLY B 466 3.52 13.09 -49.69
N LYS B 467 4.48 13.47 -48.84
CA LYS B 467 4.20 13.78 -47.44
C LYS B 467 4.66 15.21 -47.19
N LEU B 468 5.58 15.43 -46.24
CA LEU B 468 6.10 16.75 -45.95
C LEU B 468 7.41 17.02 -46.67
N ASP B 469 7.95 16.03 -47.37
CA ASP B 469 9.19 16.16 -48.13
C ASP B 469 10.32 16.64 -47.23
N ARG B 470 10.39 16.02 -46.05
CA ARG B 470 11.43 16.33 -45.09
C ARG B 470 12.14 15.03 -44.71
N PRO B 471 13.46 15.03 -44.67
CA PRO B 471 14.19 13.79 -44.41
C PRO B 471 14.19 13.43 -42.93
N CYS B 472 14.44 12.15 -42.67
CA CYS B 472 14.53 11.65 -41.31
C CYS B 472 15.66 10.63 -41.23
N ARG B 473 16.54 10.83 -40.25
CA ARG B 473 17.61 9.89 -39.97
C ARG B 473 17.17 8.95 -38.87
N ILE B 474 17.28 7.65 -39.14
CA ILE B 474 16.87 6.63 -38.19
C ILE B 474 18.07 6.25 -37.32
N TYR B 475 17.91 6.43 -36.01
CA TYR B 475 18.89 5.98 -35.01
C TYR B 475 18.70 4.48 -34.85
N ALA B 476 19.67 3.70 -35.31
CA ALA B 476 19.49 2.27 -35.50
C ALA B 476 20.37 1.48 -34.56
N PRO B 477 19.83 0.89 -33.49
CA PRO B 477 20.66 0.08 -32.60
C PRO B 477 21.12 -1.18 -33.31
N VAL B 478 22.35 -1.59 -33.00
CA VAL B 478 22.95 -2.78 -33.58
C VAL B 478 23.58 -3.57 -32.44
N GLY B 479 23.13 -4.80 -32.24
CA GLY B 479 23.75 -5.59 -31.20
C GLY B 479 23.04 -6.90 -30.96
N THR B 480 23.68 -7.71 -30.11
CA THR B 480 23.19 -8.99 -29.65
C THR B 480 22.05 -8.81 -28.64
N HIS B 481 21.38 -9.92 -28.34
CA HIS B 481 20.33 -9.90 -27.30
C HIS B 481 20.88 -9.37 -25.99
N GLU B 482 22.04 -9.88 -25.55
CA GLU B 482 22.60 -9.46 -24.28
C GLU B 482 22.88 -7.96 -24.28
N THR B 483 23.39 -7.43 -25.38
CA THR B 483 23.73 -6.02 -25.44
C THR B 483 22.48 -5.16 -25.42
N LEU B 484 21.46 -5.51 -26.21
CA LEU B 484 20.27 -4.66 -26.28
C LEU B 484 19.50 -4.69 -24.96
N LEU B 485 19.52 -5.83 -24.25
CA LEU B 485 18.80 -5.91 -22.99
C LEU B 485 19.41 -5.04 -21.91
N ALA B 486 20.69 -4.69 -22.02
CA ALA B 486 21.39 -4.03 -20.93
C ALA B 486 20.79 -2.66 -20.61
N TYR B 487 20.34 -1.93 -21.61
CA TYR B 487 19.75 -0.62 -21.32
C TYR B 487 18.41 -0.45 -22.01
N LEU B 488 17.72 -1.58 -22.27
CA LEU B 488 16.42 -1.50 -22.91
C LEU B 488 15.39 -0.80 -22.04
N VAL B 489 15.51 -0.91 -20.71
CA VAL B 489 14.56 -0.24 -19.83
C VAL B 489 14.58 1.27 -20.07
N ARG B 490 15.78 1.86 -20.11
CA ARG B 490 15.87 3.31 -20.35
C ARG B 490 15.26 3.68 -21.68
N ARG B 491 15.44 2.83 -22.70
CA ARG B 491 14.87 3.12 -24.00
C ARG B 491 13.36 3.03 -23.98
N LEU B 492 12.80 2.01 -23.31
CA LEU B 492 11.35 1.86 -23.23
C LEU B 492 10.70 3.01 -22.45
N LEU B 493 11.43 3.58 -21.48
CA LEU B 493 10.89 4.70 -20.72
C LEU B 493 10.82 5.98 -21.55
N GLU B 494 11.70 6.13 -22.55
CA GLU B 494 11.71 7.34 -23.37
C GLU B 494 10.35 7.58 -24.00
N ASN B 495 9.68 6.52 -24.44
CA ASN B 495 8.44 6.63 -25.17
C ASN B 495 7.28 5.92 -24.47
N GLY B 496 7.50 5.30 -23.31
CA GLY B 496 6.48 4.53 -22.63
C GLY B 496 5.95 5.07 -21.33
N ALA B 497 6.34 6.28 -20.92
CA ALA B 497 5.86 6.87 -19.68
C ALA B 497 4.52 7.56 -19.88
N ASN B 498 3.85 7.87 -18.77
CA ASN B 498 2.51 8.43 -18.84
C ASN B 498 2.48 9.76 -19.59
N SER B 499 3.53 10.56 -19.44
CA SER B 499 3.61 11.85 -20.13
C SER B 499 4.22 11.74 -21.52
N SER B 500 4.67 10.55 -21.91
CA SER B 500 5.27 10.37 -23.23
C SER B 500 4.23 10.47 -24.32
N PHE B 501 4.59 11.15 -25.41
CA PHE B 501 3.68 11.29 -26.55
C PHE B 501 3.27 9.94 -27.08
N VAL B 502 4.23 9.01 -27.22
CA VAL B 502 3.95 7.71 -27.81
C VAL B 502 2.97 6.93 -26.97
N HIS B 503 3.07 7.04 -25.65
CA HIS B 503 2.08 6.40 -24.77
C HIS B 503 0.73 7.09 -24.87
N ARG B 504 0.72 8.43 -24.92
CA ARG B 504 -0.53 9.17 -24.94
C ARG B 504 -1.29 8.95 -26.25
N ILE B 505 -0.58 8.72 -27.35
CA ILE B 505 -1.27 8.51 -28.62
C ILE B 505 -1.92 7.13 -28.67
N ASN B 506 -1.47 6.18 -27.85
CA ASN B 506 -2.10 4.87 -27.76
C ASN B 506 -3.11 4.77 -26.62
N ASP B 507 -3.38 5.89 -25.94
CA ASP B 507 -4.40 5.93 -24.90
C ASP B 507 -5.67 6.53 -25.50
N PRO B 508 -6.74 5.74 -25.67
CA PRO B 508 -7.96 6.29 -26.29
C PRO B 508 -8.60 7.40 -25.47
N LYS B 509 -8.29 7.50 -24.17
CA LYS B 509 -8.86 8.56 -23.34
C LYS B 509 -8.23 9.92 -23.57
N VAL B 510 -7.18 10.00 -24.39
CA VAL B 510 -6.53 11.27 -24.71
C VAL B 510 -6.99 11.71 -26.10
N SER B 511 -7.50 12.93 -26.19
CA SER B 511 -8.05 13.41 -27.45
C SER B 511 -6.95 13.99 -28.34
N ILE B 512 -7.25 14.06 -29.64
CA ILE B 512 -6.33 14.72 -30.55
C ILE B 512 -6.18 16.19 -30.18
N ASP B 513 -7.25 16.81 -29.67
CA ASP B 513 -7.16 18.19 -29.20
C ASP B 513 -6.11 18.34 -28.12
N GLU B 514 -6.05 17.38 -27.18
CA GLU B 514 -5.03 17.43 -26.13
C GLU B 514 -3.64 17.26 -26.70
N LEU B 515 -3.48 16.35 -27.66
CA LEU B 515 -2.16 16.04 -28.20
C LEU B 515 -1.60 17.19 -29.03
N ILE B 516 -2.46 18.03 -29.60
CA ILE B 516 -2.02 19.17 -30.40
C ILE B 516 -2.01 20.46 -29.59
N ALA B 517 -2.28 20.39 -28.29
CA ALA B 517 -2.16 21.56 -27.44
C ALA B 517 -0.75 22.15 -27.55
N ASP B 518 -0.67 23.48 -27.63
CA ASP B 518 0.60 24.15 -27.83
C ASP B 518 1.27 24.36 -26.48
N PRO B 519 2.36 23.66 -26.16
CA PRO B 519 2.99 23.84 -24.85
C PRO B 519 3.43 25.27 -24.59
N VAL B 520 3.84 26.00 -25.62
CA VAL B 520 4.30 27.38 -25.44
C VAL B 520 3.19 28.24 -24.87
N GLU B 521 1.99 28.13 -25.45
CA GLU B 521 0.88 28.94 -24.98
C GLU B 521 0.32 28.43 -23.66
N VAL B 522 0.41 27.13 -23.41
CA VAL B 522 -0.03 26.62 -22.10
C VAL B 522 0.89 27.14 -21.00
N VAL B 523 2.21 27.11 -21.22
CA VAL B 523 3.13 27.65 -20.23
C VAL B 523 2.92 29.15 -20.05
N ARG B 524 2.73 29.88 -21.15
CA ARG B 524 2.56 31.33 -21.04
C ARG B 524 1.39 31.70 -20.16
N ALA B 525 0.32 30.90 -20.16
CA ALA B 525 -0.91 31.23 -19.45
C ALA B 525 -0.92 30.75 -18.00
N MET B 526 0.12 30.05 -17.55
N MET B 526 0.13 30.06 -17.56
CA MET B 526 0.15 29.57 -16.18
CA MET B 526 0.21 29.59 -16.18
C MET B 526 0.33 30.74 -15.20
C MET B 526 0.29 30.78 -15.22
N PRO B 527 -0.21 30.62 -13.99
CA PRO B 527 -0.14 31.75 -13.04
C PRO B 527 1.28 32.13 -12.67
N VAL B 528 2.17 31.15 -12.55
CA VAL B 528 3.59 31.38 -12.31
C VAL B 528 4.32 30.65 -13.42
N VAL B 529 4.82 31.40 -14.41
CA VAL B 529 5.50 30.78 -15.53
C VAL B 529 6.73 30.03 -15.05
N GLY B 530 6.80 28.74 -15.35
CA GLY B 530 7.96 27.95 -15.03
C GLY B 530 8.03 27.39 -13.63
N ALA B 531 6.91 27.34 -12.90
CA ALA B 531 6.95 26.75 -11.57
C ALA B 531 7.37 25.29 -11.62
N LYS B 532 8.20 24.90 -10.65
CA LYS B 532 8.58 23.51 -10.45
C LYS B 532 7.34 22.62 -10.34
N HIS B 533 7.49 21.37 -10.77
CA HIS B 533 6.44 20.39 -10.54
C HIS B 533 6.05 20.32 -9.07
N ASP B 534 4.75 20.30 -8.80
CA ASP B 534 4.24 20.32 -7.43
C ASP B 534 4.64 19.09 -6.65
N ARG B 535 4.88 17.97 -7.33
CA ARG B 535 5.09 16.70 -6.66
C ARG B 535 6.55 16.26 -6.66
N ILE B 536 7.48 17.14 -7.01
CA ILE B 536 8.90 16.83 -7.00
C ILE B 536 9.56 17.81 -6.06
N ALA B 537 10.21 17.29 -5.03
CA ALA B 537 10.81 18.15 -4.01
C ALA B 537 12.17 18.64 -4.47
N LEU B 538 12.41 19.96 -4.35
CA LEU B 538 13.78 20.46 -4.39
C LEU B 538 14.62 19.69 -3.39
N PRO B 539 15.92 19.46 -3.66
CA PRO B 539 16.74 18.73 -2.70
C PRO B 539 16.66 19.31 -1.31
N ALA B 540 16.66 20.64 -1.20
CA ALA B 540 16.61 21.26 0.12
C ALA B 540 15.32 20.94 0.86
N GLU B 541 14.26 20.57 0.13
CA GLU B 541 12.93 20.41 0.72
C GLU B 541 12.51 18.95 0.82
N LEU B 542 13.48 18.02 0.78
CA LEU B 542 13.14 16.58 0.84
C LEU B 542 12.33 16.22 2.07
N PHE B 543 12.53 16.95 3.18
CA PHE B 543 11.85 16.61 4.43
C PHE B 543 10.71 17.56 4.74
N GLY B 544 10.33 18.41 3.79
CA GLY B 544 9.17 19.25 3.98
C GLY B 544 9.32 20.14 5.20
N ASP B 545 8.23 20.27 5.96
CA ASP B 545 8.19 21.19 7.09
C ASP B 545 9.03 20.71 8.27
N ALA B 546 9.50 19.46 8.27
CA ALA B 546 10.22 18.93 9.43
C ALA B 546 11.55 19.63 9.63
N ARG B 547 12.30 19.82 8.54
CA ARG B 547 13.64 20.39 8.64
C ARG B 547 14.16 20.63 7.23
N THR B 548 15.18 21.47 7.14
CA THR B 548 15.84 21.77 5.89
C THR B 548 16.95 20.77 5.65
N ASN B 549 16.96 20.16 4.47
CA ASN B 549 18.00 19.22 4.12
C ASN B 549 19.34 19.93 4.00
N SER B 550 20.41 19.25 4.43
CA SER B 550 21.75 19.80 4.19
C SER B 550 22.00 19.91 2.69
N ALA B 551 22.86 20.87 2.32
CA ALA B 551 23.21 21.09 0.92
C ALA B 551 24.64 20.65 0.68
N GLY B 552 24.89 20.10 -0.51
CA GLY B 552 26.22 19.74 -0.92
C GLY B 552 26.86 20.80 -1.79
N LEU B 553 27.89 20.40 -2.51
CA LEU B 553 28.58 21.23 -3.48
C LEU B 553 28.74 20.41 -4.75
N ASP B 554 28.55 21.05 -5.90
CA ASP B 554 28.59 20.36 -7.19
C ASP B 554 30.02 20.36 -7.73
N LEU B 555 30.70 19.23 -7.62
CA LEU B 555 32.09 19.14 -8.05
C LEU B 555 32.21 18.95 -9.56
N SER B 556 31.10 19.04 -10.31
CA SER B 556 31.16 19.16 -11.76
C SER B 556 30.97 20.59 -12.24
N ASN B 557 30.74 21.52 -11.33
CA ASN B 557 30.50 22.91 -11.68
C ASN B 557 31.82 23.68 -11.60
N GLU B 558 32.25 24.24 -12.72
CA GLU B 558 33.55 24.92 -12.76
C GLU B 558 33.60 26.13 -11.85
N GLU B 559 32.48 26.86 -11.71
CA GLU B 559 32.48 27.98 -10.77
C GLU B 559 32.72 27.46 -9.36
N THR B 560 32.03 26.37 -9.00
CA THR B 560 32.21 25.79 -7.68
C THR B 560 33.64 25.29 -7.50
N LEU B 561 34.20 24.64 -8.52
CA LEU B 561 35.57 24.14 -8.38
C LEU B 561 36.56 25.29 -8.21
N ALA B 562 36.33 26.40 -8.90
CA ALA B 562 37.26 27.52 -8.80
C ALA B 562 37.19 28.19 -7.43
N SER B 563 35.97 28.41 -6.92
CA SER B 563 35.84 29.02 -5.59
C SER B 563 36.24 28.06 -4.49
N LEU B 564 35.94 26.77 -4.66
CA LEU B 564 36.39 25.78 -3.68
C LEU B 564 37.91 25.70 -3.63
N THR B 565 38.56 25.70 -4.79
CA THR B 565 40.02 25.72 -4.84
C THR B 565 40.58 26.84 -3.97
N GLU B 566 40.04 28.05 -4.09
CA GLU B 566 40.56 29.16 -3.32
C GLU B 566 40.25 29.00 -1.84
N ALA B 567 39.04 28.55 -1.51
CA ALA B 567 38.71 28.35 -0.11
C ALA B 567 39.57 27.26 0.51
N LEU B 568 39.86 26.20 -0.26
CA LEU B 568 40.69 25.11 0.26
C LEU B 568 42.12 25.57 0.49
N ARG B 569 42.69 26.30 -0.47
CA ARG B 569 44.02 26.85 -0.30
C ARG B 569 44.09 27.76 0.93
N GLU B 570 43.06 28.60 1.10
CA GLU B 570 43.01 29.51 2.24
C GLU B 570 42.90 28.74 3.54
N SER B 571 42.19 27.61 3.54
CA SER B 571 42.05 26.82 4.75
C SER B 571 43.40 26.28 5.21
N ALA B 572 44.28 25.97 4.26
CA ALA B 572 45.59 25.47 4.63
C ALA B 572 46.48 26.56 5.22
N ALA B 573 46.21 27.84 4.92
CA ALA B 573 47.03 28.91 5.47
C ALA B 573 46.61 29.32 6.87
N MET B 574 45.51 28.78 7.40
CA MET B 574 45.04 29.15 8.72
C MET B 574 45.80 28.38 9.79
N LYS B 575 45.93 29.00 10.97
CA LYS B 575 46.49 28.32 12.13
C LYS B 575 45.38 27.52 12.82
N TRP B 576 45.42 26.20 12.65
CA TRP B 576 44.45 25.30 13.24
C TRP B 576 45.01 24.73 14.55
N THR B 577 44.25 24.88 15.62
CA THR B 577 44.64 24.39 16.94
C THR B 577 43.48 23.65 17.57
N ALA B 578 43.80 22.87 18.59
CA ALA B 578 42.81 22.21 19.40
C ALA B 578 43.38 22.19 20.81
N LEU B 579 42.60 22.71 21.77
CA LEU B 579 43.07 22.92 23.12
C LEU B 579 42.07 22.28 24.08
N PRO B 580 42.49 22.00 25.32
CA PRO B 580 41.51 21.67 26.37
C PRO B 580 40.72 22.91 26.68
N GLN B 581 39.52 22.98 26.15
CA GLN B 581 38.65 24.14 26.30
C GLN B 581 37.69 23.88 27.45
N LEU B 582 38.10 24.30 28.63
CA LEU B 582 37.25 24.17 29.80
C LEU B 582 36.31 25.36 29.89
N ALA B 583 35.35 25.29 30.82
CA ALA B 583 34.39 26.39 30.95
C ALA B 583 35.09 27.70 31.28
N THR B 584 36.20 27.66 32.00
CA THR B 584 36.92 28.84 32.45
C THR B 584 37.96 29.32 31.43
N GLY B 585 38.09 28.65 30.29
CA GLY B 585 39.09 29.00 29.31
C GLY B 585 39.96 27.81 28.94
N PRO B 586 40.85 27.98 27.97
CA PRO B 586 41.74 26.89 27.56
C PRO B 586 42.77 26.59 28.63
N ALA B 587 43.05 25.30 28.80
CA ALA B 587 44.04 24.85 29.76
C ALA B 587 45.35 24.53 29.08
N ALA B 588 46.43 24.61 29.86
CA ALA B 588 47.74 24.20 29.37
C ALA B 588 47.84 22.69 29.32
N GLY B 589 48.75 22.20 28.49
CA GLY B 589 48.94 20.77 28.38
C GLY B 589 50.08 20.44 27.44
N GLU B 590 50.23 19.14 27.18
CA GLU B 590 51.27 18.67 26.26
C GLU B 590 50.81 18.88 24.82
N THR B 591 51.65 19.54 24.03
CA THR B 591 51.29 19.96 22.69
C THR B 591 52.12 19.20 21.66
N ARG B 592 51.49 18.84 20.54
CA ARG B 592 52.18 18.19 19.44
C ARG B 592 51.53 18.61 18.13
N THR B 593 52.22 18.33 17.03
CA THR B 593 51.69 18.63 15.70
C THR B 593 50.73 17.54 15.24
N VAL B 594 49.84 17.94 14.35
CA VAL B 594 48.90 17.05 13.66
C VAL B 594 49.34 17.04 12.21
N LEU B 595 49.65 15.85 11.70
CA LEU B 595 50.25 15.71 10.38
C LEU B 595 49.26 15.06 9.43
N ASN B 596 49.32 15.49 8.18
CA ASN B 596 48.48 14.90 7.13
C ASN B 596 48.81 13.41 6.98
N PRO B 597 47.84 12.51 7.18
CA PRO B 597 48.18 11.07 7.03
C PRO B 597 48.66 10.71 5.64
N GLY B 598 48.30 11.49 4.62
CA GLY B 598 48.74 11.24 3.27
C GLY B 598 50.09 11.81 2.94
N ASP B 599 50.62 12.65 3.82
CA ASP B 599 51.93 13.25 3.60
C ASP B 599 52.39 13.89 4.91
N HIS B 600 53.24 13.19 5.66
CA HIS B 600 53.62 13.70 6.98
C HIS B 600 54.41 14.99 6.91
N ARG B 601 54.87 15.39 5.72
CA ARG B 601 55.52 16.69 5.58
C ARG B 601 54.54 17.84 5.67
N ASP B 602 53.24 17.57 5.55
CA ASP B 602 52.20 18.58 5.53
C ASP B 602 51.64 18.69 6.95
N VAL B 603 52.09 19.71 7.68
CA VAL B 603 51.62 19.95 9.04
C VAL B 603 50.27 20.65 8.98
N VAL B 604 49.25 20.02 9.57
CA VAL B 604 47.91 20.58 9.49
C VAL B 604 47.66 21.54 10.64
N GLY B 605 48.18 21.23 11.82
CA GLY B 605 47.93 22.08 12.97
C GLY B 605 48.57 21.51 14.20
N SER B 606 48.08 21.93 15.36
CA SER B 606 48.70 21.57 16.62
C SER B 606 47.62 21.30 17.64
N VAL B 607 47.83 20.28 18.47
CA VAL B 607 46.86 19.89 19.49
C VAL B 607 47.53 19.94 20.85
N THR B 608 46.85 20.55 21.81
CA THR B 608 47.28 20.53 23.19
C THR B 608 46.37 19.56 23.93
N GLU B 609 46.95 18.52 24.50
CA GLU B 609 46.11 17.46 25.03
C GLU B 609 45.87 17.66 26.52
N THR B 610 44.77 17.07 27.00
CA THR B 610 44.22 17.35 28.32
C THR B 610 44.86 16.46 29.37
N SER B 611 45.28 17.05 30.48
CA SER B 611 45.71 16.26 31.62
C SER B 611 44.51 15.56 32.26
N GLU B 612 44.78 14.43 32.90
CA GLU B 612 43.69 13.73 33.60
C GLU B 612 43.09 14.60 34.69
N GLU B 613 43.91 15.42 35.38
CA GLU B 613 43.35 16.32 36.38
C GLU B 613 42.38 17.32 35.75
N ASP B 614 42.72 17.85 34.57
CA ASP B 614 41.82 18.82 33.95
C ASP B 614 40.59 18.15 33.39
N ALA B 615 40.69 16.87 33.01
CA ALA B 615 39.50 16.14 32.60
C ALA B 615 38.50 16.05 33.76
N ARG B 616 38.99 15.73 34.95
CA ARG B 616 38.11 15.69 36.11
C ARG B 616 37.59 17.07 36.44
N ARG B 617 38.45 18.10 36.33
CA ARG B 617 37.98 19.45 36.59
C ARG B 617 36.85 19.83 35.65
N ALA B 618 36.98 19.47 34.37
CA ALA B 618 35.92 19.78 33.39
C ALA B 618 34.58 19.16 33.78
N VAL B 619 34.61 17.92 34.28
CA VAL B 619 33.37 17.27 34.67
C VAL B 619 32.75 18.00 35.85
N ARG B 620 33.57 18.45 36.80
CA ARG B 620 33.03 19.24 37.91
C ARG B 620 32.41 20.53 37.41
N LEU B 621 33.09 21.23 36.50
CA LEU B 621 32.52 22.44 35.91
C LEU B 621 31.21 22.15 35.20
N ALA B 622 31.15 21.01 34.50
CA ALA B 622 29.90 20.65 33.82
C ALA B 622 28.78 20.41 34.83
N ALA B 623 29.10 19.72 35.93
CA ALA B 623 28.08 19.48 36.96
C ALA B 623 27.58 20.78 37.54
N ASP B 624 28.50 21.73 37.79
CA ASP B 624 28.10 23.02 38.38
C ASP B 624 27.12 23.76 37.49
N ALA B 625 27.30 23.67 36.18
CA ALA B 625 26.46 24.40 35.24
C ALA B 625 25.29 23.59 34.73
N ALA B 626 25.15 22.33 35.14
CA ALA B 626 24.07 21.51 34.60
C ALA B 626 22.68 22.13 34.81
N PRO B 627 22.33 22.66 35.98
CA PRO B 627 20.98 23.24 36.10
C PRO B 627 20.74 24.44 35.18
N ASP B 628 21.76 25.28 34.94
CA ASP B 628 21.54 26.45 34.08
C ASP B 628 21.25 26.02 32.65
N TRP B 629 21.92 24.98 32.18
CA TRP B 629 21.66 24.54 30.82
C TRP B 629 20.33 23.79 30.72
N ALA B 630 20.00 22.99 31.74
CA ALA B 630 18.73 22.29 31.72
C ALA B 630 17.56 23.28 31.70
N ALA B 631 17.77 24.47 32.27
CA ALA B 631 16.74 25.49 32.33
C ALA B 631 16.53 26.23 31.02
N VAL B 632 17.42 26.06 30.04
CA VAL B 632 17.19 26.66 28.73
C VAL B 632 16.11 25.85 28.05
N PRO B 633 15.02 26.48 27.60
CA PRO B 633 13.89 25.72 27.06
C PRO B 633 14.32 24.84 25.90
N PRO B 634 13.75 23.64 25.80
CA PRO B 634 14.13 22.75 24.68
C PRO B 634 14.10 23.42 23.32
N SER B 635 13.10 24.28 23.05
CA SER B 635 13.05 24.94 21.75
C SER B 635 14.24 25.88 21.55
N GLU B 636 14.72 26.53 22.62
CA GLU B 636 15.88 27.40 22.47
C GLU B 636 17.16 26.59 22.33
N ARG B 637 17.25 25.45 23.03
CA ARG B 637 18.38 24.57 22.81
C ARG B 637 18.40 24.07 21.37
N ALA B 638 17.24 23.70 20.84
CA ALA B 638 17.16 23.29 19.44
C ALA B 638 17.55 24.42 18.50
N ALA B 639 17.18 25.67 18.83
CA ALA B 639 17.56 26.80 17.99
C ALA B 639 19.07 26.97 17.92
N CYS B 640 19.78 26.65 19.02
CA CYS B 640 21.24 26.64 18.99
C CYS B 640 21.75 25.63 17.96
N LEU B 641 21.16 24.43 17.96
CA LEU B 641 21.57 23.42 16.99
C LEU B 641 21.34 23.90 15.57
N ASP B 642 20.16 24.50 15.31
CA ASP B 642 19.87 24.98 13.96
C ASP B 642 20.84 26.08 13.54
N ARG B 643 21.18 26.99 14.47
CA ARG B 643 22.16 28.01 14.15
C ARG B 643 23.51 27.39 13.82
N ALA B 644 23.91 26.38 14.59
CA ALA B 644 25.18 25.72 14.29
C ALA B 644 25.17 25.10 12.90
N ALA B 645 24.03 24.51 12.50
CA ALA B 645 23.95 23.91 11.18
C ALA B 645 24.10 24.95 10.08
N GLU B 646 23.50 26.14 10.28
CA GLU B 646 23.65 27.23 9.32
C GLU B 646 25.12 27.63 9.18
N LEU B 647 25.84 27.69 10.31
CA LEU B 647 27.25 28.04 10.26
C LEU B 647 28.07 26.97 9.55
N MET B 648 27.81 25.69 9.84
CA MET B 648 28.56 24.64 9.15
C MET B 648 28.25 24.63 7.65
N GLN B 649 27.00 24.91 7.30
CA GLN B 649 26.64 24.97 5.88
C GLN B 649 27.40 26.09 5.19
N ALA B 650 27.40 27.27 5.78
CA ALA B 650 28.04 28.41 5.14
C ALA B 650 29.55 28.25 5.09
N ARG B 651 30.13 27.56 6.07
CA ARG B 651 31.57 27.38 6.17
C ARG B 651 32.03 26.04 5.63
N MET B 652 31.15 25.30 4.95
CA MET B 652 31.53 23.99 4.43
C MET B 652 32.83 23.98 3.61
N PRO B 653 33.11 24.94 2.71
CA PRO B 653 34.38 24.84 1.95
C PRO B 653 35.61 24.81 2.84
N THR B 654 35.62 25.64 3.89
CA THR B 654 36.73 25.65 4.82
C THR B 654 36.79 24.36 5.65
N LEU B 655 35.64 23.90 6.16
CA LEU B 655 35.63 22.65 6.89
C LEU B 655 36.10 21.50 6.02
N LEU B 656 35.71 21.50 4.74
CA LEU B 656 36.20 20.49 3.79
C LEU B 656 37.71 20.43 3.78
N GLY B 657 38.34 21.60 3.63
CA GLY B 657 39.80 21.64 3.57
C GLY B 657 40.44 20.98 4.77
N LEU B 658 39.91 21.25 5.96
CA LEU B 658 40.49 20.67 7.16
C LEU B 658 40.28 19.16 7.21
N ILE B 659 39.08 18.70 6.87
CA ILE B 659 38.77 17.28 6.92
C ILE B 659 39.63 16.53 5.91
N ILE B 660 39.80 17.09 4.72
CA ILE B 660 40.61 16.44 3.69
C ILE B 660 42.03 16.22 4.19
N ARG B 661 42.62 17.23 4.84
CA ARG B 661 44.03 17.13 5.21
C ARG B 661 44.25 16.46 6.56
N GLU B 662 43.29 16.52 7.48
CA GLU B 662 43.51 15.90 8.79
C GLU B 662 43.14 14.43 8.80
N ALA B 663 42.11 14.04 8.05
CA ALA B 663 41.54 12.70 8.20
C ALA B 663 41.66 11.84 6.94
N GLY B 664 42.38 12.29 5.92
CA GLY B 664 42.55 11.48 4.72
C GLY B 664 41.33 11.32 3.86
N LYS B 665 40.42 12.28 3.90
CA LYS B 665 39.18 12.16 3.16
C LYS B 665 39.32 12.82 1.79
N SER B 666 38.63 12.26 0.81
CA SER B 666 38.45 12.93 -0.45
C SER B 666 37.47 14.08 -0.29
N ALA B 667 37.43 14.96 -1.30
CA ALA B 667 36.50 16.08 -1.28
C ALA B 667 35.05 15.61 -1.19
N LEU B 668 34.67 14.59 -1.97
CA LEU B 668 33.30 14.10 -1.90
C LEU B 668 32.98 13.54 -0.54
N ASN B 669 33.93 12.78 0.04
CA ASN B 669 33.75 12.27 1.40
C ASN B 669 33.65 13.39 2.41
N ALA B 670 34.45 14.43 2.26
CA ALA B 670 34.40 15.56 3.18
C ALA B 670 33.06 16.30 3.08
N ILE B 671 32.53 16.47 1.86
CA ILE B 671 31.20 17.07 1.72
C ILE B 671 30.16 16.24 2.44
N ALA B 672 30.19 14.92 2.23
CA ALA B 672 29.22 14.04 2.91
C ALA B 672 29.35 14.15 4.41
N GLU B 673 30.59 14.25 4.91
CA GLU B 673 30.87 14.37 6.34
C GLU B 673 30.23 15.63 6.92
N VAL B 674 30.45 16.79 6.29
CA VAL B 674 29.89 18.03 6.80
C VAL B 674 28.37 18.03 6.66
N ARG B 675 27.85 17.48 5.56
CA ARG B 675 26.39 17.37 5.42
C ARG B 675 25.80 16.54 6.57
N GLU B 676 26.45 15.43 6.91
CA GLU B 676 25.92 14.59 7.98
C GLU B 676 25.89 15.34 9.31
N ALA B 677 26.93 16.14 9.59
CA ALA B 677 26.92 16.91 10.82
C ALA B 677 25.75 17.90 10.83
N ILE B 678 25.52 18.58 9.70
CA ILE B 678 24.40 19.51 9.56
C ILE B 678 23.09 18.77 9.75
N ASP B 679 22.96 17.59 9.15
CA ASP B 679 21.71 16.85 9.27
C ASP B 679 21.49 16.34 10.70
N PHE B 680 22.56 15.92 11.40
CA PHE B 680 22.40 15.56 12.82
C PHE B 680 21.86 16.74 13.61
N LEU B 681 22.49 17.92 13.44
CA LEU B 681 22.04 19.13 14.13
C LEU B 681 20.57 19.41 13.89
N ARG B 682 20.17 19.43 12.61
CA ARG B 682 18.79 19.80 12.32
C ARG B 682 17.80 18.71 12.69
N TYR B 683 18.22 17.45 12.58
CA TYR B 683 17.31 16.36 12.94
C TYR B 683 17.06 16.31 14.44
N TYR B 684 18.12 16.42 15.25
CA TYR B 684 17.92 16.38 16.69
C TYR B 684 17.18 17.63 17.16
N ALA B 685 17.38 18.75 16.47
CA ALA B 685 16.60 19.95 16.78
C ALA B 685 15.12 19.70 16.56
N GLU B 686 14.77 19.15 15.39
CA GLU B 686 13.35 18.87 15.11
C GLU B 686 12.81 17.82 16.06
N GLN B 687 13.55 16.73 16.27
CA GLN B 687 13.07 15.71 17.19
C GLN B 687 12.83 16.30 18.58
N THR B 688 13.68 17.24 19.00
CA THR B 688 13.45 17.91 20.28
C THR B 688 12.15 18.71 20.24
N ARG B 689 11.94 19.49 19.18
CA ARG B 689 10.72 20.28 19.10
C ARG B 689 9.47 19.41 19.06
N ARG B 690 9.60 18.15 18.64
CA ARG B 690 8.45 17.26 18.62
C ARG B 690 8.17 16.58 19.95
N THR B 691 9.13 16.56 20.88
CA THR B 691 8.99 15.65 22.03
C THR B 691 9.22 16.26 23.40
N LEU B 692 10.29 17.05 23.60
CA LEU B 692 10.76 17.28 24.97
C LEU B 692 9.92 18.32 25.69
N GLY B 693 9.49 17.95 26.90
CA GLY B 693 8.72 18.80 27.77
C GLY B 693 9.34 18.85 29.15
N PRO B 694 8.66 19.51 30.09
CA PRO B 694 9.27 19.72 31.41
C PRO B 694 9.54 18.45 32.18
N GLY B 695 8.75 17.39 31.96
CA GLY B 695 8.96 16.14 32.63
C GLY B 695 10.06 15.27 32.09
N HIS B 696 10.75 15.70 31.03
CA HIS B 696 11.83 14.91 30.44
C HIS B 696 13.15 15.53 30.89
N GLY B 697 13.51 15.25 32.14
CA GLY B 697 14.68 15.83 32.73
C GLY B 697 15.98 15.28 32.18
N PRO B 698 17.02 16.11 32.15
CA PRO B 698 18.32 15.63 31.66
C PRO B 698 18.98 14.68 32.63
N LEU B 699 19.94 13.92 32.08
CA LEU B 699 20.76 13.06 32.92
C LEU B 699 21.71 13.88 33.77
N GLY B 700 22.35 14.87 33.16
CA GLY B 700 23.47 15.56 33.78
C GLY B 700 24.65 15.55 32.82
N PRO B 701 25.86 15.78 33.32
CA PRO B 701 27.04 15.77 32.44
C PRO B 701 27.16 14.48 31.63
N ILE B 702 27.28 14.62 30.31
CA ILE B 702 27.44 13.48 29.42
CA ILE B 702 27.43 13.49 29.40
C ILE B 702 28.82 13.56 28.78
N VAL B 703 29.53 12.44 28.83
CA VAL B 703 30.84 12.32 28.20
C VAL B 703 30.61 11.74 26.82
N CYS B 704 31.07 12.45 25.78
CA CYS B 704 30.90 12.04 24.38
C CYS B 704 32.28 11.68 23.85
N ILE B 705 32.46 10.40 23.52
CA ILE B 705 33.75 9.88 23.03
C ILE B 705 33.53 9.41 21.61
N SER B 706 34.35 9.91 20.68
CA SER B 706 34.08 9.74 19.26
C SER B 706 35.27 9.15 18.52
N PRO B 707 35.02 8.50 17.38
CA PRO B 707 36.10 7.86 16.62
C PRO B 707 36.73 8.85 15.65
N TRP B 708 37.88 8.46 15.11
CA TRP B 708 38.57 9.37 14.20
C TRP B 708 37.96 9.39 12.81
N ASN B 709 37.21 8.35 12.41
CA ASN B 709 36.94 8.13 11.00
C ASN B 709 35.72 8.91 10.50
N PHE B 710 34.88 9.42 11.39
CA PHE B 710 33.85 10.39 11.07
C PHE B 710 34.06 11.55 12.03
N PRO B 711 35.14 12.32 11.82
CA PRO B 711 35.65 13.19 12.88
C PRO B 711 34.83 14.44 13.10
N LEU B 712 33.95 14.81 12.17
CA LEU B 712 32.99 15.88 12.44
C LEU B 712 31.58 15.36 12.63
N ALA B 713 31.18 14.36 11.83
CA ALA B 713 29.78 13.98 11.79
C ALA B 713 29.36 13.26 13.06
N ILE B 714 30.04 12.17 13.42
CA ILE B 714 29.69 11.45 14.63
C ILE B 714 30.04 12.29 15.86
N PHE B 715 31.17 12.98 15.80
CA PHE B 715 31.52 13.92 16.87
C PHE B 715 30.37 14.89 17.15
N THR B 716 29.86 15.53 16.09
CA THR B 716 28.78 16.52 16.24
C THR B 716 27.46 15.87 16.65
N GLY B 717 27.16 14.71 16.05
CA GLY B 717 25.89 14.07 16.34
C GLY B 717 25.70 13.74 17.81
N GLN B 718 26.71 13.11 18.42
CA GLN B 718 26.55 12.72 19.83
C GLN B 718 26.43 13.95 20.71
N ILE B 719 27.27 14.95 20.46
CA ILE B 719 27.27 16.15 21.28
C ILE B 719 25.96 16.91 21.14
N ALA B 720 25.49 17.07 19.90
CA ALA B 720 24.25 17.81 19.65
C ALA B 720 23.08 17.17 20.37
N ALA B 721 22.99 15.83 20.30
CA ALA B 721 21.88 15.14 20.94
C ALA B 721 21.92 15.32 22.45
N ALA B 722 23.09 15.11 23.06
CA ALA B 722 23.22 15.31 24.50
C ALA B 722 22.86 16.74 24.89
N LEU B 723 23.40 17.74 24.16
CA LEU B 723 23.12 19.14 24.47
C LEU B 723 21.63 19.43 24.37
N VAL B 724 20.99 19.04 23.27
CA VAL B 724 19.61 19.47 23.06
C VAL B 724 18.67 18.76 24.04
N ALA B 725 19.06 17.59 24.53
CA ALA B 725 18.32 16.92 25.60
C ALA B 725 18.54 17.57 26.97
N GLY B 726 19.36 18.61 27.05
CA GLY B 726 19.49 19.36 28.28
C GLY B 726 20.70 19.04 29.11
N ASN B 727 21.68 18.31 28.54
CA ASN B 727 22.85 17.85 29.27
C ASN B 727 24.08 18.64 28.86
N PRO B 728 24.89 19.12 29.81
CA PRO B 728 26.19 19.66 29.43
C PRO B 728 27.11 18.52 29.00
N VAL B 729 28.04 18.83 28.11
CA VAL B 729 28.80 17.81 27.40
C VAL B 729 30.30 17.99 27.62
N LEU B 730 30.98 16.88 27.89
CA LEU B 730 32.44 16.79 27.84
C LEU B 730 32.78 16.05 26.55
N ALA B 731 33.39 16.74 25.60
CA ALA B 731 33.62 16.20 24.28
C ALA B 731 35.07 15.74 24.16
N LYS B 732 35.28 14.42 24.02
CA LYS B 732 36.62 13.84 23.90
C LYS B 732 36.77 13.28 22.49
N PRO B 733 37.37 14.03 21.57
CA PRO B 733 37.54 13.52 20.20
C PRO B 733 38.70 12.55 20.15
N ALA B 734 38.67 11.73 19.10
CA ALA B 734 39.78 10.81 18.86
C ALA B 734 41.11 11.55 18.79
N GLU B 735 42.17 10.90 19.27
CA GLU B 735 43.48 11.54 19.27
C GLU B 735 43.98 11.85 17.87
N GLU B 736 43.52 11.11 16.86
CA GLU B 736 44.03 11.33 15.51
C GLU B 736 43.47 12.58 14.86
N THR B 737 42.27 13.02 15.26
CA THR B 737 41.53 14.06 14.53
C THR B 737 40.96 15.13 15.47
N PRO B 738 41.83 15.79 16.26
CA PRO B 738 41.32 16.81 17.20
C PRO B 738 40.98 18.13 16.54
N LEU B 739 41.56 18.45 15.38
CA LEU B 739 41.40 19.80 14.85
C LEU B 739 39.98 20.05 14.36
N ILE B 740 39.41 19.11 13.59
CA ILE B 740 38.05 19.33 13.10
C ILE B 740 37.06 19.29 14.25
N ALA B 741 37.36 18.50 15.29
CA ALA B 741 36.53 18.49 16.49
C ALA B 741 36.54 19.85 17.17
N ALA B 742 37.74 20.44 17.34
CA ALA B 742 37.83 21.77 17.93
C ALA B 742 37.01 22.77 17.14
N GLU B 743 37.02 22.66 15.81
CA GLU B 743 36.24 23.57 14.98
C GLU B 743 34.76 23.36 15.19
N GLY B 744 34.33 22.09 15.32
CA GLY B 744 32.94 21.82 15.64
C GLY B 744 32.52 22.49 16.94
N VAL B 745 33.39 22.44 17.96
CA VAL B 745 33.05 23.06 19.23
C VAL B 745 33.02 24.57 19.10
N ARG B 746 33.95 25.16 18.33
CA ARG B 746 33.90 26.60 18.05
C ARG B 746 32.55 26.98 17.48
N ILE B 747 32.06 26.19 16.52
CA ILE B 747 30.83 26.55 15.82
C ILE B 747 29.62 26.40 16.74
N LEU B 748 29.58 25.34 17.55
CA LEU B 748 28.47 25.17 18.48
CA LEU B 748 28.46 25.19 18.45
C LEU B 748 28.44 26.28 19.53
N ARG B 749 29.63 26.67 20.03
CA ARG B 749 29.66 27.78 20.97
C ARG B 749 29.21 29.07 20.28
N GLU B 750 29.67 29.29 19.05
CA GLU B 750 29.28 30.51 18.35
C GLU B 750 27.77 30.58 18.16
N ALA B 751 27.14 29.41 18.01
CA ALA B 751 25.71 29.31 17.78
C ALA B 751 24.91 29.46 19.05
N GLY B 752 25.55 29.52 20.21
CA GLY B 752 24.83 29.81 21.44
C GLY B 752 25.03 28.80 22.57
N ILE B 753 25.76 27.71 22.32
CA ILE B 753 26.00 26.75 23.39
C ILE B 753 26.99 27.35 24.38
N PRO B 754 26.62 27.49 25.66
CA PRO B 754 27.52 28.13 26.62
C PRO B 754 28.81 27.33 26.80
N ALA B 755 29.89 28.04 27.15
CA ALA B 755 31.16 27.37 27.36
C ALA B 755 31.06 26.33 28.47
N SER B 756 30.26 26.59 29.50
CA SER B 756 30.13 25.57 30.55
C SER B 756 29.32 24.37 30.11
N ALA B 757 28.53 24.50 29.04
CA ALA B 757 27.75 23.38 28.54
C ALA B 757 28.49 22.53 27.52
N LEU B 758 29.61 23.00 26.99
CA LEU B 758 30.34 22.23 25.99
C LEU B 758 31.82 22.50 26.13
N GLN B 759 32.54 21.51 26.66
CA GLN B 759 33.97 21.59 26.87
C GLN B 759 34.63 20.54 25.99
N LEU B 760 35.76 20.91 25.39
CA LEU B 760 36.54 20.03 24.53
C LEU B 760 37.76 19.55 25.28
N LEU B 761 37.94 18.23 25.34
CA LEU B 761 39.09 17.63 26.03
C LEU B 761 39.86 16.76 25.03
N PRO B 762 40.76 17.34 24.25
CA PRO B 762 41.57 16.51 23.34
C PRO B 762 42.48 15.59 24.12
N GLY B 763 42.80 14.46 23.51
CA GLY B 763 43.77 13.54 24.06
C GLY B 763 43.45 12.11 23.67
N ASP B 764 44.18 11.19 24.27
CA ASP B 764 44.06 9.80 23.88
C ASP B 764 43.04 9.09 24.79
N GLY B 765 43.07 7.76 24.79
CA GLY B 765 42.07 7.01 25.54
C GLY B 765 42.15 7.21 27.04
N ARG B 766 43.32 7.62 27.55
CA ARG B 766 43.44 7.92 28.97
C ARG B 766 42.57 9.11 29.35
N VAL B 767 42.45 10.09 28.45
CA VAL B 767 41.56 11.21 28.71
C VAL B 767 40.12 10.73 28.68
N GLY B 768 39.77 9.89 27.69
CA GLY B 768 38.44 9.32 27.67
C GLY B 768 38.14 8.57 28.96
N ALA B 769 39.09 7.76 29.42
CA ALA B 769 38.84 6.96 30.61
C ALA B 769 38.67 7.82 31.85
N ALA B 770 39.46 8.90 31.97
CA ALA B 770 39.36 9.79 33.11
C ALA B 770 38.00 10.49 33.12
N LEU B 771 37.48 10.83 31.96
CA LEU B 771 36.16 11.45 31.90
C LEU B 771 35.08 10.47 32.35
N VAL B 772 35.15 9.24 31.83
CA VAL B 772 34.14 8.22 32.14
C VAL B 772 34.10 7.94 33.65
N ALA B 773 35.26 7.91 34.29
CA ALA B 773 35.38 7.53 35.69
C ALA B 773 35.00 8.65 36.65
N ALA B 774 34.85 9.88 36.15
CA ALA B 774 34.63 11.04 37.01
C ALA B 774 33.30 10.93 37.74
N ALA B 775 33.30 11.43 38.98
CA ALA B 775 32.18 11.20 39.89
C ALA B 775 30.86 11.72 39.34
N GLU B 776 30.89 12.86 38.66
CA GLU B 776 29.67 13.53 38.24
C GLU B 776 29.20 13.13 36.85
N THR B 777 29.93 12.25 36.17
CA THR B 777 29.50 11.80 34.86
C THR B 777 28.20 11.01 34.98
N ALA B 778 27.18 11.46 34.24
CA ALA B 778 25.83 10.93 34.34
C ALA B 778 25.42 10.12 33.12
N GLY B 779 26.24 10.09 32.09
CA GLY B 779 25.96 9.27 30.91
C GLY B 779 27.16 9.32 30.00
N VAL B 780 27.28 8.29 29.17
CA VAL B 780 28.39 8.20 28.22
C VAL B 780 27.84 7.83 26.85
N MET B 781 28.27 8.58 25.84
CA MET B 781 27.97 8.29 24.43
C MET B 781 29.29 7.94 23.78
N PHE B 782 29.42 6.68 23.38
CA PHE B 782 30.66 6.17 22.83
C PHE B 782 30.42 5.62 21.44
N THR B 783 31.30 5.97 20.51
CA THR B 783 31.34 5.34 19.20
C THR B 783 32.80 5.01 18.93
N GLY B 784 33.07 3.75 18.61
CA GLY B 784 34.44 3.31 18.48
C GLY B 784 34.48 1.79 18.47
N SER B 785 35.64 1.25 18.80
CA SER B 785 35.81 -0.19 18.73
C SER B 785 35.05 -0.91 19.84
N THR B 786 34.64 -2.15 19.55
CA THR B 786 33.97 -2.94 20.58
C THR B 786 34.87 -3.13 21.79
N GLU B 787 36.17 -3.33 21.56
CA GLU B 787 37.09 -3.60 22.66
C GLU B 787 37.12 -2.43 23.64
N VAL B 788 37.21 -1.20 23.12
CA VAL B 788 37.24 -0.04 24.00
C VAL B 788 35.89 0.14 24.70
N ALA B 789 34.78 -0.14 23.99
CA ALA B 789 33.47 -0.02 24.62
C ALA B 789 33.37 -0.90 25.85
N ARG B 790 33.93 -2.11 25.78
CA ARG B 790 33.91 -3.00 26.94
C ARG B 790 34.60 -2.38 28.14
N LEU B 791 35.73 -1.72 27.91
CA LEU B 791 36.46 -1.12 29.03
C LEU B 791 35.64 -0.02 29.67
N ILE B 792 34.99 0.79 28.85
CA ILE B 792 34.12 1.85 29.35
C ILE B 792 32.96 1.25 30.13
N GLN B 793 32.34 0.22 29.57
CA GLN B 793 31.24 -0.46 30.23
C GLN B 793 31.66 -0.96 31.60
N ALA B 794 32.86 -1.55 31.71
CA ALA B 794 33.36 -2.01 33.00
C ALA B 794 33.51 -0.86 33.99
N GLN B 795 34.08 0.27 33.54
CA GLN B 795 34.23 1.43 34.43
C GLN B 795 32.88 1.86 34.99
N LEU B 796 31.88 1.95 34.11
CA LEU B 796 30.59 2.50 34.54
C LEU B 796 29.86 1.57 35.47
N ALA B 797 30.03 0.26 35.30
CA ALA B 797 29.32 -0.71 36.13
C ALA B 797 29.75 -0.63 37.59
N ASP B 798 30.87 0.02 37.87
CA ASP B 798 31.27 0.22 39.25
C ASP B 798 30.51 1.34 39.95
N ARG B 799 29.75 2.13 39.20
CA ARG B 799 29.14 3.34 39.74
C ARG B 799 27.62 3.31 39.58
N LEU B 800 26.97 4.20 40.30
CA LEU B 800 25.55 4.45 40.15
C LEU B 800 25.32 5.95 40.15
N SER B 801 24.20 6.35 39.55
CA SER B 801 23.74 7.71 39.64
C SER B 801 23.43 8.04 41.10
N PRO B 802 23.33 9.34 41.44
CA PRO B 802 22.86 9.69 42.79
C PRO B 802 21.52 9.07 43.15
N ALA B 803 20.67 8.80 42.15
CA ALA B 803 19.40 8.11 42.37
C ALA B 803 19.55 6.60 42.49
N GLY B 804 20.76 6.07 42.39
CA GLY B 804 20.97 4.64 42.56
C GLY B 804 20.66 3.81 41.34
N ARG B 805 20.84 4.35 40.14
CA ARG B 805 20.52 3.64 38.91
C ARG B 805 21.75 3.58 38.01
N PRO B 806 21.79 2.63 37.08
CA PRO B 806 22.97 2.52 36.22
C PRO B 806 23.15 3.76 35.35
N ILE B 807 24.42 4.11 35.11
CA ILE B 807 24.78 5.21 34.24
C ILE B 807 24.53 4.78 32.80
N PRO B 808 23.70 5.49 32.05
CA PRO B 808 23.39 5.07 30.67
C PRO B 808 24.63 5.13 29.79
N LEU B 809 24.79 4.11 28.95
CA LEU B 809 25.87 4.06 27.96
C LEU B 809 25.25 3.74 26.61
N ILE B 810 25.50 4.61 25.62
CA ILE B 810 25.25 4.26 24.22
C ILE B 810 26.61 3.91 23.65
N ALA B 811 26.74 2.67 23.17
CA ALA B 811 28.03 2.17 22.67
C ALA B 811 27.81 1.61 21.27
N GLU B 812 28.21 2.37 20.28
CA GLU B 812 28.01 2.03 18.88
C GLU B 812 29.37 1.63 18.33
N THR B 813 29.49 0.37 17.93
CA THR B 813 30.80 -0.23 17.79
C THR B 813 31.00 -0.87 16.41
N GLY B 814 31.83 -1.90 16.31
CA GLY B 814 32.33 -2.31 15.02
C GLY B 814 31.37 -3.13 14.19
N GLY B 815 31.82 -3.52 12.99
CA GLY B 815 31.04 -4.38 12.12
C GLY B 815 31.94 -5.38 11.43
N GLN B 816 31.30 -6.38 10.83
CA GLN B 816 31.96 -7.33 9.94
C GLN B 816 31.01 -7.52 8.76
N ASN B 817 30.89 -6.48 7.95
CA ASN B 817 29.72 -6.29 7.11
C ASN B 817 29.83 -7.07 5.81
N ALA B 818 28.78 -7.80 5.46
CA ALA B 818 28.76 -8.64 4.27
C ALA B 818 27.84 -8.04 3.21
N MET B 819 28.12 -8.40 1.96
CA MET B 819 27.18 -8.17 0.87
C MET B 819 27.01 -9.50 0.15
N ILE B 820 25.77 -9.92 -0.03
CA ILE B 820 25.46 -11.16 -0.75
C ILE B 820 24.99 -10.80 -2.15
N VAL B 821 25.56 -11.44 -3.16
CA VAL B 821 25.27 -11.19 -4.57
C VAL B 821 24.86 -12.51 -5.20
N ASP B 822 23.67 -12.57 -5.81
CA ASP B 822 23.30 -13.79 -6.51
C ASP B 822 23.48 -13.61 -8.02
N SER B 823 23.14 -14.66 -8.77
CA SER B 823 23.41 -14.66 -10.20
C SER B 823 22.43 -13.79 -10.99
N SER B 824 21.42 -13.20 -10.35
CA SER B 824 20.53 -12.30 -11.05
C SER B 824 21.00 -10.84 -11.00
N ALA B 825 21.97 -10.54 -10.14
CA ALA B 825 22.45 -9.18 -10.00
C ALA B 825 23.19 -8.73 -11.26
N LEU B 826 23.19 -7.41 -11.48
CA LEU B 826 23.90 -6.81 -12.61
C LEU B 826 25.34 -6.52 -12.20
N ALA B 827 26.29 -7.17 -12.86
CA ALA B 827 27.68 -7.13 -12.43
C ALA B 827 28.21 -5.70 -12.31
N GLU B 828 27.89 -4.84 -13.28
CA GLU B 828 28.39 -3.47 -13.23
C GLU B 828 27.90 -2.73 -12.00
N GLN B 829 26.62 -2.93 -11.64
CA GLN B 829 26.09 -2.31 -10.43
C GLN B 829 26.79 -2.84 -9.19
N VAL B 830 26.95 -4.16 -9.12
CA VAL B 830 27.66 -4.78 -8.01
C VAL B 830 29.06 -4.18 -7.88
N VAL B 831 29.80 -4.13 -8.98
CA VAL B 831 31.19 -3.70 -8.88
C VAL B 831 31.27 -2.26 -8.41
N GLY B 832 30.42 -1.38 -8.95
CA GLY B 832 30.41 -0.01 -8.50
C GLY B 832 30.10 0.11 -7.01
N ASP B 833 29.13 -0.68 -6.53
CA ASP B 833 28.78 -0.61 -5.13
C ASP B 833 29.83 -1.27 -4.25
N VAL B 834 30.55 -2.25 -4.76
CA VAL B 834 31.62 -2.86 -3.98
C VAL B 834 32.79 -1.90 -3.85
N ILE B 835 33.16 -1.24 -4.97
CA ILE B 835 34.28 -0.30 -4.93
C ILE B 835 34.00 0.82 -3.95
N THR B 836 32.77 1.36 -3.99
CA THR B 836 32.38 2.37 -3.01
C THR B 836 32.39 1.81 -1.60
N SER B 837 31.69 0.69 -1.38
CA SER B 837 31.49 0.23 -0.01
C SER B 837 32.78 -0.26 0.63
N ALA B 838 33.63 -0.92 -0.14
CA ALA B 838 34.83 -1.54 0.42
C ALA B 838 36.03 -0.61 0.49
N PHE B 839 36.16 0.31 -0.47
CA PHE B 839 37.42 1.03 -0.60
C PHE B 839 37.29 2.54 -0.46
N ASP B 840 36.09 3.10 -0.49
CA ASP B 840 35.88 4.49 -0.09
C ASP B 840 36.48 4.71 1.29
N SER B 841 37.16 5.85 1.44
CA SER B 841 37.86 6.19 2.68
C SER B 841 38.83 5.11 3.08
N ALA B 842 39.42 4.44 2.07
CA ALA B 842 40.31 3.31 2.26
C ALA B 842 39.72 2.30 3.26
N GLY B 843 38.41 2.08 3.13
CA GLY B 843 37.76 1.08 3.96
C GLY B 843 37.64 1.47 5.40
N GLN B 844 37.85 2.74 5.73
CA GLN B 844 37.84 3.20 7.12
C GLN B 844 36.50 3.80 7.49
N ARG B 845 35.44 3.06 7.16
CA ARG B 845 34.09 3.32 7.64
C ARG B 845 33.66 2.13 8.46
N CYS B 846 32.95 2.37 9.57
CA CYS B 846 32.39 1.24 10.30
C CYS B 846 31.42 0.43 9.44
N SER B 847 30.76 1.11 8.50
CA SER B 847 29.80 0.54 7.56
C SER B 847 30.46 -0.17 6.37
N ALA B 848 31.78 -0.13 6.26
CA ALA B 848 32.46 -0.58 5.05
C ALA B 848 32.23 -2.06 4.79
N LEU B 849 32.16 -2.40 3.50
CA LEU B 849 32.02 -3.80 3.07
C LEU B 849 33.28 -4.59 3.38
N ARG B 850 33.15 -5.65 4.20
CA ARG B 850 34.27 -6.49 4.58
C ARG B 850 34.28 -7.85 3.89
N VAL B 851 33.11 -8.41 3.58
CA VAL B 851 33.00 -9.77 3.04
C VAL B 851 32.03 -9.74 1.88
N LEU B 852 32.54 -9.93 0.67
CA LEU B 852 31.72 -9.99 -0.55
C LEU B 852 31.43 -11.46 -0.83
N CYS B 853 30.15 -11.83 -0.85
CA CYS B 853 29.71 -13.21 -1.01
C CYS B 853 29.09 -13.37 -2.39
N LEU B 854 29.77 -14.08 -3.28
CA LEU B 854 29.38 -14.18 -4.68
C LEU B 854 28.87 -15.57 -4.99
N GLN B 855 27.69 -15.66 -5.60
CA GLN B 855 27.21 -16.96 -6.04
C GLN B 855 28.23 -17.56 -7.02
N GLU B 856 28.46 -18.86 -6.86
CA GLU B 856 29.58 -19.51 -7.54
C GLU B 856 29.58 -19.26 -9.04
N ASP B 857 28.41 -19.29 -9.67
CA ASP B 857 28.30 -19.24 -11.13
C ASP B 857 28.70 -17.90 -11.71
N VAL B 858 28.70 -16.82 -10.91
CA VAL B 858 29.03 -15.49 -11.41
C VAL B 858 30.27 -14.92 -10.76
N ALA B 859 30.90 -15.66 -9.84
CA ALA B 859 31.99 -15.07 -9.05
C ALA B 859 33.17 -14.63 -9.92
N ASP B 860 33.62 -15.50 -10.84
CA ASP B 860 34.80 -15.16 -11.64
C ASP B 860 34.57 -13.92 -12.49
N ARG B 861 33.40 -13.83 -13.13
CA ARG B 861 33.12 -12.69 -14.00
C ARG B 861 33.04 -11.40 -13.20
N ILE B 862 32.41 -11.44 -12.02
CA ILE B 862 32.35 -10.24 -11.19
C ILE B 862 33.74 -9.88 -10.65
N LEU B 863 34.54 -10.88 -10.26
CA LEU B 863 35.87 -10.59 -9.75
C LEU B 863 36.77 -10.00 -10.82
N THR B 864 36.67 -10.50 -12.05
CA THR B 864 37.44 -9.94 -13.15
C THR B 864 37.08 -8.48 -13.36
N MET B 865 35.79 -8.17 -13.36
CA MET B 865 35.33 -6.81 -13.53
C MET B 865 35.78 -5.92 -12.37
N LEU B 866 35.64 -6.43 -11.13
CA LEU B 866 36.07 -5.67 -9.96
C LEU B 866 37.55 -5.33 -10.03
N LYS B 867 38.38 -6.31 -10.39
CA LYS B 867 39.82 -6.07 -10.47
C LYS B 867 40.15 -5.05 -11.55
N GLY B 868 39.47 -5.14 -12.69
CA GLY B 868 39.67 -4.12 -13.72
C GLY B 868 39.28 -2.73 -13.25
N ALA B 869 38.17 -2.63 -12.53
CA ALA B 869 37.74 -1.32 -12.02
C ALA B 869 38.71 -0.80 -10.97
N LEU B 870 39.26 -1.70 -10.13
CA LEU B 870 40.22 -1.27 -9.12
C LEU B 870 41.51 -0.73 -9.75
N HIS B 871 41.90 -1.26 -10.91
CA HIS B 871 43.09 -0.77 -11.59
C HIS B 871 42.95 0.68 -12.03
N GLU B 872 41.74 1.21 -12.07
CA GLU B 872 41.50 2.57 -12.53
C GLU B 872 41.46 3.58 -11.40
N LEU B 873 41.64 3.13 -10.14
CA LEU B 873 41.59 4.03 -9.01
C LEU B 873 42.91 4.76 -8.82
N HIS B 874 42.82 6.00 -8.36
CA HIS B 874 43.98 6.82 -8.08
C HIS B 874 44.12 6.90 -6.55
N ILE B 875 45.24 6.43 -6.03
CA ILE B 875 45.53 6.42 -4.59
C ILE B 875 46.58 7.48 -4.29
N GLY B 876 46.29 8.37 -3.35
CA GLY B 876 47.28 9.38 -3.03
C GLY B 876 46.77 10.37 -2.03
N ARG B 877 47.56 11.43 -1.85
CA ARG B 877 47.17 12.54 -0.99
C ARG B 877 45.89 13.18 -1.52
N THR B 878 44.92 13.43 -0.62
CA THR B 878 43.54 13.64 -1.04
C THR B 878 43.22 15.09 -1.42
N ASP B 879 44.23 15.96 -1.49
CA ASP B 879 43.95 17.35 -1.85
C ASP B 879 43.96 17.54 -3.36
N ARG B 880 43.60 16.50 -4.09
CA ARG B 880 43.41 16.55 -5.53
C ARG B 880 42.07 15.87 -5.85
N LEU B 881 41.26 16.52 -6.67
CA LEU B 881 39.96 15.98 -7.05
C LEU B 881 40.09 14.60 -7.71
N SER B 882 41.18 14.37 -8.44
CA SER B 882 41.39 13.09 -9.14
C SER B 882 41.71 11.93 -8.20
N VAL B 883 41.88 12.14 -6.89
CA VAL B 883 42.23 11.04 -5.99
C VAL B 883 40.98 10.34 -5.52
N ASP B 884 40.99 9.01 -5.60
CA ASP B 884 39.86 8.15 -5.27
C ASP B 884 39.96 7.53 -3.89
N VAL B 885 41.17 7.13 -3.52
CA VAL B 885 41.42 6.41 -2.26
C VAL B 885 42.56 7.13 -1.56
N GLY B 886 42.30 7.57 -0.32
CA GLY B 886 43.30 8.23 0.48
C GLY B 886 44.07 7.29 1.38
N PRO B 887 44.80 7.87 2.32
CA PRO B 887 45.65 7.07 3.22
C PRO B 887 44.86 6.42 4.34
N VAL B 888 45.51 5.48 5.02
CA VAL B 888 45.04 5.06 6.33
C VAL B 888 45.56 6.02 7.38
N ILE B 889 44.88 6.07 8.54
CA ILE B 889 45.04 7.24 9.40
C ILE B 889 46.41 7.30 10.08
N THR B 890 47.03 6.16 10.39
CA THR B 890 48.29 6.16 11.13
C THR B 890 49.15 4.98 10.70
N SER B 891 50.45 5.09 11.02
CA SER B 891 51.36 3.97 10.80
CA SER B 891 51.35 3.96 10.77
CA SER B 891 51.35 3.97 10.79
C SER B 891 50.92 2.75 11.59
N GLU B 892 50.40 2.96 12.81
CA GLU B 892 49.93 1.85 13.61
C GLU B 892 48.75 1.14 12.95
N ALA B 893 47.80 1.92 12.42
CA ALA B 893 46.69 1.31 11.68
C ALA B 893 47.20 0.55 10.48
N LYS B 894 48.13 1.14 9.73
CA LYS B 894 48.71 0.47 8.59
C LYS B 894 49.35 -0.85 9.01
N ASP B 895 50.14 -0.85 10.09
CA ASP B 895 50.76 -2.08 10.56
C ASP B 895 49.73 -3.13 10.93
N ASN B 896 48.63 -2.71 11.56
CA ASN B 896 47.58 -3.61 11.98
C ASN B 896 46.94 -4.28 10.77
N ILE B 897 46.64 -3.47 9.75
CA ILE B 897 46.02 -4.00 8.53
C ILE B 897 46.98 -4.96 7.84
N GLU B 898 48.24 -4.57 7.70
CA GLU B 898 49.20 -5.40 6.98
C GLU B 898 49.47 -6.71 7.72
N LYS B 899 49.42 -6.70 9.05
CA LYS B 899 49.58 -7.94 9.81
C LYS B 899 48.49 -8.94 9.44
N HIS B 900 47.26 -8.47 9.28
CA HIS B 900 46.17 -9.34 8.87
C HIS B 900 46.40 -9.87 7.47
N ILE B 901 46.77 -8.98 6.55
CA ILE B 901 47.02 -9.38 5.17
C ILE B 901 48.11 -10.45 5.13
N GLU B 902 49.19 -10.22 5.86
CA GLU B 902 50.26 -11.21 5.83
C GLU B 902 49.87 -12.49 6.56
N ARG B 903 48.99 -12.41 7.56
CA ARG B 903 48.51 -13.64 8.20
C ARG B 903 47.69 -14.47 7.22
N MET B 904 46.82 -13.81 6.44
CA MET B 904 46.07 -14.52 5.41
C MET B 904 46.99 -15.10 4.35
N ARG B 905 47.99 -14.33 3.92
CA ARG B 905 48.93 -14.82 2.93
C ARG B 905 49.66 -16.06 3.44
N GLY B 906 50.17 -16.00 4.66
CA GLY B 906 50.87 -17.13 5.24
C GLY B 906 50.00 -18.34 5.49
N LEU B 907 48.69 -18.16 5.59
CA LEU B 907 47.76 -19.29 5.65
C LEU B 907 47.48 -19.88 4.29
N GLY B 908 48.02 -19.29 3.22
CA GLY B 908 47.84 -19.79 1.87
C GLY B 908 46.66 -19.21 1.14
N ARG B 909 45.93 -18.26 1.74
CA ARG B 909 44.81 -17.65 1.07
C ARG B 909 45.31 -16.77 -0.07
N LYS B 910 44.54 -16.74 -1.14
CA LYS B 910 44.88 -15.88 -2.28
C LYS B 910 44.69 -14.41 -1.88
N VAL B 911 45.77 -13.65 -1.98
CA VAL B 911 45.80 -12.22 -1.68
C VAL B 911 46.22 -11.46 -2.93
N GLU B 912 45.45 -10.45 -3.31
CA GLU B 912 45.78 -9.61 -4.46
C GLU B 912 45.70 -8.15 -4.05
N GLN B 913 46.70 -7.35 -4.44
CA GLN B 913 46.68 -5.91 -4.20
C GLN B 913 46.99 -5.14 -5.47
N ILE B 914 46.47 -3.93 -5.56
CA ILE B 914 46.88 -3.05 -6.64
C ILE B 914 48.12 -2.25 -6.23
N GLY B 915 48.71 -1.54 -7.20
CA GLY B 915 49.96 -0.84 -6.94
C GLY B 915 49.76 0.52 -6.31
N LEU B 916 50.85 1.03 -5.74
CA LEU B 916 50.88 2.36 -5.14
C LEU B 916 51.94 3.20 -5.83
N ALA B 917 51.60 4.46 -6.10
CA ALA B 917 52.57 5.40 -6.64
C ALA B 917 53.65 5.70 -5.61
N SER B 918 54.84 6.07 -6.09
CA SER B 918 55.95 6.35 -5.18
C SER B 918 55.63 7.54 -4.27
N GLU B 919 54.76 8.44 -4.71
CA GLU B 919 54.38 9.61 -3.91
C GLU B 919 53.71 9.21 -2.60
N THR B 920 53.23 7.98 -2.48
CA THR B 920 52.59 7.54 -1.25
C THR B 920 53.59 7.31 -0.12
N GLY B 921 54.88 7.18 -0.42
CA GLY B 921 55.89 6.89 0.59
C GLY B 921 55.99 7.93 1.70
N VAL B 922 55.54 9.17 1.45
CA VAL B 922 55.58 10.20 2.49
C VAL B 922 54.38 10.11 3.42
N GLY B 923 53.39 9.28 3.11
CA GLY B 923 52.27 9.10 3.99
C GLY B 923 52.08 7.64 4.38
N THR B 924 50.93 7.28 4.95
CA THR B 924 50.67 5.90 5.36
C THR B 924 49.51 5.38 4.51
N PHE B 925 49.83 4.57 3.51
CA PHE B 925 48.85 4.04 2.58
C PHE B 925 48.86 2.51 2.58
N VAL B 926 47.68 1.94 2.36
CA VAL B 926 47.50 0.53 2.07
C VAL B 926 46.69 0.43 0.79
N PRO B 927 47.13 -0.30 -0.24
CA PRO B 927 46.35 -0.39 -1.47
C PRO B 927 45.11 -1.23 -1.26
N PRO B 928 44.05 -1.00 -2.04
CA PRO B 928 42.93 -1.94 -2.05
C PRO B 928 43.39 -3.38 -2.21
N THR B 929 42.89 -4.24 -1.34
CA THR B 929 43.33 -5.62 -1.20
C THR B 929 42.12 -6.55 -1.23
N ILE B 930 42.25 -7.65 -1.95
CA ILE B 930 41.20 -8.66 -2.08
C ILE B 930 41.76 -9.98 -1.62
N ILE B 931 41.08 -10.61 -0.66
CA ILE B 931 41.54 -11.88 -0.07
C ILE B 931 40.43 -12.90 -0.23
N GLU B 932 40.75 -14.04 -0.83
CA GLU B 932 39.77 -15.11 -0.98
C GLU B 932 39.77 -15.99 0.26
N LEU B 933 38.60 -16.16 0.86
CA LEU B 933 38.44 -16.99 2.04
C LEU B 933 37.78 -18.32 1.67
N GLU B 934 38.16 -19.36 2.41
CA GLU B 934 37.43 -20.62 2.29
C GLU B 934 36.12 -20.57 3.06
N LYS B 935 36.11 -19.89 4.20
CA LYS B 935 34.92 -19.81 5.04
C LYS B 935 34.97 -18.49 5.80
N LEU B 936 33.78 -17.96 6.12
CA LEU B 936 33.74 -16.67 6.81
C LEU B 936 34.46 -16.74 8.15
N SER B 937 34.45 -17.92 8.79
CA SER B 937 35.13 -18.08 10.07
C SER B 937 36.64 -17.95 9.95
N ASP B 938 37.20 -17.91 8.73
CA ASP B 938 38.59 -17.51 8.57
C ASP B 938 38.84 -16.12 9.12
N LEU B 939 37.80 -15.29 9.18
CA LEU B 939 37.91 -13.90 9.60
C LEU B 939 37.55 -13.81 11.08
N GLN B 940 38.50 -13.35 11.89
CA GLN B 940 38.34 -13.39 13.34
C GLN B 940 38.17 -12.02 13.98
N ARG B 941 38.36 -10.94 13.23
CA ARG B 941 38.32 -9.60 13.82
C ARG B 941 37.98 -8.61 12.72
N GLU B 942 37.44 -7.47 13.13
CA GLU B 942 37.21 -6.38 12.19
C GLU B 942 38.56 -5.81 11.79
N VAL B 943 38.85 -5.80 10.49
CA VAL B 943 40.11 -5.26 9.97
C VAL B 943 39.78 -3.93 9.30
N PHE B 944 40.20 -2.84 9.93
CA PHE B 944 39.67 -1.51 9.61
C PHE B 944 40.55 -0.85 8.55
N GLY B 945 40.38 -1.31 7.32
CA GLY B 945 41.20 -0.85 6.22
C GLY B 945 40.66 -1.35 4.91
N PRO B 946 41.39 -1.12 3.82
CA PRO B 946 40.84 -1.41 2.48
C PRO B 946 41.09 -2.86 2.10
N VAL B 947 40.50 -3.76 2.87
CA VAL B 947 40.74 -5.18 2.72
C VAL B 947 39.37 -5.85 2.53
N LEU B 948 39.09 -6.27 1.30
CA LEU B 948 37.84 -6.94 0.97
C LEU B 948 38.08 -8.43 0.95
N HIS B 949 37.26 -9.17 1.68
CA HIS B 949 37.34 -10.63 1.66
C HIS B 949 36.24 -11.15 0.74
N VAL B 950 36.52 -12.26 0.07
CA VAL B 950 35.60 -12.83 -0.92
C VAL B 950 35.26 -14.26 -0.55
N ILE B 951 33.97 -14.57 -0.56
CA ILE B 951 33.45 -15.90 -0.32
C ILE B 951 32.62 -16.29 -1.53
N ARG B 952 32.79 -17.53 -1.99
CA ARG B 952 31.95 -18.08 -3.06
CA ARG B 952 31.95 -18.07 -3.05
C ARG B 952 30.95 -19.05 -2.45
N TYR B 953 29.70 -19.01 -2.92
CA TYR B 953 28.70 -19.88 -2.34
C TYR B 953 27.80 -20.49 -3.42
N ARG B 954 27.29 -21.68 -3.13
CA ARG B 954 26.28 -22.27 -4.00
C ARG B 954 24.91 -21.79 -3.52
N ARG B 955 24.00 -21.53 -4.48
CA ARG B 955 22.71 -20.95 -4.12
C ARG B 955 21.95 -21.85 -3.14
N ASP B 956 22.11 -23.17 -3.24
CA ASP B 956 21.49 -24.08 -2.28
C ASP B 956 21.95 -23.85 -0.86
N ASP B 957 23.09 -23.17 -0.69
CA ASP B 957 23.66 -22.93 0.62
C ASP B 957 23.39 -21.53 1.14
N LEU B 958 22.47 -20.79 0.50
CA LEU B 958 22.27 -19.38 0.86
C LEU B 958 21.88 -19.24 2.33
N ASP B 959 20.99 -20.09 2.81
CA ASP B 959 20.55 -19.96 4.19
C ASP B 959 21.69 -20.18 5.16
N ARG B 960 22.56 -21.15 4.86
CA ARG B 960 23.73 -21.38 5.70
C ARG B 960 24.71 -20.22 5.62
N LEU B 961 24.85 -19.61 4.43
CA LEU B 961 25.69 -18.44 4.31
C LEU B 961 25.19 -17.29 5.19
N VAL B 962 23.88 -17.08 5.23
CA VAL B 962 23.34 -16.06 6.12
C VAL B 962 23.67 -16.38 7.57
N ASP B 963 23.58 -17.67 7.96
CA ASP B 963 24.05 -18.06 9.29
C ASP B 963 25.51 -17.70 9.49
N ASP B 964 26.34 -17.93 8.47
CA ASP B 964 27.75 -17.63 8.60
C ASP B 964 27.97 -16.15 8.82
N VAL B 965 27.22 -15.31 8.12
CA VAL B 965 27.34 -13.87 8.31
C VAL B 965 26.93 -13.48 9.72
N ASN B 966 25.80 -14.02 10.20
CA ASN B 966 25.35 -13.71 11.56
C ASN B 966 26.30 -14.25 12.61
N ALA B 967 27.04 -15.33 12.30
CA ALA B 967 27.81 -16.03 13.31
C ALA B 967 29.03 -15.24 13.78
N THR B 968 29.41 -14.18 13.07
CA THR B 968 30.52 -13.34 13.55
C THR B 968 30.17 -12.64 14.85
N GLY B 969 28.89 -12.51 15.16
CA GLY B 969 28.44 -11.77 16.32
C GLY B 969 28.19 -10.30 16.06
N TYR B 970 28.63 -9.79 14.90
CA TYR B 970 28.37 -8.42 14.50
C TYR B 970 27.04 -8.31 13.78
N GLY B 971 26.59 -7.07 13.58
CA GLY B 971 25.32 -6.86 12.92
C GLY B 971 25.10 -5.40 12.61
N LEU B 972 26.01 -4.81 11.83
CA LEU B 972 25.94 -3.38 11.56
C LEU B 972 25.29 -3.16 10.20
N THR B 973 26.08 -3.18 9.11
CA THR B 973 25.49 -3.04 7.79
C THR B 973 25.51 -4.35 7.00
N PHE B 974 24.63 -4.42 6.00
CA PHE B 974 24.50 -5.61 5.19
C PHE B 974 23.90 -5.22 3.86
N GLY B 975 24.43 -5.80 2.77
CA GLY B 975 23.95 -5.51 1.44
C GLY B 975 23.51 -6.78 0.73
N LEU B 976 22.50 -6.66 -0.12
CA LEU B 976 22.02 -7.75 -0.94
C LEU B 976 21.82 -7.22 -2.35
N HIS B 977 22.44 -7.88 -3.33
CA HIS B 977 22.21 -7.57 -4.74
C HIS B 977 21.50 -8.75 -5.36
N THR B 978 20.25 -8.55 -5.75
CA THR B 978 19.44 -9.57 -6.40
C THR B 978 18.25 -8.88 -7.02
N ARG B 979 17.75 -9.48 -8.09
CA ARG B 979 16.52 -8.98 -8.68
C ARG B 979 15.30 -9.75 -8.21
N LEU B 980 15.47 -10.77 -7.38
CA LEU B 980 14.41 -11.75 -7.12
C LEU B 980 13.76 -11.51 -5.77
N ASP B 981 12.43 -11.30 -5.79
CA ASP B 981 11.71 -11.00 -4.55
C ASP B 981 11.80 -12.13 -3.53
N GLU B 982 11.80 -13.39 -3.98
CA GLU B 982 11.93 -14.49 -3.01
C GLU B 982 13.25 -14.41 -2.26
N THR B 983 14.33 -14.14 -2.98
CA THR B 983 15.64 -14.01 -2.36
C THR B 983 15.68 -12.81 -1.40
N ILE B 984 15.07 -11.69 -1.79
CA ILE B 984 14.99 -10.53 -0.91
C ILE B 984 14.25 -10.89 0.39
N ALA B 985 13.08 -11.51 0.27
CA ALA B 985 12.32 -11.83 1.48
C ALA B 985 13.10 -12.81 2.36
N HIS B 986 13.71 -13.82 1.74
CA HIS B 986 14.45 -14.82 2.52
C HIS B 986 15.62 -14.16 3.24
N VAL B 987 16.46 -13.45 2.51
CA VAL B 987 17.69 -12.94 3.11
C VAL B 987 17.40 -11.87 4.15
N THR B 988 16.47 -10.95 3.84
CA THR B 988 16.23 -9.86 4.80
C THR B 988 15.51 -10.35 6.04
N SER B 989 14.75 -11.44 5.96
CA SER B 989 14.11 -11.97 7.16
C SER B 989 15.07 -12.76 8.06
N ARG B 990 16.21 -13.22 7.53
CA ARG B 990 17.11 -14.08 8.30
C ARG B 990 18.41 -13.39 8.70
N ILE B 991 18.82 -12.36 7.98
CA ILE B 991 20.00 -11.61 8.38
C ILE B 991 19.68 -10.81 9.63
N LYS B 992 20.67 -10.64 10.49
CA LYS B 992 20.47 -9.93 11.76
C LYS B 992 21.41 -8.74 11.78
N ALA B 993 21.01 -7.66 11.11
CA ALA B 993 21.83 -6.47 11.03
C ALA B 993 20.91 -5.25 11.14
N GLY B 994 21.50 -4.14 11.62
CA GLY B 994 20.72 -2.95 11.87
C GLY B 994 20.43 -2.10 10.63
N ASN B 995 21.28 -2.18 9.61
CA ASN B 995 21.14 -1.36 8.41
C ASN B 995 21.28 -2.27 7.19
N LEU B 996 20.17 -2.46 6.47
CA LEU B 996 20.11 -3.33 5.30
C LEU B 996 20.04 -2.47 4.05
N TYR B 997 20.66 -2.94 2.98
CA TYR B 997 20.72 -2.20 1.72
C TYR B 997 20.49 -3.16 0.56
N ILE B 998 19.52 -2.84 -0.29
CA ILE B 998 19.14 -3.71 -1.39
C ILE B 998 19.47 -3.02 -2.70
N ASN B 999 20.36 -3.64 -3.48
CA ASN B 999 20.70 -3.18 -4.83
C ASN B 999 21.32 -1.77 -4.83
N ARG B 1000 22.11 -1.49 -3.79
CA ARG B 1000 22.87 -0.24 -3.66
C ARG B 1000 24.06 -0.50 -2.77
N ASN B 1001 24.87 0.53 -2.53
CA ASN B 1001 26.01 0.36 -1.65
C ASN B 1001 25.53 0.32 -0.19
N ILE B 1002 26.44 -0.01 0.72
CA ILE B 1002 26.08 -0.23 2.11
C ILE B 1002 26.65 0.85 3.04
N ILE B 1003 27.06 1.98 2.49
CA ILE B 1003 27.72 3.04 3.25
C ILE B 1003 26.91 4.32 3.12
N GLY B 1004 27.30 5.31 3.93
CA GLY B 1004 26.71 6.63 3.85
C GLY B 1004 25.28 6.71 4.30
N ALA B 1005 24.92 6.00 5.37
CA ALA B 1005 23.57 6.10 5.91
C ALA B 1005 23.26 7.54 6.30
N VAL B 1006 22.06 8.00 5.92
CA VAL B 1006 21.67 9.39 5.99
C VAL B 1006 20.75 9.60 7.19
N VAL B 1007 21.03 10.67 7.95
CA VAL B 1007 20.27 10.99 9.16
C VAL B 1007 18.77 11.03 8.88
N GLY B 1008 18.02 10.32 9.73
CA GLY B 1008 16.57 10.33 9.64
C GLY B 1008 16.01 9.71 8.38
N VAL B 1009 16.85 9.09 7.56
CA VAL B 1009 16.42 8.37 6.37
C VAL B 1009 16.83 6.91 6.44
N GLN B 1010 18.12 6.67 6.73
CA GLN B 1010 18.58 5.37 7.23
C GLN B 1010 19.13 5.57 8.63
N PRO B 1011 18.26 5.67 9.65
CA PRO B 1011 18.74 5.68 11.04
C PRO B 1011 19.77 4.56 11.21
N PHE B 1012 20.90 4.91 11.81
CA PHE B 1012 22.08 4.06 11.69
C PHE B 1012 22.47 3.45 13.02
N GLY B 1013 22.76 2.16 12.99
CA GLY B 1013 23.31 1.49 14.15
C GLY B 1013 22.88 0.04 14.13
N GLY B 1014 23.70 -0.80 14.74
CA GLY B 1014 23.43 -2.22 14.71
C GLY B 1014 23.32 -2.88 16.07
N ARG B 1015 23.39 -4.21 16.06
CA ARG B 1015 23.08 -5.07 17.19
C ARG B 1015 24.26 -5.98 17.46
N GLY B 1016 24.14 -6.84 18.48
CA GLY B 1016 25.23 -7.74 18.79
C GLY B 1016 26.46 -6.96 19.20
N LEU B 1017 27.61 -7.39 18.67
CA LEU B 1017 28.88 -6.70 18.87
C LEU B 1017 28.92 -5.32 18.22
N SER B 1018 27.89 -4.97 17.45
CA SER B 1018 27.90 -3.71 16.71
C SER B 1018 27.23 -2.56 17.45
N GLY B 1019 26.47 -2.80 18.51
CA GLY B 1019 25.87 -1.66 19.18
C GLY B 1019 24.95 -2.06 20.33
N THR B 1020 24.74 -1.08 21.21
CA THR B 1020 23.65 -1.13 22.19
C THR B 1020 22.37 -0.54 21.65
N GLY B 1021 22.48 0.37 20.68
CA GLY B 1021 21.38 1.23 20.37
C GLY B 1021 21.18 2.22 21.50
N PRO B 1022 20.21 3.14 21.34
CA PRO B 1022 19.36 3.30 20.16
C PRO B 1022 20.15 3.89 19.00
N LYS B 1023 19.56 3.85 17.81
CA LYS B 1023 20.25 4.30 16.61
C LYS B 1023 20.45 5.81 16.60
N ALA B 1024 21.69 6.23 16.34
CA ALA B 1024 21.95 7.61 15.97
C ALA B 1024 21.18 7.96 14.70
N GLY B 1025 20.68 9.19 14.63
CA GLY B 1025 19.95 9.60 13.45
C GLY B 1025 18.58 8.98 13.37
N GLY B 1026 18.08 8.45 14.48
CA GLY B 1026 16.74 7.91 14.55
C GLY B 1026 15.99 8.45 15.74
N PRO B 1027 14.71 8.07 15.84
CA PRO B 1027 13.80 8.78 16.75
C PRO B 1027 13.80 8.28 18.18
N LEU B 1028 14.53 7.20 18.47
CA LEU B 1028 14.66 6.74 19.84
C LEU B 1028 15.84 7.34 20.57
N TYR B 1029 16.70 8.05 19.85
CA TYR B 1029 18.02 8.42 20.37
C TYR B 1029 17.91 9.39 21.54
N LEU B 1030 17.17 10.50 21.35
CA LEU B 1030 17.14 11.53 22.40
C LEU B 1030 16.54 10.98 23.69
N GLY B 1031 15.61 10.03 23.58
CA GLY B 1031 14.98 9.48 24.77
C GLY B 1031 15.93 8.77 25.71
N ARG B 1032 17.10 8.36 25.21
CA ARG B 1032 18.10 7.74 26.06
C ARG B 1032 18.87 8.75 26.89
N LEU B 1033 18.76 10.04 26.57
CA LEU B 1033 19.59 11.08 27.17
C LEU B 1033 18.80 11.93 28.16
N VAL B 1034 17.63 11.46 28.56
CA VAL B 1034 16.80 12.08 29.59
C VAL B 1034 16.38 10.98 30.56
N THR B 1035 15.94 11.39 31.76
CA THR B 1035 15.63 10.39 32.78
C THR B 1035 14.26 9.76 32.60
N THR B 1036 13.37 10.42 31.86
CA THR B 1036 12.07 9.87 31.48
C THR B 1036 11.95 9.99 29.98
N ALA B 1037 11.84 8.86 29.27
CA ALA B 1037 11.87 9.02 27.82
C ALA B 1037 10.51 9.51 27.32
N PRO B 1038 10.49 10.38 26.30
CA PRO B 1038 9.23 10.78 25.67
C PRO B 1038 8.76 9.73 24.67
N VAL B 1039 7.57 9.95 24.16
CA VAL B 1039 7.01 9.13 23.08
C VAL B 1039 7.51 9.74 21.77
N PRO B 1040 8.34 9.05 21.01
CA PRO B 1040 8.87 9.62 19.77
C PRO B 1040 7.76 9.83 18.76
N PRO B 1041 7.97 10.72 17.78
CA PRO B 1041 7.04 10.83 16.66
C PRO B 1041 6.84 9.48 15.98
N GLN B 1042 5.59 9.19 15.64
CA GLN B 1042 5.19 8.01 14.88
C GLN B 1042 5.43 6.69 15.62
N HIS B 1043 5.76 6.74 16.91
CA HIS B 1043 6.19 5.55 17.66
C HIS B 1043 4.98 4.87 18.28
N SER B 1044 4.39 3.94 17.54
CA SER B 1044 3.28 3.14 18.04
C SER B 1044 3.12 1.93 17.14
N SER B 1045 2.28 1.00 17.56
CA SER B 1045 1.96 -0.18 16.77
C SER B 1045 0.58 -0.67 17.15
N VAL B 1046 -0.19 -1.10 16.14
CA VAL B 1046 -1.52 -1.65 16.43
C VAL B 1046 -1.47 -3.13 16.78
N HIS B 1047 -0.29 -3.74 16.69
CA HIS B 1047 -0.18 -5.16 16.94
CA HIS B 1047 -0.10 -5.16 16.92
C HIS B 1047 0.10 -5.43 18.41
N THR B 1048 -0.47 -6.52 18.91
CA THR B 1048 -0.28 -6.94 20.28
C THR B 1048 0.37 -8.32 20.28
N ASP B 1049 1.47 -8.45 21.00
CA ASP B 1049 2.16 -9.72 21.03
C ASP B 1049 1.23 -10.80 21.57
N PRO B 1050 1.07 -11.93 20.87
CA PRO B 1050 0.10 -12.93 21.34
C PRO B 1050 0.53 -13.63 22.61
N VAL B 1051 1.83 -13.76 22.85
CA VAL B 1051 2.27 -14.40 24.09
C VAL B 1051 2.05 -13.48 25.28
N LEU B 1052 2.25 -12.17 25.09
CA LEU B 1052 1.83 -11.20 26.10
C LEU B 1052 0.34 -11.40 26.45
N LEU B 1053 -0.52 -11.50 25.44
CA LEU B 1053 -1.95 -11.69 25.72
C LEU B 1053 -2.19 -12.94 26.56
N ASP B 1054 -1.54 -14.06 26.21
CA ASP B 1054 -1.71 -15.29 26.97
C ASP B 1054 -1.22 -15.11 28.41
N PHE B 1055 -0.13 -14.35 28.58
CA PHE B 1055 0.39 -14.08 29.91
C PHE B 1055 -0.61 -13.26 30.72
N ALA B 1056 -1.21 -12.25 30.09
CA ALA B 1056 -2.21 -11.44 30.77
C ALA B 1056 -3.37 -12.28 31.27
N LYS B 1057 -3.86 -13.21 30.43
CA LYS B 1057 -4.97 -14.06 30.86
C LYS B 1057 -4.57 -14.97 32.00
N TRP B 1058 -3.33 -15.48 31.95
CA TRP B 1058 -2.83 -16.30 33.05
C TRP B 1058 -2.80 -15.52 34.35
N LEU B 1059 -2.29 -14.28 34.32
CA LEU B 1059 -2.30 -13.43 35.51
C LEU B 1059 -3.73 -13.18 36.01
N ASP B 1060 -4.66 -12.89 35.08
CA ASP B 1060 -6.08 -12.78 35.43
C ASP B 1060 -6.53 -14.00 36.24
N GLY B 1061 -6.19 -15.20 35.76
CA GLY B 1061 -6.68 -16.42 36.37
C GLY B 1061 -6.22 -16.59 37.81
N LYS B 1062 -4.98 -16.18 38.11
CA LYS B 1062 -4.46 -16.33 39.46
C LYS B 1062 -4.68 -15.10 40.33
N GLY B 1063 -5.48 -14.14 39.86
CA GLY B 1063 -5.86 -13.01 40.69
C GLY B 1063 -4.84 -11.91 40.82
N ALA B 1064 -3.81 -11.88 39.97
CA ALA B 1064 -2.80 -10.84 40.04
C ALA B 1064 -3.25 -9.65 39.19
N ARG B 1065 -4.24 -8.93 39.75
CA ARG B 1065 -4.98 -7.94 38.95
C ARG B 1065 -4.11 -6.75 38.57
N ALA B 1066 -3.27 -6.27 39.49
CA ALA B 1066 -2.37 -5.18 39.15
C ALA B 1066 -1.41 -5.58 38.04
N GLU B 1067 -0.88 -6.80 38.11
CA GLU B 1067 0.10 -7.23 37.12
C GLU B 1067 -0.57 -7.50 35.78
N ALA B 1068 -1.75 -8.11 35.79
CA ALA B 1068 -2.48 -8.32 34.54
C ALA B 1068 -2.77 -6.99 33.86
N GLU B 1069 -3.13 -5.97 34.64
CA GLU B 1069 -3.35 -4.64 34.08
C GLU B 1069 -2.06 -4.08 33.49
N ALA B 1070 -0.95 -4.23 34.21
CA ALA B 1070 0.33 -3.76 33.69
C ALA B 1070 0.69 -4.49 32.40
N ALA B 1071 0.38 -5.79 32.33
CA ALA B 1071 0.67 -6.55 31.12
C ALA B 1071 -0.13 -6.04 29.94
N ARG B 1072 -1.43 -5.80 30.14
CA ARG B 1072 -2.26 -5.27 29.07
CA ARG B 1072 -2.26 -5.27 29.07
C ARG B 1072 -1.75 -3.90 28.62
N ASN B 1073 -1.36 -3.05 29.57
CA ASN B 1073 -0.85 -1.73 29.20
C ASN B 1073 0.46 -1.85 28.44
N ALA B 1074 1.34 -2.76 28.87
CA ALA B 1074 2.57 -2.98 28.11
C ALA B 1074 2.25 -3.45 26.70
N GLY B 1075 1.32 -4.39 26.57
CA GLY B 1075 0.96 -4.90 25.25
C GLY B 1075 0.52 -3.79 24.32
N SER B 1076 -0.21 -2.80 24.87
CA SER B 1076 -0.71 -1.72 24.05
C SER B 1076 0.38 -0.70 23.72
N SER B 1077 1.18 -0.32 24.71
CA SER B 1077 2.13 0.76 24.47
C SER B 1077 3.40 0.27 23.76
N SER B 1078 3.64 -1.03 23.72
CA SER B 1078 4.73 -1.57 22.92
C SER B 1078 4.61 -1.10 21.48
N ALA B 1079 5.73 -0.70 20.90
CA ALA B 1079 5.74 -0.34 19.49
C ALA B 1079 6.28 -1.46 18.62
N LEU B 1080 6.38 -2.67 19.17
CA LEU B 1080 6.78 -3.84 18.39
C LEU B 1080 5.88 -3.97 17.17
N GLY B 1081 6.49 -4.10 16.00
CA GLY B 1081 5.73 -4.23 14.77
C GLY B 1081 5.57 -2.94 14.00
N LEU B 1082 6.04 -1.82 14.53
CA LEU B 1082 6.07 -0.57 13.78
CA LEU B 1082 6.08 -0.57 13.78
C LEU B 1082 6.76 -0.80 12.44
N ASP B 1083 6.22 -0.19 11.39
CA ASP B 1083 6.70 -0.49 10.03
C ASP B 1083 6.40 0.75 9.17
N LEU B 1084 7.40 1.63 9.04
CA LEU B 1084 7.22 2.95 8.45
C LEU B 1084 8.11 3.11 7.22
N GLU B 1085 7.64 3.91 6.27
CA GLU B 1085 8.50 4.40 5.21
C GLU B 1085 8.89 5.84 5.54
N LEU B 1086 10.19 6.12 5.54
CA LEU B 1086 10.66 7.46 5.88
C LEU B 1086 10.85 8.30 4.63
N PRO B 1087 10.58 9.60 4.72
CA PRO B 1087 10.76 10.49 3.55
C PRO B 1087 12.22 10.53 3.15
N GLY B 1088 12.46 10.49 1.84
CA GLY B 1088 13.79 10.61 1.32
C GLY B 1088 13.78 10.88 -0.16
N PRO B 1089 14.89 10.57 -0.83
CA PRO B 1089 14.99 10.82 -2.28
C PRO B 1089 14.08 9.88 -3.07
N VAL B 1090 13.71 10.36 -4.27
CA VAL B 1090 13.02 9.47 -5.21
C VAL B 1090 13.96 8.34 -5.61
N GLY B 1091 13.37 7.26 -6.13
CA GLY B 1091 14.16 6.12 -6.56
C GLY B 1091 14.72 5.30 -5.43
N GLU B 1092 14.24 5.52 -4.22
CA GLU B 1092 14.64 4.77 -3.05
C GLU B 1092 13.43 4.60 -2.15
N ARG B 1093 13.37 3.45 -1.48
CA ARG B 1093 12.36 3.19 -0.45
C ARG B 1093 13.12 2.94 0.83
N ASN B 1094 12.91 3.78 1.83
CA ASN B 1094 13.69 3.75 3.05
C ASN B 1094 12.74 3.41 4.19
N LEU B 1095 12.93 2.23 4.75
CA LEU B 1095 12.00 1.63 5.68
C LEU B 1095 12.61 1.55 7.06
N TYR B 1096 11.74 1.66 8.07
CA TYR B 1096 12.17 1.66 9.48
C TYR B 1096 11.19 0.79 10.24
N THR B 1097 11.72 -0.23 10.95
CA THR B 1097 10.86 -1.23 11.56
C THR B 1097 11.36 -1.56 12.96
N LEU B 1098 10.42 -1.91 13.84
CA LEU B 1098 10.78 -2.30 15.20
C LEU B 1098 10.48 -3.77 15.41
N HIS B 1099 11.51 -4.51 15.83
CA HIS B 1099 11.45 -5.95 16.03
C HIS B 1099 11.75 -6.23 17.49
N ALA B 1100 11.54 -7.49 17.89
CA ALA B 1100 11.99 -7.90 19.21
C ALA B 1100 13.51 -7.80 19.28
N ARG B 1101 14.03 -7.53 20.48
CA ARG B 1101 15.48 -7.55 20.67
C ARG B 1101 16.06 -8.96 20.59
N GLY B 1102 15.36 -9.93 21.18
CA GLY B 1102 15.86 -11.29 21.26
C GLY B 1102 15.55 -11.93 22.60
N ARG B 1103 16.56 -12.43 23.29
CA ARG B 1103 16.36 -12.99 24.61
C ARG B 1103 16.85 -11.99 25.67
N ILE B 1104 15.97 -11.62 26.59
CA ILE B 1104 16.28 -10.62 27.61
C ILE B 1104 16.62 -11.34 28.90
N LEU B 1105 17.71 -10.94 29.53
CA LEU B 1105 18.07 -11.48 30.84
C LEU B 1105 17.22 -10.79 31.90
N LEU B 1106 16.47 -11.58 32.67
CA LEU B 1106 15.63 -11.06 33.74
C LEU B 1106 16.29 -11.38 35.07
N VAL B 1107 16.50 -10.34 35.88
CA VAL B 1107 17.08 -10.50 37.21
C VAL B 1107 16.07 -9.95 38.20
N PRO B 1108 15.03 -10.72 38.54
CA PRO B 1108 14.04 -10.24 39.50
C PRO B 1108 14.48 -10.44 40.93
N ALA B 1109 13.80 -9.72 41.83
CA ALA B 1109 13.91 -9.91 43.26
C ALA B 1109 12.63 -10.45 43.87
N THR B 1110 11.46 -10.01 43.39
CA THR B 1110 10.17 -10.38 43.94
C THR B 1110 9.28 -10.97 42.86
N GLU B 1111 8.27 -11.70 43.29
CA GLU B 1111 7.33 -12.30 42.34
C GLU B 1111 6.66 -11.23 41.48
N SER B 1112 6.12 -10.18 42.12
CA SER B 1112 5.50 -9.12 41.34
C SER B 1112 6.49 -8.47 40.39
N GLY B 1113 7.72 -8.23 40.86
CA GLY B 1113 8.75 -7.71 39.98
C GLY B 1113 8.98 -8.60 38.77
N LEU B 1114 9.03 -9.92 38.98
CA LEU B 1114 9.18 -10.84 37.86
C LEU B 1114 8.02 -10.71 36.89
N TYR B 1115 6.78 -10.63 37.40
CA TYR B 1115 5.63 -10.52 36.50
C TYR B 1115 5.70 -9.25 35.68
N HIS B 1116 6.11 -8.14 36.29
CA HIS B 1116 6.26 -6.88 35.56
C HIS B 1116 7.38 -6.97 34.53
N GLN B 1117 8.50 -7.59 34.88
CA GLN B 1117 9.59 -7.75 33.90
C GLN B 1117 9.14 -8.61 32.73
N LEU B 1118 8.45 -9.72 33.03
CA LEU B 1118 7.92 -10.59 31.98
C LEU B 1118 6.95 -9.83 31.08
N ALA B 1119 6.05 -9.03 31.67
CA ALA B 1119 5.11 -8.26 30.86
C ALA B 1119 5.83 -7.33 29.90
N ALA B 1120 6.85 -6.61 30.39
CA ALA B 1120 7.63 -5.72 29.54
C ALA B 1120 8.33 -6.48 28.41
N ALA B 1121 8.96 -7.61 28.74
CA ALA B 1121 9.73 -8.34 27.73
C ALA B 1121 8.81 -9.04 26.73
N LEU B 1122 7.73 -9.63 27.20
CA LEU B 1122 6.83 -10.35 26.29
C LEU B 1122 6.12 -9.36 25.37
N ALA B 1123 5.73 -8.20 25.91
CA ALA B 1123 5.00 -7.21 25.11
C ALA B 1123 5.80 -6.72 23.92
N THR B 1124 7.13 -6.75 24.03
CA THR B 1124 8.03 -6.32 22.97
C THR B 1124 8.59 -7.51 22.19
N GLY B 1125 7.95 -8.68 22.29
CA GLY B 1125 8.26 -9.80 21.42
C GLY B 1125 9.43 -10.69 21.83
N ASN B 1126 9.99 -10.47 23.01
CA ASN B 1126 11.23 -11.13 23.42
C ASN B 1126 10.96 -12.45 24.14
N SER B 1127 11.97 -13.32 24.10
CA SER B 1127 12.06 -14.42 25.05
C SER B 1127 12.87 -13.94 26.24
N VAL B 1128 12.91 -14.74 27.29
CA VAL B 1128 13.62 -14.34 28.51
C VAL B 1128 14.42 -15.51 29.06
N ALA B 1129 15.49 -15.15 29.77
CA ALA B 1129 16.19 -16.07 30.66
C ALA B 1129 16.13 -15.46 32.04
N ILE B 1130 15.49 -16.15 32.98
CA ILE B 1130 15.28 -15.63 34.32
C ILE B 1130 16.37 -16.15 35.23
N ASP B 1131 16.96 -15.27 36.01
CA ASP B 1131 17.99 -15.63 36.98
C ASP B 1131 17.46 -16.66 37.98
N ALA B 1132 18.02 -17.88 37.93
CA ALA B 1132 17.57 -18.94 38.83
C ALA B 1132 17.85 -18.60 40.30
N ALA B 1133 18.90 -17.82 40.56
CA ALA B 1133 19.22 -17.49 41.94
C ALA B 1133 18.13 -16.64 42.60
N SER B 1134 17.18 -16.11 41.82
CA SER B 1134 16.08 -15.37 42.43
C SER B 1134 15.19 -16.27 43.29
N GLY B 1135 15.21 -17.58 43.06
CA GLY B 1135 14.36 -18.47 43.82
C GLY B 1135 12.88 -18.36 43.52
N LEU B 1136 12.51 -17.77 42.38
CA LEU B 1136 11.12 -17.48 42.08
C LEU B 1136 10.48 -18.51 41.16
N GLN B 1137 11.07 -19.70 41.04
CA GLN B 1137 10.60 -20.69 40.08
C GLN B 1137 9.13 -21.05 40.32
N ALA B 1138 8.71 -21.13 41.59
CA ALA B 1138 7.34 -21.51 41.88
C ALA B 1138 6.33 -20.44 41.46
N SER B 1139 6.78 -19.23 41.16
CA SER B 1139 5.87 -18.17 40.74
C SER B 1139 5.34 -18.40 39.33
N LEU B 1140 5.98 -19.26 38.55
CA LEU B 1140 5.55 -19.55 37.19
C LEU B 1140 4.93 -20.95 37.08
N LYS B 1141 4.35 -21.44 38.16
CA LYS B 1141 3.64 -22.72 38.11
C LYS B 1141 2.41 -22.59 37.21
N ASN B 1142 2.25 -23.55 36.30
CA ASN B 1142 1.09 -23.66 35.43
C ASN B 1142 1.03 -22.55 34.38
N LEU B 1143 2.19 -22.07 33.94
CA LEU B 1143 2.23 -21.14 32.81
C LEU B 1143 1.62 -21.80 31.58
N PRO B 1144 0.87 -21.05 30.76
CA PRO B 1144 0.51 -21.57 29.45
C PRO B 1144 1.75 -21.96 28.67
N GLN B 1145 1.64 -23.04 27.90
CA GLN B 1145 2.77 -23.48 27.07
C GLN B 1145 3.24 -22.37 26.13
N THR B 1146 2.31 -21.53 25.67
CA THR B 1146 2.72 -20.43 24.79
C THR B 1146 3.69 -19.50 25.49
N VAL B 1147 3.47 -19.23 26.78
CA VAL B 1147 4.41 -18.37 27.49
C VAL B 1147 5.65 -19.16 27.89
N GLY B 1148 5.46 -20.42 28.28
CA GLY B 1148 6.59 -21.23 28.72
C GLY B 1148 7.64 -21.41 27.65
N LEU B 1149 7.23 -21.49 26.39
CA LEU B 1149 8.18 -21.65 25.30
C LEU B 1149 9.11 -20.46 25.19
N ARG B 1150 8.73 -19.30 25.72
CA ARG B 1150 9.58 -18.12 25.70
C ARG B 1150 10.41 -17.96 26.97
N VAL B 1151 10.29 -18.87 27.93
CA VAL B 1151 10.86 -18.71 29.26
C VAL B 1151 11.88 -19.79 29.49
N SER B 1152 13.09 -19.39 29.90
CA SER B 1152 14.08 -20.33 30.40
C SER B 1152 14.61 -19.78 31.72
N TRP B 1153 15.25 -20.65 32.49
CA TRP B 1153 15.88 -20.26 33.74
C TRP B 1153 17.38 -20.48 33.62
N SER B 1154 18.16 -19.50 34.06
CA SER B 1154 19.61 -19.56 33.91
C SER B 1154 20.28 -19.57 35.27
N LYS B 1155 21.11 -20.58 35.50
CA LYS B 1155 22.03 -20.63 36.62
C LYS B 1155 23.45 -20.25 36.19
N ASP B 1156 23.60 -19.68 35.00
CA ASP B 1156 24.93 -19.40 34.43
C ASP B 1156 24.71 -18.41 33.30
N TRP B 1157 24.70 -17.11 33.64
CA TRP B 1157 24.34 -16.09 32.67
C TRP B 1157 25.30 -16.07 31.49
N ALA B 1158 26.59 -16.24 31.76
CA ALA B 1158 27.55 -16.16 30.67
C ALA B 1158 27.45 -17.34 29.73
N ALA B 1159 27.14 -18.52 30.25
CA ALA B 1159 27.01 -19.68 29.37
C ALA B 1159 25.71 -19.66 28.58
N ASP B 1160 24.69 -18.97 29.06
CA ASP B 1160 23.35 -19.07 28.48
C ASP B 1160 23.03 -17.94 27.51
N GLY B 1161 23.95 -16.99 27.33
CA GLY B 1161 23.76 -15.91 26.40
C GLY B 1161 24.10 -16.35 24.99
N PRO B 1162 24.27 -15.38 24.07
CA PRO B 1162 24.17 -13.95 24.35
C PRO B 1162 22.73 -13.47 24.50
N PHE B 1163 22.57 -12.46 25.33
CA PHE B 1163 21.29 -11.80 25.52
C PHE B 1163 21.28 -10.52 24.71
N ALA B 1164 20.10 -9.88 24.66
CA ALA B 1164 19.95 -8.63 23.93
C ALA B 1164 19.52 -7.48 24.83
N GLY B 1165 19.57 -7.67 26.14
CA GLY B 1165 19.16 -6.64 27.08
C GLY B 1165 18.94 -7.28 28.43
N ALA B 1166 18.74 -6.44 29.44
CA ALA B 1166 18.52 -7.00 30.77
C ALA B 1166 17.58 -6.10 31.55
N LEU B 1167 16.73 -6.73 32.35
CA LEU B 1167 15.88 -6.03 33.31
C LEU B 1167 16.28 -6.51 34.70
N VAL B 1168 16.49 -5.57 35.61
CA VAL B 1168 17.00 -5.87 36.95
C VAL B 1168 16.08 -5.22 37.97
N GLU B 1169 15.79 -5.96 39.03
CA GLU B 1169 15.01 -5.46 40.17
C GLU B 1169 15.86 -5.60 41.43
N GLY B 1170 15.95 -4.55 42.21
CA GLY B 1170 16.64 -4.65 43.48
C GLY B 1170 16.98 -3.28 44.05
N ASP B 1171 17.57 -3.30 45.24
CA ASP B 1171 18.01 -2.05 45.82
C ASP B 1171 19.32 -1.62 45.17
N ALA B 1172 19.84 -0.47 45.60
CA ALA B 1172 21.00 0.13 44.93
C ALA B 1172 22.20 -0.81 44.91
N GLU B 1173 22.52 -1.43 46.04
CA GLU B 1173 23.70 -2.29 46.01
C GLU B 1173 23.45 -3.56 45.20
N ARG B 1174 22.22 -4.05 45.17
CA ARG B 1174 21.90 -5.18 44.31
C ARG B 1174 22.06 -4.80 42.85
N ILE B 1175 21.57 -3.61 42.50
CA ILE B 1175 21.68 -3.15 41.12
C ILE B 1175 23.15 -3.05 40.70
N ARG B 1176 24.01 -2.50 41.58
CA ARG B 1176 25.43 -2.38 41.23
C ARG B 1176 26.08 -3.74 41.02
N ALA B 1177 25.81 -4.69 41.93
CA ALA B 1177 26.42 -6.01 41.81
C ALA B 1177 26.00 -6.70 40.52
N VAL B 1178 24.71 -6.61 40.18
CA VAL B 1178 24.22 -7.21 38.95
C VAL B 1178 24.81 -6.51 37.74
N ASN B 1179 24.88 -5.18 37.79
CA ASN B 1179 25.42 -4.42 36.68
C ASN B 1179 26.87 -4.80 36.41
N LYS B 1180 27.65 -4.99 37.49
CA LYS B 1180 29.02 -5.44 37.34
C LYS B 1180 29.08 -6.82 36.72
N ALA B 1181 28.20 -7.74 37.16
CA ALA B 1181 28.20 -9.08 36.57
C ALA B 1181 27.80 -9.05 35.11
N ILE B 1182 26.84 -8.18 34.75
CA ILE B 1182 26.43 -8.08 33.37
C ILE B 1182 27.54 -7.51 32.49
N ALA B 1183 28.29 -6.53 33.02
CA ALA B 1183 29.40 -5.96 32.26
C ALA B 1183 30.49 -6.98 32.00
N ALA B 1184 30.60 -8.01 32.83
CA ALA B 1184 31.59 -9.07 32.67
C ALA B 1184 31.13 -10.19 31.76
N LEU B 1185 29.90 -10.14 31.25
CA LEU B 1185 29.46 -11.20 30.35
C LEU B 1185 30.18 -11.08 29.01
N PRO B 1186 30.55 -12.20 28.40
CA PRO B 1186 31.15 -12.13 27.05
C PRO B 1186 30.11 -11.72 26.02
N GLY B 1187 30.61 -11.25 24.89
CA GLY B 1187 29.77 -10.95 23.76
C GLY B 1187 29.27 -9.53 23.76
N PRO B 1188 28.01 -9.34 23.42
CA PRO B 1188 27.49 -7.97 23.25
C PRO B 1188 27.39 -7.24 24.58
N LEU B 1189 27.50 -5.93 24.50
CA LEU B 1189 27.22 -5.05 25.63
C LEU B 1189 25.71 -4.95 25.81
N LEU B 1190 25.21 -5.30 26.99
CA LEU B 1190 23.77 -5.35 27.21
C LEU B 1190 23.26 -3.98 27.64
N LEU B 1191 22.14 -3.57 27.05
CA LEU B 1191 21.37 -2.42 27.52
C LEU B 1191 20.56 -2.83 28.75
N VAL B 1192 20.98 -2.33 29.91
CA VAL B 1192 20.45 -2.72 31.21
C VAL B 1192 19.47 -1.68 31.71
N GLN B 1193 18.31 -2.13 32.19
CA GLN B 1193 17.35 -1.28 32.87
C GLN B 1193 17.11 -1.84 34.26
N ALA B 1194 17.17 -0.96 35.26
CA ALA B 1194 17.06 -1.37 36.66
C ALA B 1194 16.01 -0.54 37.35
N ALA B 1195 15.38 -1.15 38.36
CA ALA B 1195 14.35 -0.48 39.14
C ALA B 1195 14.29 -1.16 40.50
N SER B 1196 13.86 -0.40 41.50
CA SER B 1196 13.58 -0.99 42.79
C SER B 1196 12.19 -1.62 42.78
N SER B 1197 11.95 -2.53 43.72
CA SER B 1197 10.62 -3.08 43.90
C SER B 1197 9.60 -1.95 44.12
N GLY B 1198 9.98 -0.92 44.87
CA GLY B 1198 9.08 0.20 45.05
C GLY B 1198 8.79 0.94 43.76
N GLU B 1199 9.82 1.13 42.92
CA GLU B 1199 9.62 1.83 41.65
C GLU B 1199 8.70 1.05 40.73
N ILE B 1200 8.85 -0.28 40.69
CA ILE B 1200 7.97 -1.09 39.87
C ILE B 1200 6.51 -0.95 40.30
N ALA B 1201 6.29 -0.84 41.62
CA ALA B 1201 4.92 -0.68 42.13
C ALA B 1201 4.35 0.69 41.83
N ARG B 1202 5.18 1.73 41.91
CA ARG B 1202 4.73 3.11 41.81
C ARG B 1202 4.68 3.62 40.38
N ASN B 1203 5.63 3.20 39.54
CA ASN B 1203 5.81 3.81 38.22
C ASN B 1203 5.49 2.81 37.12
N PRO B 1204 4.41 2.99 36.37
CA PRO B 1204 4.11 2.07 35.26
C PRO B 1204 5.20 2.02 34.21
N ASP B 1205 6.03 3.04 34.09
CA ASP B 1205 7.12 3.07 33.12
C ASP B 1205 8.47 2.82 33.76
N ALA B 1206 8.50 2.11 34.89
CA ALA B 1206 9.78 1.79 35.52
C ALA B 1206 10.75 1.15 34.55
N TYR B 1207 10.25 0.26 33.69
CA TYR B 1207 11.02 -0.26 32.57
C TYR B 1207 10.46 0.32 31.28
N CYS B 1208 11.34 0.87 30.47
CA CYS B 1208 10.95 1.58 29.25
C CYS B 1208 10.93 0.59 28.09
N LEU B 1209 9.79 0.51 27.39
CA LEU B 1209 9.71 -0.43 26.28
C LEU B 1209 10.50 0.03 25.06
N ASN B 1210 10.94 1.29 25.01
CA ASN B 1210 11.74 1.76 23.89
C ASN B 1210 13.00 0.92 23.73
N TRP B 1211 13.58 0.45 24.86
CA TRP B 1211 14.87 -0.20 24.82
C TRP B 1211 14.74 -1.71 24.70
N LEU B 1212 13.52 -2.23 24.61
CA LEU B 1212 13.27 -3.66 24.52
C LEU B 1212 12.88 -4.08 23.10
N VAL B 1213 12.94 -3.16 22.14
CA VAL B 1213 12.78 -3.50 20.74
C VAL B 1213 14.08 -3.17 20.03
N GLU B 1214 14.27 -3.78 18.86
CA GLU B 1214 15.42 -3.51 18.02
C GLU B 1214 14.97 -2.75 16.78
N GLU B 1215 15.66 -1.65 16.48
CA GLU B 1215 15.38 -0.91 15.25
C GLU B 1215 16.12 -1.53 14.08
N VAL B 1216 15.43 -1.62 12.94
CA VAL B 1216 16.04 -2.07 11.70
C VAL B 1216 15.71 -1.09 10.60
N SER B 1217 16.74 -0.62 9.90
CA SER B 1217 16.61 0.26 8.75
C SER B 1217 16.90 -0.53 7.49
N ALA B 1218 16.07 -0.35 6.45
CA ALA B 1218 16.30 -0.99 5.17
C ALA B 1218 16.14 0.03 4.05
N SER B 1219 17.16 0.13 3.19
CA SER B 1219 17.14 1.06 2.07
C SER B 1219 17.16 0.27 0.79
N ILE B 1220 16.10 0.40 -0.02
CA ILE B 1220 15.95 -0.32 -1.27
C ILE B 1220 16.09 0.67 -2.42
N ASN B 1221 17.04 0.42 -3.32
CA ASN B 1221 17.19 1.21 -4.53
C ASN B 1221 16.13 0.75 -5.53
N THR B 1222 15.04 1.51 -5.64
CA THR B 1222 13.93 1.13 -6.51
C THR B 1222 14.16 1.57 -7.95
N ALA B 1223 15.31 2.17 -8.24
CA ALA B 1223 15.66 2.51 -9.62
C ALA B 1223 16.61 1.50 -10.20
N ALA B 1224 16.85 0.38 -9.50
CA ALA B 1224 17.93 -0.53 -9.90
C ALA B 1224 17.67 -1.16 -11.26
N ALA B 1225 16.42 -1.26 -11.68
CA ALA B 1225 16.16 -1.90 -12.98
C ALA B 1225 16.43 -0.97 -14.15
N GLY B 1226 16.82 0.27 -13.91
CA GLY B 1226 17.15 1.21 -14.96
C GLY B 1226 16.24 2.41 -15.06
N GLY B 1227 15.21 2.50 -14.22
CA GLY B 1227 14.35 3.66 -14.23
C GLY B 1227 13.49 3.64 -12.99
N ASN B 1228 12.66 4.68 -12.86
CA ASN B 1228 11.86 4.92 -11.66
C ASN B 1228 10.38 4.82 -12.03
N ALA B 1229 9.73 3.76 -11.54
CA ALA B 1229 8.31 3.54 -11.84
C ALA B 1229 7.45 4.72 -11.37
N SER B 1230 7.69 5.20 -10.14
CA SER B 1230 6.87 6.27 -9.57
C SER B 1230 6.92 7.53 -10.44
N LEU B 1231 8.11 7.89 -10.91
CA LEU B 1231 8.26 9.12 -11.70
C LEU B 1231 7.74 8.97 -13.12
N MET B 1232 7.45 7.75 -13.58
CA MET B 1232 6.79 7.60 -14.88
C MET B 1232 5.44 8.32 -14.90
N ALA B 1233 4.77 8.41 -13.75
CA ALA B 1233 3.47 9.06 -13.66
C ALA B 1233 3.54 10.54 -13.35
N ILE B 1234 4.74 11.11 -13.26
CA ILE B 1234 4.93 12.51 -12.91
C ILE B 1234 5.41 13.24 -14.16
N GLY B 1235 4.57 14.15 -14.67
CA GLY B 1235 4.90 14.96 -15.82
C GLY B 1235 4.42 16.39 -15.67
PA FAD C . -20.86 21.69 -4.94
O1A FAD C . -19.36 21.53 -4.59
O2A FAD C . -21.19 22.47 -6.11
O5B FAD C . -21.56 20.41 -5.22
C5B FAD C . -21.17 19.21 -4.54
C4B FAD C . -22.09 18.06 -4.94
O4B FAD C . -21.79 17.55 -6.21
C3B FAD C . -22.08 16.84 -4.04
O3B FAD C . -22.69 17.03 -2.81
C2B FAD C . -22.81 15.88 -4.91
O2B FAD C . -24.18 16.02 -4.86
C1B FAD C . -22.31 16.26 -6.27
N9A FAD C . -21.27 15.41 -6.76
C8A FAD C . -19.98 15.29 -6.26
N7A FAD C . -19.30 14.39 -6.99
C5A FAD C . -20.12 13.89 -7.98
C6A FAD C . -19.94 12.97 -8.99
N6A FAD C . -18.68 12.31 -9.16
N1A FAD C . -20.97 12.69 -9.81
C2A FAD C . -22.17 13.29 -9.69
N3A FAD C . -22.39 14.21 -8.71
C4A FAD C . -21.38 14.52 -7.85
N1 FAD C . -28.80 16.90 0.52
C2 FAD C . -29.82 15.93 0.24
O2 FAD C . -29.52 14.82 -0.42
N3 FAD C . -31.08 16.06 0.80
C4 FAD C . -31.40 17.19 1.48
O4 FAD C . -32.65 17.29 2.02
C4X FAD C . -30.48 18.36 1.49
N5 FAD C . -30.85 19.64 1.92
C5X FAD C . -29.93 20.68 1.85
C6 FAD C . -30.31 21.97 2.27
C7 FAD C . -29.40 23.03 2.20
C7M FAD C . -29.82 24.39 2.65
C8 FAD C . -28.12 22.82 1.71
C8M FAD C . -27.13 23.96 1.63
C9 FAD C . -27.73 21.55 1.28
C9A FAD C . -28.64 20.49 1.35
N10 FAD C . -28.24 19.20 0.91
C10 FAD C . -29.15 18.15 0.97
C1' FAD C . -26.86 18.97 0.43
C2' FAD C . -26.67 19.23 -1.04
O2' FAD C . -27.41 18.27 -1.68
C3' FAD C . -25.17 19.10 -1.39
O3' FAD C . -24.72 17.84 -1.03
C4' FAD C . -24.24 20.09 -0.72
O4' FAD C . -24.89 21.21 -0.23
C5' FAD C . -23.09 20.49 -1.64
O5' FAD C . -23.56 20.92 -2.91
P FAD C . -23.22 22.40 -3.49
O1P FAD C . -24.15 22.95 -4.64
O2P FAD C . -23.18 23.18 -2.14
O3P FAD C . -21.64 22.39 -3.86
N HYP D . -23.03 -17.33 0.07
CA HYP D . -24.13 -17.55 1.05
C HYP D . -23.92 -16.73 2.39
O HYP D . -24.97 -16.53 3.06
CB HYP D . -24.18 -19.06 1.30
CG HYP D . -22.88 -19.62 0.67
CD HYP D . -22.02 -18.36 0.39
OD1 HYP D . -23.21 -20.29 -0.53
OXT HYP D . -22.79 -16.32 2.70
C1 PGE E . 4.47 -14.10 7.49
O1 PGE E . 4.99 -13.31 6.46
C2 PGE E . 3.76 -15.32 6.90
O2 PGE E . 2.43 -15.37 7.36
C3 PGE E . 1.72 -16.46 6.88
C4 PGE E . 0.25 -16.08 6.67
O4 PGE E . -0.48 -12.02 5.55
C6 PGE E . -1.11 -13.11 4.94
C5 PGE E . -1.10 -14.33 5.87
O3 PGE E . 0.20 -14.86 5.98
C FMT F . -32.69 -1.90 -12.38
O1 FMT F . -31.69 -2.36 -12.97
O2 FMT F . -33.62 -1.30 -12.92
PA NAD G . -28.47 -32.14 5.83
O1A NAD G . -27.22 -32.64 6.48
O2A NAD G . -29.65 -32.53 6.66
O5B NAD G . -28.64 -32.75 4.30
C5B NAD G . -27.86 -32.24 3.22
C4B NAD G . -27.95 -33.32 2.09
O4B NAD G . -27.37 -34.70 2.67
C3B NAD G . -29.18 -33.57 1.71
O3B NAD G . -29.23 -33.62 0.21
C2B NAD G . -29.56 -34.94 2.32
O2B NAD G . -30.51 -35.57 1.55
C1B NAD G . -28.23 -35.67 2.35
N9A NAD G . -28.19 -36.65 3.41
C8A NAD G . -28.78 -36.83 4.58
N7A NAD G . -28.27 -37.97 5.09
C5A NAD G . -27.35 -38.47 4.23
C6A NAD G . -26.54 -39.60 4.28
N6A NAD G . -26.57 -40.53 5.43
N1A NAD G . -25.70 -39.86 3.27
C2A NAD G . -25.65 -39.02 2.19
N3A NAD G . -26.43 -37.92 2.13
C4A NAD G . -27.28 -37.65 3.18
O3 NAD G . -28.36 -30.50 5.75
PN NAD G . -29.54 -29.40 5.31
O1N NAD G . -30.67 -29.45 6.37
O2N NAD G . -30.06 -29.65 3.92
O5D NAD G . -28.83 -27.93 5.43
C5D NAD G . -28.58 -27.45 6.74
C4D NAD G . -27.13 -27.63 7.20
O4D NAD G . -26.16 -27.33 5.96
C3D NAD G . -26.80 -26.77 8.16
O3D NAD G . -25.97 -27.48 9.22
C2D NAD G . -25.97 -25.70 7.49
O2D NAD G . -25.08 -25.07 8.36
C1D NAD G . -25.23 -26.57 6.42
N1N NAD G . -24.75 -25.67 5.35
C2N NAD G . -23.39 -25.41 5.20
C3N NAD G . -23.01 -24.56 4.18
C7N NAD G . -21.50 -24.21 3.94
O7N NAD G . -21.17 -23.69 2.93
N7N NAD G . -20.52 -24.52 5.00
C4N NAD G . -23.94 -24.03 3.32
C5N NAD G . -25.28 -24.26 3.50
C6N NAD G . -25.67 -25.11 4.52
S SO4 H . -1.63 -14.58 -12.69
O1 SO4 H . -0.89 -14.49 -11.43
O2 SO4 H . -2.15 -13.25 -13.00
O3 SO4 H . -0.77 -15.04 -13.79
O4 SO4 H . -2.74 -15.51 -12.51
S SO4 I . -7.56 34.04 -11.69
O1 SO4 I . -7.45 33.28 -10.44
O2 SO4 I . -7.95 35.41 -11.38
O3 SO4 I . -6.27 34.04 -12.37
O4 SO4 I . -8.54 33.41 -12.57
S SO4 J . 5.13 -47.95 -5.18
O1 SO4 J . 5.47 -47.77 -3.76
O2 SO4 J . 4.17 -46.96 -5.62
O3 SO4 J . 6.36 -47.83 -5.98
O4 SO4 J . 4.55 -49.27 -5.36
S SO4 K . -16.54 -2.64 30.07
O1 SO4 K . -15.70 -1.46 30.20
O2 SO4 K . -17.28 -2.85 31.31
O3 SO4 K . -17.48 -2.45 28.97
O4 SO4 K . -15.70 -3.80 29.81
MG MG L . -31.74 -32.93 6.67
PA FAD M . 8.06 13.10 -25.78
O1A FAD M . 6.96 12.25 -25.14
O2A FAD M . 7.68 14.36 -26.40
O5B FAD M . 9.08 13.62 -24.82
C5B FAD M . 9.38 12.83 -23.66
C4B FAD M . 10.56 13.43 -22.92
O4B FAD M . 10.12 14.47 -22.09
C3B FAD M . 11.27 12.50 -21.99
O3B FAD M . 12.12 11.61 -22.63
C2B FAD M . 12.02 13.47 -21.15
O2B FAD M . 13.15 13.99 -21.77
C1B FAD M . 11.02 14.57 -21.02
N9A FAD M . 10.28 14.53 -19.78
C8A FAD M . 9.40 13.57 -19.35
N7A FAD M . 8.90 13.89 -18.15
C5A FAD M . 9.43 15.11 -17.76
C6A FAD M . 9.26 15.93 -16.66
N6A FAD M . 8.35 15.55 -15.61
N1A FAD M . 9.94 17.09 -16.59
C2A FAD M . 10.77 17.48 -17.58
N3A FAD M . 10.95 16.71 -18.69
C4A FAD M . 10.30 15.54 -18.79
N1 FAD M . 18.55 11.01 -25.32
C2 FAD M . 19.74 11.56 -24.72
O2 FAD M . 19.72 11.97 -23.45
N3 FAD M . 20.93 11.55 -25.40
C4 FAD M . 21.01 11.14 -26.71
O4 FAD M . 22.21 11.15 -27.36
C4X FAD M . 19.76 10.81 -27.44
N5 FAD M . 19.75 10.62 -28.81
C5X FAD M . 18.54 10.37 -29.45
C6 FAD M . 18.52 10.17 -30.83
C7 FAD M . 17.31 9.91 -31.47
C7M FAD M . 17.29 9.72 -32.96
C8 FAD M . 16.12 9.84 -30.76
C8M FAD M . 14.82 9.55 -31.43
C9 FAD M . 16.13 10.02 -29.37
C9A FAD M . 17.33 10.29 -28.73
N10 FAD M . 17.32 10.50 -27.33
C10 FAD M . 18.53 10.77 -26.68
C1' FAD M . 16.07 10.38 -26.55
C2' FAD M . 15.29 11.66 -26.43
O2' FAD M . 16.09 12.52 -25.71
C3' FAD M . 13.97 11.39 -25.68
O3' FAD M . 14.27 10.80 -24.47
C4' FAD M . 12.97 10.51 -26.40
O4' FAD M . 13.24 10.44 -27.75
C5' FAD M . 11.53 10.97 -26.13
O5' FAD M . 11.33 12.34 -26.45
P FAD M . 10.26 12.79 -27.58
O1P FAD M . 10.47 14.19 -28.25
O2P FAD M . 10.33 11.52 -28.49
O3P FAD M . 8.84 12.46 -26.91
N HYP N . 26.71 7.39 8.33
CA HYP N . 28.05 6.81 8.09
C HYP N . 27.97 5.56 7.13
O HYP N . 26.91 4.92 7.06
CB HYP N . 28.63 6.47 9.49
CG HYP N . 27.47 6.75 10.48
CD HYP N . 26.21 6.77 9.59
OD1 HYP N . 27.67 8.01 11.08
OXT HYP N . 29.02 5.29 6.50
C1 PGE O . 3.71 -9.22 13.68
O1 PGE O . 2.82 -8.43 12.95
C2 PGE O . 4.61 -8.33 14.53
O2 PGE O . 5.93 -8.46 14.08
C3 PGE O . 6.88 -7.76 14.85
C4 PGE O . 7.97 -7.22 13.93
O4 PGE O . 7.13 -5.78 9.61
C6 PGE O . 7.46 -5.23 10.86
C5 PGE O . 8.11 -6.30 11.75
O3 PGE O . 7.38 -6.44 12.93
C1 PEG P . 49.13 -12.57 16.99
O1 PEG P . 49.83 -11.36 16.81
C2 PEG P . 47.70 -12.28 17.47
O2 PEG P . 47.35 -10.94 17.19
C3 PEG P . 45.98 -10.70 17.14
C4 PEG P . 45.65 -9.73 15.99
O4 PEG P . 45.55 -8.41 16.45
PA NAD Q . 38.80 3.45 19.07
O1A NAD Q . 37.96 2.47 19.86
O2A NAD Q . 40.24 3.11 18.89
O5B NAD Q . 38.73 4.95 19.75
C5B NAD Q . 37.46 5.60 19.79
C4B NAD Q . 37.58 6.72 20.88
O4B NAD Q . 37.70 6.01 22.30
C3B NAD Q . 38.63 7.50 20.75
O3B NAD Q . 38.23 8.87 21.16
C2B NAD Q . 39.64 7.00 21.83
O2B NAD Q . 40.57 7.94 22.22
C1B NAD Q . 38.72 6.58 22.95
N9A NAD Q . 39.39 5.55 23.73
C8A NAD Q . 40.33 4.65 23.48
N7A NAD Q . 40.51 3.93 24.61
C5A NAD Q . 39.68 4.42 25.56
C6A NAD Q . 39.46 4.04 26.89
N6A NAD Q . 40.25 2.93 27.49
N1A NAD Q . 38.56 4.68 27.62
C2A NAD Q . 37.81 5.71 27.07
N3A NAD Q . 38.01 6.08 25.79
C4A NAD Q . 38.96 5.43 25.02
O3 NAD Q . 38.07 3.64 17.62
PN NAD Q . 38.58 4.48 16.28
O1N NAD Q . 39.89 3.85 15.78
O2N NAD Q . 38.71 5.97 16.59
O5D NAD Q . 37.41 4.17 15.19
C5D NAD Q . 37.34 2.90 14.54
C4D NAD Q . 36.36 1.92 15.21
O4D NAD Q . 35.00 2.70 15.47
C3D NAD Q . 36.02 0.87 14.43
O3D NAD Q . 35.82 -0.36 15.30
C2D NAD Q . 34.70 1.25 13.82
O2D NAD Q . 33.91 0.19 13.35
C1D NAD Q . 34.04 1.97 15.03
N1N NAD Q . 32.93 2.83 14.53
C2N NAD Q . 31.59 2.53 14.78
C3N NAD Q . 30.64 3.36 14.25
C7N NAD Q . 29.11 3.10 14.49
O7N NAD Q . 28.31 3.96 14.24
N7N NAD Q . 28.68 1.78 15.00
C4N NAD Q . 31.01 4.50 13.56
C5N NAD Q . 32.33 4.77 13.27
C6N NAD Q . 33.29 3.93 13.80
S SO4 R . 2.89 11.68 14.95
O1 SO4 R . 1.96 12.39 15.85
O2 SO4 R . 4.28 11.91 15.35
O3 SO4 R . 2.71 12.16 13.60
O4 SO4 R . 2.68 10.25 15.00
S SO4 S . 24.14 -12.51 -46.57
O1 SO4 S . 24.37 -11.07 -46.57
O2 SO4 S . 22.90 -12.81 -45.85
O3 SO4 S . 25.25 -13.20 -45.90
O4 SO4 S . 24.02 -12.98 -47.94
MG MG T . 42.24 3.69 18.82
#